data_8JT3
#
_entry.id   8JT3
#
_cell.length_a   123.849
_cell.length_b   113.280
_cell.length_c   157.681
_cell.angle_alpha   90.00
_cell.angle_beta   91.74
_cell.angle_gamma   90.00
#
_symmetry.space_group_name_H-M   'C 1 2 1'
#
loop_
_entity.id
_entity.type
_entity.pdbx_description
1 polymer CrmG
2 non-polymer (E)-N~2~-({3-hydroxy-2-methyl-5-[(phosphonooxy)methyl]pyridin-4-yl}methylidene)-L-arginine
3 non-polymer GLYCEROL
4 non-polymer 'ACETATE ION'
5 water water
#
_entity_poly.entity_id   1
_entity_poly.type   'polypeptide(L)'
_entity_poly.pdbx_seq_one_letter_code
;MTHPSGEPVYADAVLNGWLTSMGLGVEYVRAEGNTVYYLDDEGREVPVLDHACGFGSLIFGHNHPEIIAHAKAALDAGTV
VHAQLSRQPRANQISRILNDIMRRETGRDDRYNAIFANSGAEANEICMKHAELERQERITALFAEIDAELDTAREALTTG
TATLDTASLPLVGGGAGDVDGVIADIHRHNDERRAERPLFLTLDGSFHGKLVGSIQLTQNEPWRTPFTALSSPARFLPAD
EPELIGKIVEDERRSVLTLSLDKDTVRVVERDFPVVAAIFVEPVRGGSGMKTVTPELAEELHRLRDTLGCPLVVDEVQTG
IGRTGAFFGSALLGIRGDYYTLAKAIGGGIVKNSVALIRQDRFLPAMEVIHSSTFAKDGLSASIALKVLEMVEADGGRVY
QRVRERGQRLEAMLESVRADHSDVVSAVWGTGLMLALELRDQSNATSQAIREKAAHGFLGYVLAGFLLREHHIRVLPAGP
RSGFLRFSPSLYITDEEIDRTETALRSLFTALRDQDGDRLVLS
;
_entity_poly.pdbx_strand_id   A,C,B,D
#
loop_
_chem_comp.id
_chem_comp.type
_chem_comp.name
_chem_comp.formula
ACT non-polymer 'ACETATE ION' 'C2 H3 O2 -1'
EQJ non-polymer (E)-N~2~-({3-hydroxy-2-methyl-5-[(phosphonooxy)methyl]pyridin-4-yl}methylidene)-L-arginine 'C14 H22 N5 O7 P'
GOL non-polymer GLYCEROL 'C3 H8 O3'
#
# COMPACT_ATOMS: atom_id res chain seq x y z
N SER A 5 -35.57 9.91 27.59
CA SER A 5 -36.04 9.16 28.78
C SER A 5 -35.21 9.57 30.02
N GLY A 6 -35.04 8.68 31.02
CA GLY A 6 -34.26 8.91 32.26
C GLY A 6 -33.11 7.93 32.48
N GLU A 7 -32.65 7.24 31.44
CA GLU A 7 -31.59 6.20 31.56
C GLU A 7 -30.23 6.89 31.62
N PRO A 8 -29.23 6.26 32.24
CA PRO A 8 -27.88 6.82 32.29
C PRO A 8 -27.35 7.17 30.88
N VAL A 9 -26.79 8.36 30.76
CA VAL A 9 -26.11 8.86 29.54
C VAL A 9 -24.70 9.31 29.95
N TYR A 10 -23.70 9.14 29.07
CA TYR A 10 -22.28 9.30 29.45
C TYR A 10 -21.54 10.32 28.57
N ALA A 11 -22.17 10.77 27.47
CA ALA A 11 -21.69 11.83 26.57
C ALA A 11 -22.87 12.34 25.74
N ASP A 12 -22.85 13.60 25.36
CA ASP A 12 -23.58 14.12 24.18
C ASP A 12 -25.09 14.25 24.41
N ALA A 13 -25.57 14.16 25.65
CA ALA A 13 -27.03 14.24 25.91
C ALA A 13 -27.55 15.57 25.37
N VAL A 14 -26.91 16.69 25.76
CA VAL A 14 -27.35 18.06 25.39
C VAL A 14 -27.14 18.27 23.88
N LEU A 15 -25.98 17.87 23.37
CA LEU A 15 -25.64 18.01 21.94
C LEU A 15 -26.69 17.25 21.13
N ASN A 16 -27.01 16.02 21.50
CA ASN A 16 -27.97 15.16 20.77
C ASN A 16 -29.39 15.72 20.90
N GLY A 17 -29.82 16.11 22.11
CA GLY A 17 -31.11 16.82 22.32
C GLY A 17 -31.26 17.96 21.33
N TRP A 18 -30.23 18.78 21.27
CA TRP A 18 -30.24 19.99 20.42
C TRP A 18 -30.20 19.60 18.92
N LEU A 19 -29.35 18.70 18.47
CA LEU A 19 -29.33 18.24 17.05
C LEU A 19 -30.72 17.70 16.65
N THR A 20 -31.35 16.87 17.49
CA THR A 20 -32.68 16.28 17.20
C THR A 20 -33.70 17.41 16.94
N SER A 21 -33.74 18.44 17.78
CA SER A 21 -34.78 19.49 17.69
C SER A 21 -34.58 20.34 16.42
N MET A 22 -33.35 20.37 15.88
CA MET A 22 -33.00 21.10 14.63
C MET A 22 -33.31 20.27 13.38
N GLY A 23 -33.70 19.00 13.51
CA GLY A 23 -33.84 18.07 12.37
C GLY A 23 -32.51 17.45 11.93
N LEU A 24 -31.48 17.41 12.78
CA LEU A 24 -30.11 16.92 12.40
C LEU A 24 -29.74 15.70 13.23
N GLY A 25 -30.73 15.09 13.88
CA GLY A 25 -30.60 13.87 14.69
C GLY A 25 -30.50 12.63 13.81
N VAL A 26 -29.35 12.39 13.20
CA VAL A 26 -29.11 11.23 12.33
C VAL A 26 -27.73 10.65 12.69
N GLU A 27 -27.59 9.34 12.57
CA GLU A 27 -26.31 8.61 12.70
C GLU A 27 -25.90 8.15 11.31
N TYR A 28 -24.77 8.66 10.82
CA TYR A 28 -24.18 8.18 9.56
C TYR A 28 -23.38 6.90 9.87
N VAL A 29 -23.65 5.80 9.15
CA VAL A 29 -23.08 4.46 9.42
C VAL A 29 -21.95 4.17 8.45
N ARG A 30 -21.88 4.85 7.32
CA ARG A 30 -20.89 4.59 6.26
C ARG A 30 -20.75 5.85 5.42
N ALA A 31 -19.61 6.00 4.75
CA ALA A 31 -19.28 7.18 3.94
C ALA A 31 -18.35 6.77 2.79
N GLU A 32 -18.63 7.30 1.62
CA GLU A 32 -17.88 6.98 0.38
C GLU A 32 -17.97 8.22 -0.51
N GLY A 33 -16.83 8.78 -0.91
CA GLY A 33 -16.79 9.99 -1.75
C GLY A 33 -17.60 11.13 -1.12
N ASN A 34 -18.63 11.61 -1.79
CA ASN A 34 -19.43 12.77 -1.35
C ASN A 34 -20.70 12.26 -0.67
N THR A 35 -20.77 10.98 -0.33
CA THR A 35 -22.01 10.37 0.21
C THR A 35 -21.73 9.84 1.61
N VAL A 36 -22.62 10.21 2.55
CA VAL A 36 -22.77 9.56 3.87
C VAL A 36 -24.10 8.81 3.88
N TYR A 37 -24.18 7.73 4.62
CA TYR A 37 -25.38 6.85 4.64
C TYR A 37 -25.90 6.76 6.07
N TYR A 38 -27.20 6.92 6.26
CA TYR A 38 -27.90 6.57 7.52
C TYR A 38 -28.82 5.38 7.24
N LEU A 39 -29.33 4.73 8.30
CA LEU A 39 -30.27 3.58 8.18
C LEU A 39 -31.69 4.12 8.40
N ASP A 40 -32.62 3.82 7.47
CA ASP A 40 -34.09 4.04 7.67
C ASP A 40 -34.63 3.01 8.69
N ASP A 41 -35.92 3.08 9.01
CA ASP A 41 -36.59 2.24 10.03
C ASP A 41 -36.44 0.74 9.69
N GLU A 42 -36.33 0.41 8.39
CA GLU A 42 -36.24 -1.00 7.88
C GLU A 42 -34.77 -1.44 7.75
N GLY A 43 -33.78 -0.58 8.05
CA GLY A 43 -32.35 -0.94 8.10
C GLY A 43 -31.65 -0.84 6.75
N ARG A 44 -32.29 -0.23 5.77
CA ARG A 44 -31.70 0.07 4.44
C ARG A 44 -30.87 1.36 4.53
N GLU A 45 -29.74 1.39 3.84
CA GLU A 45 -28.86 2.58 3.73
C GLU A 45 -29.53 3.63 2.83
N VAL A 46 -29.64 4.86 3.34
CA VAL A 46 -30.16 6.05 2.60
C VAL A 46 -28.98 6.95 2.26
N PRO A 47 -28.67 7.18 0.98
CA PRO A 47 -27.55 8.04 0.63
C PRO A 47 -27.89 9.52 0.86
N VAL A 48 -26.96 10.25 1.48
CA VAL A 48 -27.04 11.72 1.71
C VAL A 48 -25.80 12.37 1.10
N LEU A 49 -26.00 13.39 0.28
CA LEU A 49 -24.92 14.24 -0.26
C LEU A 49 -24.34 15.12 0.85
N ASP A 50 -23.03 15.04 1.08
CA ASP A 50 -22.33 15.77 2.17
C ASP A 50 -21.68 17.04 1.59
N HIS A 51 -22.19 18.22 1.94
CA HIS A 51 -21.62 19.54 1.60
C HIS A 51 -20.76 20.06 2.78
N ALA A 52 -20.81 19.41 3.94
CA ALA A 52 -20.02 19.80 5.14
C ALA A 52 -18.60 19.20 5.01
N CYS A 53 -18.49 17.89 4.81
CA CYS A 53 -17.20 17.20 4.51
C CYS A 53 -16.13 17.58 5.54
N GLY A 54 -16.42 17.40 6.81
CA GLY A 54 -15.47 17.63 7.90
C GLY A 54 -15.03 19.08 7.96
N PHE A 55 -15.95 20.01 7.65
CA PHE A 55 -15.69 21.46 7.62
C PHE A 55 -14.52 21.71 6.67
N GLY A 56 -14.51 21.05 5.52
CA GLY A 56 -13.52 21.29 4.45
C GLY A 56 -12.27 20.43 4.61
N SER A 57 -12.36 19.35 5.39
CA SER A 57 -11.30 18.32 5.55
C SER A 57 -11.22 17.38 4.33
N LEU A 58 -12.28 17.24 3.52
CA LEU A 58 -12.41 16.09 2.57
C LEU A 58 -12.38 16.57 1.13
N ILE A 59 -11.29 17.24 0.76
CA ILE A 59 -11.09 17.69 -0.63
C ILE A 59 -11.20 16.47 -1.57
N PHE A 60 -10.81 15.27 -1.09
CA PHE A 60 -10.79 14.04 -1.92
C PHE A 60 -11.97 13.14 -1.55
N GLY A 61 -12.90 13.67 -0.76
CA GLY A 61 -14.08 12.93 -0.28
C GLY A 61 -13.79 12.04 0.93
N HIS A 62 -14.83 11.40 1.43
CA HIS A 62 -14.78 10.39 2.51
C HIS A 62 -14.04 9.15 2.00
N ASN A 63 -13.08 8.65 2.78
CA ASN A 63 -12.54 7.29 2.56
C ASN A 63 -12.15 7.10 1.08
N HIS A 64 -11.32 7.99 0.54
CA HIS A 64 -10.78 7.89 -0.82
C HIS A 64 -9.99 6.59 -0.93
N PRO A 65 -10.30 5.74 -1.95
CA PRO A 65 -9.74 4.40 -2.06
C PRO A 65 -8.20 4.40 -2.05
N GLU A 66 -7.59 5.40 -2.66
CA GLU A 66 -6.13 5.57 -2.74
C GLU A 66 -5.55 5.89 -1.35
N ILE A 67 -6.27 6.67 -0.56
CA ILE A 67 -5.83 7.05 0.80
C ILE A 67 -6.01 5.85 1.74
N ILE A 68 -7.14 5.16 1.65
CA ILE A 68 -7.43 3.96 2.48
C ILE A 68 -6.36 2.89 2.19
N ALA A 69 -6.08 2.66 0.91
CA ALA A 69 -5.08 1.65 0.50
C ALA A 69 -3.70 2.04 1.01
N HIS A 70 -3.30 3.29 0.90
CA HIS A 70 -1.99 3.78 1.41
C HIS A 70 -1.93 3.56 2.92
N ALA A 71 -2.98 3.93 3.62
CA ALA A 71 -3.01 3.79 5.09
C ALA A 71 -2.84 2.31 5.42
N LYS A 72 -3.59 1.41 4.77
CA LYS A 72 -3.48 -0.03 5.07
C LYS A 72 -2.06 -0.54 4.77
N ALA A 73 -1.45 -0.12 3.68
CA ALA A 73 -0.05 -0.50 3.30
C ALA A 73 0.94 -0.03 4.37
N ALA A 74 0.77 1.18 4.89
CA ALA A 74 1.65 1.73 5.95
C ALA A 74 1.49 0.92 7.22
N LEU A 75 0.29 0.47 7.54
CA LEU A 75 0.02 -0.31 8.78
C LEU A 75 0.68 -1.69 8.64
N ASP A 76 0.54 -2.30 7.46
CA ASP A 76 1.05 -3.67 7.18
C ASP A 76 2.57 -3.64 7.09
N ALA A 77 3.18 -2.53 6.67
CA ALA A 77 4.65 -2.36 6.60
C ALA A 77 5.27 -2.21 8.00
N GLY A 78 4.47 -2.09 9.05
CA GLY A 78 5.02 -1.91 10.40
C GLY A 78 5.63 -0.53 10.52
N THR A 79 4.95 0.47 9.97
CA THR A 79 5.39 1.89 10.11
C THR A 79 5.69 2.20 11.59
N VAL A 80 6.76 2.91 11.88
CA VAL A 80 7.10 3.41 13.24
C VAL A 80 6.29 4.67 13.48
N VAL A 81 5.22 4.53 14.26
CA VAL A 81 4.31 5.62 14.62
C VAL A 81 4.96 6.45 15.75
N HIS A 82 5.50 5.74 16.73
CA HIS A 82 6.18 6.28 17.95
C HIS A 82 7.69 6.06 17.87
N ALA A 83 8.38 7.06 17.38
CA ALA A 83 9.83 7.13 17.21
C ALA A 83 10.34 8.45 17.78
N GLN A 84 9.77 8.89 18.90
CA GLN A 84 10.13 10.19 19.54
C GLN A 84 11.64 10.21 19.78
N LEU A 85 12.24 11.38 19.55
CA LEU A 85 13.69 11.64 19.76
C LEU A 85 14.51 10.59 19.00
N SER A 86 14.17 10.39 17.73
CA SER A 86 14.98 9.66 16.74
C SER A 86 14.88 10.40 15.41
N ARG A 87 15.63 10.02 14.38
CA ARG A 87 15.58 10.73 13.06
C ARG A 87 14.29 10.32 12.34
N GLN A 88 13.47 11.31 11.99
CA GLN A 88 12.25 11.13 11.18
C GLN A 88 12.39 12.00 9.94
N PRO A 89 13.14 11.55 8.93
CA PRO A 89 13.32 12.32 7.71
C PRO A 89 12.01 12.71 6.98
N ARG A 90 10.90 12.03 7.26
CA ARG A 90 9.63 12.32 6.53
C ARG A 90 9.14 13.74 6.87
N ALA A 91 9.42 14.24 8.06
CA ALA A 91 9.05 15.62 8.46
C ALA A 91 9.73 16.62 7.51
N ASN A 92 11.04 16.45 7.31
CA ASN A 92 11.89 17.26 6.40
C ASN A 92 11.37 17.14 4.96
N GLN A 93 10.95 15.94 4.60
CA GLN A 93 10.51 15.60 3.23
C GLN A 93 9.18 16.32 2.97
N ILE A 94 8.25 16.29 3.92
CA ILE A 94 6.95 17.01 3.83
C ILE A 94 7.22 18.52 3.72
N SER A 95 8.09 19.07 4.57
CA SER A 95 8.36 20.53 4.63
C SER A 95 8.98 20.95 3.30
N ARG A 96 9.88 20.15 2.76
CA ARG A 96 10.50 20.38 1.43
C ARG A 96 9.41 20.52 0.36
N ILE A 97 8.47 19.59 0.28
CA ILE A 97 7.40 19.61 -0.75
C ILE A 97 6.62 20.92 -0.56
N LEU A 98 6.30 21.28 0.69
CA LEU A 98 5.41 22.44 0.95
C LEU A 98 6.16 23.73 0.56
N ASN A 99 7.45 23.81 0.88
CA ASN A 99 8.40 24.88 0.45
C ASN A 99 8.41 25.01 -1.08
N ASP A 100 8.56 23.92 -1.85
CA ASP A 100 8.62 23.91 -3.34
C ASP A 100 7.28 24.44 -3.86
N ILE A 101 6.17 23.96 -3.31
CA ILE A 101 4.82 24.41 -3.74
C ILE A 101 4.68 25.92 -3.48
N MET A 102 5.09 26.40 -2.33
CA MET A 102 4.88 27.84 -1.97
C MET A 102 5.74 28.71 -2.91
N ARG A 103 6.96 28.29 -3.23
CA ARG A 103 7.85 29.01 -4.18
C ARG A 103 7.17 29.09 -5.54
N ARG A 104 6.60 27.96 -6.02
CA ARG A 104 5.91 27.94 -7.34
C ARG A 104 4.75 28.95 -7.36
N GLU A 105 3.93 28.99 -6.31
CA GLU A 105 2.65 29.73 -6.35
C GLU A 105 2.91 31.20 -6.02
N THR A 106 4.00 31.56 -5.33
CA THR A 106 4.23 32.97 -4.91
C THR A 106 5.35 33.61 -5.74
N GLY A 107 6.16 32.78 -6.40
CA GLY A 107 7.39 33.22 -7.09
C GLY A 107 8.45 33.68 -6.12
N ARG A 108 8.21 33.63 -4.80
CA ARG A 108 9.22 33.98 -3.77
C ARG A 108 10.05 32.71 -3.49
N ASP A 109 11.36 32.88 -3.40
CA ASP A 109 12.35 31.83 -3.09
C ASP A 109 12.64 31.95 -1.59
N ASP A 110 11.60 31.76 -0.80
CA ASP A 110 11.62 31.83 0.68
C ASP A 110 11.70 30.40 1.21
N ARG A 111 12.37 30.20 2.34
CA ARG A 111 12.43 28.88 2.98
C ARG A 111 11.71 28.93 4.33
N TYR A 112 11.08 27.81 4.69
CA TYR A 112 10.25 27.67 5.92
C TYR A 112 10.65 26.40 6.68
N ASN A 113 10.81 26.48 8.00
CA ASN A 113 10.89 25.31 8.90
C ASN A 113 9.49 24.84 9.23
N ALA A 114 9.34 23.53 9.40
CA ALA A 114 8.10 22.85 9.78
C ALA A 114 8.20 22.34 11.22
N ILE A 115 7.16 22.63 11.98
CA ILE A 115 6.85 22.00 13.28
C ILE A 115 5.46 21.37 13.09
N PHE A 116 5.34 20.08 13.38
CA PHE A 116 4.07 19.34 13.26
C PHE A 116 3.26 19.34 14.57
N ALA A 117 1.95 19.15 14.44
CA ALA A 117 1.05 18.95 15.60
C ALA A 117 -0.15 18.09 15.23
N ASN A 118 -1.19 18.13 16.06
CA ASN A 118 -2.28 17.12 16.05
C ASN A 118 -3.60 17.75 15.64
N SER A 119 -3.67 19.08 15.57
CA SER A 119 -4.90 19.81 15.17
C SER A 119 -4.58 21.21 14.66
N GLY A 120 -5.57 21.84 14.02
CA GLY A 120 -5.46 23.21 13.54
C GLY A 120 -5.11 24.15 14.69
N ALA A 121 -5.77 23.99 15.80
CA ALA A 121 -5.55 24.87 16.97
C ALA A 121 -4.11 24.69 17.47
N GLU A 122 -3.62 23.47 17.57
CA GLU A 122 -2.22 23.21 18.04
C GLU A 122 -1.23 23.90 17.09
N ALA A 123 -1.48 23.92 15.80
CA ALA A 123 -0.58 24.54 14.82
C ALA A 123 -0.59 26.07 15.03
N ASN A 124 -1.77 26.65 15.24
CA ASN A 124 -1.91 28.09 15.52
C ASN A 124 -1.20 28.41 16.85
N GLU A 125 -1.22 27.52 17.83
CA GLU A 125 -0.58 27.79 19.14
C GLU A 125 0.96 27.64 19.07
N ILE A 126 1.45 26.76 18.23
CA ILE A 126 2.92 26.73 17.93
C ILE A 126 3.34 28.13 17.38
N CYS A 127 2.50 28.72 16.51
CA CYS A 127 2.73 30.07 15.94
C CYS A 127 2.65 31.13 17.06
N MET A 128 1.62 31.07 17.91
CA MET A 128 1.49 32.01 19.06
C MET A 128 2.76 31.91 19.93
N LYS A 129 3.21 30.70 20.21
CA LYS A 129 4.41 30.45 21.07
C LYS A 129 5.66 31.02 20.38
N HIS A 130 5.89 30.67 19.13
CA HIS A 130 7.06 31.19 18.37
C HIS A 130 6.98 32.72 18.27
N ALA A 131 5.80 33.29 18.02
CA ALA A 131 5.64 34.76 17.94
C ALA A 131 6.10 35.38 19.25
N GLU A 132 5.75 34.74 20.37
CA GLU A 132 6.11 35.25 21.71
C GLU A 132 7.61 35.08 21.92
N LEU A 133 8.27 34.05 21.35
CA LEU A 133 9.76 33.92 21.46
C LEU A 133 10.40 35.14 20.78
N GLU A 134 9.89 35.51 19.60
CA GLU A 134 10.39 36.66 18.80
C GLU A 134 10.20 37.96 19.63
N ARG A 135 9.03 38.09 20.27
CA ARG A 135 8.69 39.27 21.11
C ARG A 135 9.67 39.33 22.30
N GLN A 136 10.00 38.20 22.92
CA GLN A 136 10.95 38.19 24.06
C GLN A 136 12.36 38.56 23.58
N GLU A 137 12.75 38.20 22.35
CA GLU A 137 14.05 38.63 21.75
C GLU A 137 14.05 40.16 21.61
N ARG A 138 12.96 40.75 21.10
CA ARG A 138 12.91 42.21 20.84
C ARG A 138 13.00 42.93 22.18
N ILE A 139 12.27 42.44 23.18
CA ILE A 139 12.23 42.98 24.56
C ILE A 139 13.63 42.94 25.19
N THR A 140 14.33 41.82 25.14
CA THR A 140 15.70 41.68 25.69
C THR A 140 16.59 42.77 25.07
N ALA A 141 16.53 42.92 23.73
CA ALA A 141 17.30 43.90 22.94
C ALA A 141 16.99 45.32 23.44
N LEU A 142 15.70 45.68 23.53
CA LEU A 142 15.19 47.00 24.00
C LEU A 142 15.71 47.30 25.40
N PHE A 143 15.62 46.35 26.33
CA PHE A 143 15.98 46.49 27.76
C PHE A 143 17.49 46.58 27.90
N ALA A 144 18.27 45.85 27.11
CA ALA A 144 19.75 46.01 27.06
C ALA A 144 20.10 47.45 26.65
N GLU A 145 19.46 47.99 25.62
CA GLU A 145 19.71 49.37 25.12
C GLU A 145 19.37 50.38 26.22
N ILE A 146 18.26 50.13 26.92
CA ILE A 146 17.73 51.05 27.99
C ILE A 146 18.74 51.11 29.14
N ASP A 147 19.27 49.96 29.57
CA ASP A 147 20.34 49.83 30.60
C ASP A 147 21.55 50.70 30.19
N ALA A 148 22.08 50.52 28.97
CA ALA A 148 23.17 51.34 28.39
C ALA A 148 22.82 52.84 28.37
N GLU A 149 21.61 53.23 27.95
CA GLU A 149 21.14 54.64 27.94
C GLU A 149 21.08 55.17 29.38
N LEU A 150 20.74 54.32 30.35
CA LEU A 150 20.56 54.72 31.77
C LEU A 150 21.94 54.94 32.37
N ASP A 151 22.88 54.02 32.13
CA ASP A 151 24.31 54.12 32.53
C ASP A 151 24.91 55.42 31.99
N THR A 152 24.75 55.71 30.69
CA THR A 152 25.29 56.93 30.02
C THR A 152 24.73 58.18 30.68
N ALA A 153 23.41 58.29 30.84
CA ALA A 153 22.75 59.43 31.50
C ALA A 153 23.23 59.60 32.95
N ARG A 154 23.53 58.50 33.66
CA ARG A 154 23.96 58.50 35.08
C ARG A 154 25.40 59.02 35.19
N GLU A 155 26.25 58.70 34.20
CA GLU A 155 27.62 59.26 34.02
C GLU A 155 27.50 60.79 33.95
N ALA A 156 26.70 61.31 33.01
CA ALA A 156 26.64 62.75 32.69
C ALA A 156 26.04 63.54 33.87
N LEU A 157 25.26 62.89 34.74
CA LEU A 157 24.55 63.61 35.83
C LEU A 157 25.41 63.61 37.10
N THR A 158 26.24 62.58 37.33
CA THR A 158 27.16 62.48 38.50
C THR A 158 28.47 63.23 38.18
N THR A 159 29.27 62.76 37.20
CA THR A 159 30.42 63.49 36.59
C THR A 159 30.18 65.01 36.61
N GLY A 160 28.97 65.44 36.22
CA GLY A 160 28.50 66.83 36.30
C GLY A 160 28.36 67.49 34.94
N THR A 161 28.62 66.77 33.83
CA THR A 161 28.62 67.34 32.46
C THR A 161 27.18 67.72 32.02
N ALA A 162 26.13 67.26 32.72
CA ALA A 162 24.72 67.50 32.29
C ALA A 162 23.78 67.66 33.49
N THR A 163 22.64 68.30 33.23
CA THR A 163 21.55 68.62 34.19
C THR A 163 20.26 67.86 33.80
N LEU A 164 19.60 67.24 34.78
CA LEU A 164 18.24 66.65 34.63
C LEU A 164 17.24 67.77 34.33
N ASP A 165 16.44 67.66 33.26
CA ASP A 165 15.34 68.61 32.95
C ASP A 165 14.07 68.18 33.70
N THR A 166 13.61 69.00 34.65
CA THR A 166 12.49 68.67 35.59
C THR A 166 11.12 68.75 34.89
N ALA A 167 11.03 69.23 33.65
CA ALA A 167 9.78 69.23 32.85
C ALA A 167 9.36 67.79 32.47
N SER A 168 10.32 66.84 32.47
CA SER A 168 10.17 65.43 32.03
C SER A 168 9.76 64.52 33.21
N LEU A 169 9.89 65.02 34.45
CA LEU A 169 9.67 64.25 35.71
C LEU A 169 8.21 63.85 35.90
N PRO A 170 7.18 64.52 35.31
CA PRO A 170 5.81 64.00 35.39
C PRO A 170 5.65 62.57 34.80
N LEU A 171 6.69 62.02 34.19
CA LEU A 171 6.76 60.57 33.80
C LEU A 171 7.40 59.82 34.99
N ASP A 178 16.10 63.71 41.43
CA ASP A 178 17.08 62.85 42.15
C ASP A 178 17.45 61.63 41.28
N VAL A 179 18.73 61.52 40.89
CA VAL A 179 19.29 60.53 39.93
C VAL A 179 18.79 59.12 40.28
N ASP A 180 19.32 58.50 41.35
CA ASP A 180 19.10 57.08 41.71
C ASP A 180 17.60 56.78 41.83
N GLY A 181 16.82 57.69 42.43
CA GLY A 181 15.38 57.51 42.65
C GLY A 181 14.62 57.48 41.34
N VAL A 182 14.97 58.37 40.41
CA VAL A 182 14.31 58.46 39.07
C VAL A 182 14.59 57.17 38.30
N ILE A 183 15.79 56.60 38.42
CA ILE A 183 16.20 55.36 37.69
C ILE A 183 15.47 54.16 38.27
N ALA A 184 15.31 54.08 39.59
CA ALA A 184 14.58 52.99 40.27
C ALA A 184 13.09 53.07 39.89
N ASP A 185 12.51 54.28 39.78
CA ASP A 185 11.09 54.49 39.36
C ASP A 185 10.90 54.05 37.89
N ILE A 186 11.93 54.22 37.07
CA ILE A 186 11.99 53.76 35.65
C ILE A 186 12.04 52.23 35.59
N HIS A 187 12.96 51.61 36.33
CA HIS A 187 13.10 50.13 36.40
C HIS A 187 11.79 49.48 36.85
N ARG A 188 11.08 50.10 37.81
CA ARG A 188 9.81 49.56 38.35
C ARG A 188 8.76 49.62 37.25
N HIS A 189 8.54 50.81 36.68
CA HIS A 189 7.61 51.06 35.54
C HIS A 189 7.86 50.05 34.41
N ASN A 190 9.13 49.87 34.04
CA ASN A 190 9.54 49.02 32.89
C ASN A 190 9.26 47.55 33.22
N ASP A 191 9.53 47.11 34.46
CA ASP A 191 9.34 45.72 34.91
C ASP A 191 7.84 45.38 34.92
N GLU A 192 7.00 46.31 35.32
CA GLU A 192 5.52 46.14 35.26
C GLU A 192 5.13 45.87 33.82
N ARG A 193 5.55 46.77 32.91
CA ARG A 193 5.25 46.67 31.47
C ARG A 193 5.70 45.30 30.92
N ARG A 194 6.91 44.87 31.29
CA ARG A 194 7.54 43.66 30.71
C ARG A 194 6.69 42.42 31.03
N ALA A 195 6.05 42.38 32.19
CA ALA A 195 5.29 41.20 32.70
C ALA A 195 3.85 41.21 32.16
N GLU A 196 3.38 42.32 31.54
CA GLU A 196 2.00 42.41 31.02
C GLU A 196 1.84 41.40 29.89
N ARG A 197 0.64 40.89 29.73
CA ARG A 197 0.28 39.93 28.67
C ARG A 197 0.37 40.67 27.33
N PRO A 198 0.84 40.03 26.24
CA PRO A 198 0.81 40.67 24.93
C PRO A 198 -0.61 40.66 24.35
N LEU A 199 -0.77 41.28 23.20
CA LEU A 199 -2.04 41.26 22.43
C LEU A 199 -1.82 40.46 21.15
N PHE A 200 -2.87 39.84 20.62
CA PHE A 200 -2.83 39.32 19.24
C PHE A 200 -3.80 40.19 18.46
N LEU A 201 -3.58 40.39 17.17
CA LEU A 201 -4.57 41.04 16.27
C LEU A 201 -5.16 39.97 15.37
N THR A 202 -6.50 39.97 15.30
CA THR A 202 -7.27 39.12 14.37
C THR A 202 -8.21 40.05 13.61
N LEU A 203 -8.92 39.49 12.65
CA LEU A 203 -10.07 40.13 11.97
C LEU A 203 -11.36 39.80 12.74
N ASP A 204 -12.40 40.62 12.59
CA ASP A 204 -13.73 40.34 13.15
C ASP A 204 -14.23 39.04 12.49
N GLY A 205 -14.94 38.20 13.24
CA GLY A 205 -15.46 36.92 12.72
C GLY A 205 -14.38 35.86 12.69
N SER A 206 -13.16 36.16 13.17
CA SER A 206 -11.98 35.25 13.04
C SER A 206 -12.31 33.92 13.71
N PHE A 207 -11.84 32.81 13.14
CA PHE A 207 -11.85 31.48 13.80
C PHE A 207 -10.46 30.84 13.66
N HIS A 208 -9.79 30.61 14.79
CA HIS A 208 -8.41 30.10 14.86
C HIS A 208 -8.29 28.93 15.85
N GLY A 209 -9.40 28.38 16.31
CA GLY A 209 -9.47 27.21 17.21
C GLY A 209 -10.00 27.58 18.58
N LYS A 210 -10.07 26.58 19.47
CA LYS A 210 -10.86 26.66 20.72
C LYS A 210 -10.08 26.10 21.90
N LEU A 211 -8.75 26.06 21.86
CA LEU A 211 -7.95 25.70 23.06
C LEU A 211 -7.74 26.96 23.92
N VAL A 212 -7.06 26.83 25.05
CA VAL A 212 -6.99 27.95 26.04
C VAL A 212 -6.45 29.21 25.36
N GLY A 213 -5.36 29.07 24.60
CA GLY A 213 -4.72 30.20 23.89
C GLY A 213 -5.54 30.63 22.68
N SER A 214 -5.84 29.67 21.79
CA SER A 214 -6.43 29.97 20.47
C SER A 214 -7.86 30.49 20.62
N ILE A 215 -8.58 30.13 21.70
CA ILE A 215 -10.01 30.56 21.85
C ILE A 215 -10.07 32.09 21.90
N GLN A 216 -9.05 32.72 22.48
CA GLN A 216 -9.06 34.19 22.59
C GLN A 216 -9.00 34.79 21.18
N LEU A 217 -8.57 34.03 20.17
CA LEU A 217 -8.36 34.54 18.78
C LEU A 217 -9.63 34.29 17.94
N THR A 218 -10.67 33.72 18.56
CA THR A 218 -11.94 33.35 17.91
C THR A 218 -13.03 34.32 18.39
N GLN A 219 -13.61 35.07 17.46
CA GLN A 219 -14.63 36.12 17.74
C GLN A 219 -15.84 35.53 18.50
N ASN A 220 -16.47 34.48 17.94
CA ASN A 220 -17.77 33.92 18.38
C ASN A 220 -17.92 34.06 19.91
N GLU A 221 -18.82 34.92 20.36
CA GLU A 221 -18.85 35.47 21.75
C GLU A 221 -19.18 34.40 22.80
N PRO A 222 -20.19 33.53 22.57
CA PRO A 222 -20.49 32.45 23.51
C PRO A 222 -19.35 31.41 23.64
N TRP A 223 -18.57 31.22 22.58
CA TRP A 223 -17.43 30.25 22.54
C TRP A 223 -16.25 30.82 23.36
N ARG A 224 -16.10 32.14 23.40
CA ARG A 224 -14.86 32.79 23.87
C ARG A 224 -15.06 33.46 25.24
N THR A 225 -16.10 34.26 25.42
CA THR A 225 -16.16 35.26 26.54
C THR A 225 -16.18 34.57 27.91
N PRO A 226 -16.65 33.32 28.08
CA PRO A 226 -16.51 32.62 29.36
C PRO A 226 -15.05 32.40 29.83
N PHE A 227 -14.09 32.51 28.89
CA PHE A 227 -12.67 32.08 29.05
C PHE A 227 -11.69 33.27 29.02
N THR A 228 -12.21 34.50 28.93
CA THR A 228 -11.46 35.76 28.75
C THR A 228 -10.29 35.86 29.72
N ALA A 229 -10.47 35.46 30.98
CA ALA A 229 -9.48 35.67 32.05
C ALA A 229 -8.26 34.76 31.85
N LEU A 230 -8.37 33.70 31.05
CA LEU A 230 -7.33 32.61 31.05
C LEU A 230 -6.04 33.03 30.35
N SER A 231 -6.16 33.78 29.25
CA SER A 231 -5.12 33.87 28.22
C SER A 231 -5.15 35.25 27.54
N SER A 232 -4.04 35.61 26.88
CA SER A 232 -3.83 36.86 26.14
C SER A 232 -5.01 37.07 25.18
N PRO A 233 -5.57 38.30 25.14
CA PRO A 233 -6.68 38.57 24.26
C PRO A 233 -6.18 39.00 22.88
N ALA A 234 -7.14 39.09 21.97
CA ALA A 234 -6.99 39.59 20.61
C ALA A 234 -7.78 40.90 20.51
N ARG A 235 -7.40 41.77 19.60
CA ARG A 235 -8.28 42.87 19.14
C ARG A 235 -8.75 42.48 17.75
N PHE A 236 -10.07 42.48 17.61
CA PHE A 236 -10.78 42.01 16.40
C PHE A 236 -10.92 43.23 15.49
N LEU A 237 -10.07 43.32 14.49
CA LEU A 237 -10.01 44.51 13.61
C LEU A 237 -11.16 44.41 12.64
N PRO A 238 -11.82 45.53 12.31
CA PRO A 238 -12.94 45.51 11.37
C PRO A 238 -12.45 45.41 9.92
N ALA A 239 -12.65 44.26 9.28
CA ALA A 239 -12.13 43.91 7.94
C ALA A 239 -12.75 44.82 6.88
N ASP A 240 -14.02 45.21 7.06
CA ASP A 240 -14.83 45.95 6.03
C ASP A 240 -14.45 47.43 6.06
N GLU A 241 -14.05 47.95 7.23
CA GLU A 241 -13.79 49.37 7.53
C GLU A 241 -12.31 49.58 7.89
N PRO A 242 -11.33 49.22 7.03
CA PRO A 242 -9.92 49.21 7.39
C PRO A 242 -9.23 50.58 7.52
N GLU A 243 -9.99 51.67 7.56
CA GLU A 243 -9.45 53.03 7.88
C GLU A 243 -9.41 53.16 9.42
N LEU A 244 -10.27 52.40 10.12
CA LEU A 244 -10.39 52.39 11.60
C LEU A 244 -9.33 51.47 12.25
N ILE A 245 -8.67 50.60 11.50
CA ILE A 245 -7.66 49.62 12.03
C ILE A 245 -6.45 50.39 12.60
N GLY A 246 -5.94 51.35 11.83
CA GLY A 246 -4.79 52.18 12.22
C GLY A 246 -4.96 52.75 13.60
N LYS A 247 -6.14 53.31 13.89
CA LYS A 247 -6.38 54.07 15.15
C LYS A 247 -6.56 53.06 16.29
N ILE A 248 -7.21 51.93 16.01
CA ILE A 248 -7.37 50.87 17.03
C ILE A 248 -6.00 50.36 17.46
N VAL A 249 -5.07 50.16 16.53
CA VAL A 249 -3.73 49.57 16.85
C VAL A 249 -2.91 50.65 17.56
N GLU A 250 -3.04 51.90 17.09
CA GLU A 250 -2.43 53.11 17.73
C GLU A 250 -2.84 53.22 19.20
N ASP A 251 -4.12 53.05 19.57
CA ASP A 251 -4.57 53.05 21.00
C ASP A 251 -3.88 51.95 21.82
N GLU A 252 -3.40 50.88 21.20
CA GLU A 252 -2.72 49.77 21.93
C GLU A 252 -1.20 50.03 22.07
N ARG A 253 -0.68 51.16 21.58
CA ARG A 253 0.73 51.52 21.81
C ARG A 253 0.95 51.59 23.33
N ARG A 254 2.08 51.06 23.79
CA ARG A 254 2.53 51.17 25.19
C ARG A 254 4.02 51.51 25.15
N SER A 255 4.47 52.15 26.23
CA SER A 255 5.78 52.82 26.40
C SER A 255 6.49 52.16 27.55
N VAL A 256 7.80 52.00 27.40
CA VAL A 256 8.77 51.95 28.52
C VAL A 256 9.48 53.32 28.61
N LEU A 257 10.13 53.55 29.73
CA LEU A 257 10.80 54.83 30.02
C LEU A 257 12.30 54.58 29.89
N THR A 258 13.03 55.61 29.46
CA THR A 258 14.51 55.64 29.53
C THR A 258 14.96 57.09 29.82
N LEU A 259 16.27 57.25 30.01
CA LEU A 259 16.95 58.56 30.05
C LEU A 259 17.63 58.85 28.71
N SER A 260 17.32 59.98 28.10
CA SER A 260 17.89 60.49 26.83
C SER A 260 18.90 61.62 27.09
N LEU A 261 20.19 61.39 26.82
CA LEU A 261 21.30 62.39 26.91
C LEU A 261 21.47 63.11 25.57
N ASP A 262 21.14 64.41 25.49
CA ASP A 262 21.41 65.29 24.31
C ASP A 262 22.26 66.49 24.78
N LYS A 263 23.58 66.42 24.51
CA LYS A 263 24.61 67.41 24.91
C LYS A 263 24.68 67.49 26.43
N ASP A 264 23.96 68.44 27.07
CA ASP A 264 24.09 68.76 28.53
C ASP A 264 22.73 68.69 29.25
N THR A 265 21.68 68.29 28.56
CA THR A 265 20.33 68.07 29.13
C THR A 265 20.00 66.57 29.08
N VAL A 266 19.62 65.99 30.23
CA VAL A 266 19.05 64.61 30.33
C VAL A 266 17.54 64.73 30.54
N ARG A 267 16.76 63.94 29.78
CA ARG A 267 15.28 63.87 29.87
C ARG A 267 14.83 62.41 30.09
N VAL A 268 13.80 62.24 30.93
CA VAL A 268 12.92 61.03 30.95
C VAL A 268 12.10 61.06 29.65
N VAL A 269 12.14 59.98 28.87
CA VAL A 269 11.35 59.86 27.61
C VAL A 269 10.70 58.48 27.54
N GLU A 270 9.56 58.45 26.87
CA GLU A 270 8.85 57.23 26.42
C GLU A 270 9.55 56.64 25.19
N ARG A 271 9.78 55.32 25.18
CA ARG A 271 10.11 54.54 23.97
C ARG A 271 9.06 53.44 23.73
N ASP A 272 8.95 52.96 22.49
CA ASP A 272 7.89 52.00 22.11
C ASP A 272 8.22 50.65 22.73
N PHE A 273 7.19 49.99 23.27
CA PHE A 273 7.27 48.62 23.79
C PHE A 273 6.53 47.70 22.83
N PRO A 274 7.13 46.54 22.47
CA PRO A 274 6.46 45.56 21.61
C PRO A 274 5.35 44.82 22.38
N VAL A 275 4.09 45.25 22.16
CA VAL A 275 2.88 44.71 22.83
C VAL A 275 2.27 43.60 21.95
N VAL A 276 2.24 43.75 20.63
CA VAL A 276 1.53 42.82 19.72
C VAL A 276 2.44 41.63 19.38
N ALA A 277 2.11 40.41 19.85
CA ALA A 277 2.88 39.17 19.57
C ALA A 277 2.73 38.74 18.11
N ALA A 278 1.53 38.84 17.53
CA ALA A 278 1.26 38.36 16.15
C ALA A 278 -0.05 38.93 15.61
N ILE A 279 -0.16 39.01 14.30
CA ILE A 279 -1.41 39.23 13.54
C ILE A 279 -1.79 37.89 12.94
N PHE A 280 -3.04 37.43 13.13
CA PHE A 280 -3.58 36.21 12.45
C PHE A 280 -4.57 36.63 11.36
N VAL A 281 -4.60 35.86 10.27
CA VAL A 281 -5.58 36.06 9.16
C VAL A 281 -5.87 34.72 8.49
N GLU A 282 -7.15 34.50 8.21
CA GLU A 282 -7.63 33.44 7.29
C GLU A 282 -7.82 34.04 5.90
N PRO A 283 -7.25 33.44 4.83
CA PRO A 283 -7.44 33.97 3.49
C PRO A 283 -8.92 34.04 3.08
N VAL A 284 -9.68 33.05 3.52
CA VAL A 284 -11.15 32.97 3.36
C VAL A 284 -11.68 32.77 4.76
N ARG A 285 -12.56 33.65 5.19
CA ARG A 285 -12.86 33.88 6.62
C ARG A 285 -14.03 32.98 7.01
N GLY A 286 -13.73 31.76 7.46
CA GLY A 286 -14.67 30.71 7.88
C GLY A 286 -15.72 31.22 8.83
N GLY A 287 -15.30 31.84 9.96
CA GLY A 287 -16.23 32.34 10.99
C GLY A 287 -17.06 33.53 10.52
N SER A 288 -16.77 34.06 9.33
CA SER A 288 -17.39 35.28 8.75
C SER A 288 -18.33 34.92 7.59
N GLY A 289 -18.54 33.63 7.30
CA GLY A 289 -19.37 33.15 6.18
C GLY A 289 -18.58 33.06 4.89
N MET A 290 -17.29 32.69 4.95
CA MET A 290 -16.41 32.38 3.78
C MET A 290 -16.09 33.65 2.98
N LYS A 291 -15.97 34.81 3.63
CA LYS A 291 -15.56 36.06 2.92
C LYS A 291 -14.05 35.99 2.63
N THR A 292 -13.68 36.21 1.38
CA THR A 292 -12.27 36.34 0.95
C THR A 292 -11.73 37.70 1.46
N VAL A 293 -10.52 37.70 1.97
CA VAL A 293 -9.68 38.88 2.25
C VAL A 293 -9.52 39.66 0.95
N THR A 294 -9.96 40.91 0.91
CA THR A 294 -9.87 41.87 -0.22
C THR A 294 -8.43 42.35 -0.35
N PRO A 295 -7.97 42.83 -1.53
CA PRO A 295 -6.62 43.38 -1.65
C PRO A 295 -6.32 44.55 -0.68
N GLU A 296 -7.28 45.43 -0.44
CA GLU A 296 -7.23 46.58 0.51
C GLU A 296 -6.94 46.07 1.92
N LEU A 297 -7.62 45.03 2.36
CA LEU A 297 -7.36 44.50 3.72
C LEU A 297 -5.98 43.81 3.80
N ALA A 298 -5.58 43.08 2.76
CA ALA A 298 -4.26 42.43 2.67
C ALA A 298 -3.17 43.51 2.81
N GLU A 299 -3.34 44.63 2.10
CA GLU A 299 -2.32 45.71 2.13
C GLU A 299 -2.30 46.27 3.56
N GLU A 300 -3.45 46.37 4.24
CA GLU A 300 -3.47 46.92 5.62
C GLU A 300 -2.75 45.96 6.59
N LEU A 301 -2.89 44.63 6.43
CA LEU A 301 -2.22 43.63 7.31
C LEU A 301 -0.71 43.64 7.04
N HIS A 302 -0.29 43.75 5.78
CA HIS A 302 1.14 43.96 5.39
C HIS A 302 1.70 45.20 6.11
N ARG A 303 1.00 46.33 6.05
CA ARG A 303 1.43 47.60 6.70
C ARG A 303 1.63 47.35 8.20
N LEU A 304 0.65 46.72 8.87
CA LEU A 304 0.68 46.49 10.32
C LEU A 304 1.87 45.60 10.69
N ARG A 305 2.12 44.54 9.92
CA ARG A 305 3.25 43.61 10.13
C ARG A 305 4.57 44.36 9.97
N ASP A 306 4.73 45.16 8.89
CA ASP A 306 5.96 46.00 8.63
C ASP A 306 6.10 47.01 9.77
N THR A 307 4.99 47.59 10.24
CA THR A 307 5.03 48.66 11.27
C THR A 307 5.38 48.11 12.65
N LEU A 308 4.76 47.00 13.10
CA LEU A 308 4.87 46.50 14.52
C LEU A 308 6.07 45.57 14.64
N GLY A 309 6.46 44.91 13.53
CA GLY A 309 7.61 44.01 13.46
C GLY A 309 7.30 42.64 14.08
N CYS A 310 6.02 42.37 14.37
CA CYS A 310 5.52 41.02 14.77
C CYS A 310 5.20 40.24 13.50
N PRO A 311 5.22 38.89 13.53
CA PRO A 311 4.87 38.12 12.33
C PRO A 311 3.37 38.18 12.00
N LEU A 312 3.07 38.10 10.71
CA LEU A 312 1.70 37.90 10.17
C LEU A 312 1.54 36.39 9.96
N VAL A 313 0.62 35.77 10.71
CA VAL A 313 0.40 34.31 10.67
C VAL A 313 -0.82 34.07 9.78
N VAL A 314 -0.64 33.32 8.70
CA VAL A 314 -1.72 32.94 7.75
C VAL A 314 -2.23 31.54 8.12
N ASP A 315 -3.45 31.50 8.66
CA ASP A 315 -4.17 30.28 9.05
C ASP A 315 -4.81 29.71 7.77
N GLU A 316 -4.18 28.69 7.18
CA GLU A 316 -4.71 27.93 6.02
C GLU A 316 -5.14 26.53 6.48
N VAL A 317 -5.48 26.42 7.76
CA VAL A 317 -6.09 25.19 8.31
C VAL A 317 -7.26 24.77 7.42
N GLN A 318 -8.10 25.71 6.97
CA GLN A 318 -9.29 25.38 6.13
C GLN A 318 -9.04 25.69 4.64
N THR A 319 -8.31 26.76 4.31
CA THR A 319 -8.12 27.20 2.90
C THR A 319 -6.99 26.44 2.18
N GLY A 320 -6.14 25.70 2.90
CA GLY A 320 -5.00 24.95 2.33
C GLY A 320 -5.34 23.63 1.61
N ILE A 321 -4.32 23.04 1.00
CA ILE A 321 -4.35 21.77 0.25
C ILE A 321 -5.47 21.85 -0.79
N GLY A 322 -5.60 23.00 -1.49
CA GLY A 322 -6.24 23.02 -2.81
C GLY A 322 -7.67 23.52 -2.79
N ARG A 323 -8.25 23.67 -1.61
CA ARG A 323 -9.66 24.09 -1.44
C ARG A 323 -10.00 25.31 -2.33
N THR A 324 -9.08 26.28 -2.45
CA THR A 324 -9.42 27.59 -3.08
C THR A 324 -9.12 27.57 -4.58
N GLY A 325 -8.46 26.53 -5.10
CA GLY A 325 -8.07 26.44 -6.51
C GLY A 325 -6.58 26.66 -6.69
N ALA A 326 -5.89 26.96 -5.59
CA ALA A 326 -4.43 26.86 -5.45
C ALA A 326 -4.15 26.02 -4.22
N PHE A 327 -2.90 25.59 -4.00
CA PHE A 327 -2.55 24.86 -2.77
C PHE A 327 -2.77 25.80 -1.58
N PHE A 328 -2.16 26.99 -1.64
CA PHE A 328 -2.27 28.07 -0.65
C PHE A 328 -3.22 29.16 -1.16
N GLY A 329 -4.29 29.41 -0.41
CA GLY A 329 -5.22 30.52 -0.66
C GLY A 329 -4.54 31.88 -0.47
N SER A 330 -3.58 31.97 0.45
CA SER A 330 -2.67 33.13 0.63
C SER A 330 -1.93 33.50 -0.68
N ALA A 331 -1.48 32.51 -1.46
CA ALA A 331 -0.77 32.72 -2.73
C ALA A 331 -1.76 33.29 -3.75
N LEU A 332 -2.95 32.70 -3.80
CA LEU A 332 -4.05 33.11 -4.70
C LEU A 332 -4.43 34.57 -4.41
N LEU A 333 -4.58 34.96 -3.16
CA LEU A 333 -5.10 36.32 -2.78
C LEU A 333 -3.98 37.32 -2.47
N GLY A 334 -2.69 36.99 -2.70
CA GLY A 334 -1.54 37.87 -2.41
C GLY A 334 -1.41 38.24 -0.94
N ILE A 335 -1.63 37.30 0.01
CA ILE A 335 -1.29 37.53 1.45
C ILE A 335 0.13 37.01 1.71
N ARG A 336 1.04 37.90 2.10
CA ARG A 336 2.49 37.61 2.22
C ARG A 336 2.77 37.39 3.69
N GLY A 337 2.60 36.14 4.14
CA GLY A 337 2.76 35.78 5.56
C GLY A 337 4.19 35.50 5.95
N ASP A 338 4.46 35.54 7.25
CA ASP A 338 5.72 35.09 7.88
C ASP A 338 5.62 33.61 8.30
N TYR A 339 4.47 33.23 8.86
CA TYR A 339 4.13 31.87 9.35
C TYR A 339 2.86 31.44 8.65
N TYR A 340 2.74 30.16 8.38
CA TYR A 340 1.55 29.53 7.76
C TYR A 340 1.16 28.30 8.57
N THR A 341 -0.14 28.01 8.69
CA THR A 341 -0.61 26.77 9.35
C THR A 341 -1.49 26.01 8.37
N LEU A 342 -1.34 24.70 8.39
CA LEU A 342 -2.18 23.76 7.61
C LEU A 342 -2.68 22.68 8.57
N ALA A 343 -3.85 22.11 8.26
CA ALA A 343 -4.39 20.94 8.99
C ALA A 343 -5.38 20.13 8.12
N LYS A 344 -6.61 20.55 7.97
CA LYS A 344 -7.77 19.69 7.64
C LYS A 344 -7.43 18.59 6.60
N ALA A 345 -7.23 18.89 5.32
CA ALA A 345 -7.12 17.85 4.27
C ALA A 345 -5.84 17.01 4.38
N ILE A 346 -4.86 17.41 5.20
CA ILE A 346 -3.51 16.77 5.21
C ILE A 346 -3.55 15.37 5.85
N GLY A 347 -4.58 15.08 6.65
CA GLY A 347 -4.84 13.76 7.23
C GLY A 347 -5.55 12.81 6.27
N GLY A 348 -5.79 13.21 5.02
CA GLY A 348 -6.45 12.40 3.99
C GLY A 348 -7.89 12.05 4.33
N GLY A 349 -8.50 12.77 5.29
CA GLY A 349 -9.83 12.48 5.80
C GLY A 349 -9.86 11.27 6.72
N ILE A 350 -8.67 10.73 7.11
CA ILE A 350 -8.65 9.54 8.00
C ILE A 350 -7.81 9.78 9.26
N VAL A 351 -6.73 10.56 9.23
CA VAL A 351 -5.87 10.73 10.44
C VAL A 351 -5.74 12.22 10.77
N LYS A 352 -5.05 12.52 11.85
CA LYS A 352 -4.95 13.87 12.45
C LYS A 352 -3.51 14.35 12.41
N ASN A 353 -3.32 15.50 11.80
CA ASN A 353 -1.99 16.05 11.48
C ASN A 353 -2.13 17.54 11.18
N SER A 354 -1.10 18.32 11.53
CA SER A 354 -1.09 19.78 11.28
C SER A 354 0.38 20.24 11.27
N VAL A 355 0.61 21.41 10.72
CA VAL A 355 2.00 21.90 10.50
C VAL A 355 1.95 23.41 10.58
N ALA A 356 2.96 23.97 11.23
CA ALA A 356 3.30 25.39 11.24
C ALA A 356 4.53 25.49 10.36
N LEU A 357 4.47 26.35 9.34
CA LEU A 357 5.64 26.77 8.55
C LEU A 357 6.06 28.17 9.05
N ILE A 358 7.31 28.29 9.51
CA ILE A 358 7.89 29.57 10.06
C ILE A 358 9.10 29.97 9.21
N ARG A 359 9.14 31.21 8.70
CA ARG A 359 10.17 31.62 7.71
C ARG A 359 11.53 31.41 8.40
N GLN A 360 12.46 30.76 7.71
CA GLN A 360 13.76 30.36 8.31
C GLN A 360 14.56 31.56 8.82
N ASP A 361 14.46 32.73 8.20
CA ASP A 361 15.25 33.88 8.69
C ASP A 361 14.60 34.48 9.96
N ARG A 362 13.42 34.02 10.39
CA ARG A 362 12.83 34.44 11.69
C ARG A 362 12.88 33.28 12.70
N PHE A 363 13.11 32.05 12.26
CA PHE A 363 12.96 30.84 13.07
C PHE A 363 14.04 30.76 14.16
N LEU A 364 13.60 30.62 15.43
CA LEU A 364 14.49 30.57 16.62
C LEU A 364 14.72 29.11 16.93
N PRO A 365 15.97 28.63 16.78
CA PRO A 365 16.26 27.19 16.84
C PRO A 365 15.89 26.56 18.19
N ALA A 366 15.78 27.34 19.27
CA ALA A 366 15.32 26.85 20.57
C ALA A 366 13.96 26.17 20.41
N MET A 367 13.11 26.68 19.52
CA MET A 367 11.75 26.15 19.28
C MET A 367 11.83 24.65 18.94
N GLU A 368 12.90 24.19 18.28
CA GLU A 368 12.99 22.79 17.80
C GLU A 368 13.22 21.84 18.97
N VAL A 369 13.74 22.34 20.10
CA VAL A 369 14.07 21.50 21.29
C VAL A 369 13.19 21.83 22.50
N ILE A 370 12.60 23.03 22.60
CA ILE A 370 11.73 23.35 23.78
C ILE A 370 10.26 23.06 23.48
N HIS A 371 9.85 22.97 22.23
CA HIS A 371 8.49 22.54 21.85
C HIS A 371 8.51 21.05 21.48
N SER A 372 7.48 20.32 21.89
CA SER A 372 7.25 18.91 21.51
C SER A 372 5.81 18.51 21.92
N SER A 373 5.42 17.30 21.55
CA SER A 373 4.07 16.70 21.64
C SER A 373 4.28 15.20 21.44
N THR A 374 3.61 14.34 22.20
CA THR A 374 3.77 12.88 22.10
C THR A 374 3.46 12.43 20.67
N PHE A 375 2.31 12.86 20.14
CA PHE A 375 1.71 12.28 18.91
C PHE A 375 2.20 13.00 17.65
N ALA A 376 2.78 14.17 17.75
CA ALA A 376 3.20 14.99 16.57
C ALA A 376 4.36 14.31 15.83
N LYS A 377 4.33 14.42 14.50
CA LYS A 377 5.37 13.84 13.64
C LYS A 377 5.28 12.31 13.67
N ASP A 378 4.17 11.70 14.07
CA ASP A 378 3.99 10.23 14.07
C ASP A 378 4.15 9.69 12.63
N GLY A 379 4.62 8.45 12.52
CA GLY A 379 4.96 7.85 11.22
C GLY A 379 3.75 7.64 10.33
N LEU A 380 2.58 7.31 10.88
CA LEU A 380 1.39 6.98 10.08
C LEU A 380 0.88 8.27 9.41
N SER A 381 0.63 9.35 10.14
CA SER A 381 0.11 10.59 9.54
C SER A 381 1.19 11.22 8.63
N ALA A 382 2.48 11.01 8.92
CA ALA A 382 3.60 11.45 8.03
C ALA A 382 3.52 10.79 6.65
N SER A 383 3.35 9.46 6.62
CA SER A 383 3.16 8.66 5.38
C SER A 383 1.95 9.17 4.57
N ILE A 384 0.81 9.32 5.27
CA ILE A 384 -0.47 9.74 4.65
C ILE A 384 -0.35 11.18 4.14
N ALA A 385 0.32 12.06 4.88
CA ALA A 385 0.64 13.43 4.38
C ALA A 385 1.35 13.33 3.03
N LEU A 386 2.39 12.51 2.92
CA LEU A 386 3.21 12.44 1.68
C LEU A 386 2.31 11.92 0.56
N LYS A 387 1.34 11.06 0.86
CA LYS A 387 0.40 10.53 -0.16
C LYS A 387 -0.53 11.65 -0.60
N VAL A 388 -1.11 12.37 0.36
CA VAL A 388 -2.05 13.48 0.07
C VAL A 388 -1.34 14.52 -0.82
N LEU A 389 -0.08 14.84 -0.54
CA LEU A 389 0.72 15.84 -1.30
C LEU A 389 1.02 15.29 -2.70
N GLU A 390 1.33 14.02 -2.84
CA GLU A 390 1.49 13.37 -4.16
C GLU A 390 0.17 13.54 -4.94
N MET A 391 -0.99 13.25 -4.34
CA MET A 391 -2.28 13.26 -5.06
C MET A 391 -2.61 14.68 -5.52
N VAL A 392 -2.41 15.68 -4.68
CA VAL A 392 -2.87 17.06 -4.97
C VAL A 392 -1.93 17.69 -5.99
N GLU A 393 -0.68 17.22 -6.07
CA GLU A 393 0.37 17.67 -7.02
C GLU A 393 0.37 16.89 -8.34
N ALA A 394 -0.30 15.76 -8.45
CA ALA A 394 -0.18 14.83 -9.61
C ALA A 394 -0.62 15.54 -10.90
N ASP A 395 -0.03 15.15 -12.03
CA ASP A 395 -0.48 15.45 -13.41
C ASP A 395 -0.36 16.96 -13.64
N GLY A 396 0.77 17.52 -13.27
CA GLY A 396 1.12 18.94 -13.47
C GLY A 396 0.07 19.88 -12.92
N GLY A 397 -0.57 19.53 -11.80
CA GLY A 397 -1.50 20.37 -11.04
C GLY A 397 -2.89 20.38 -11.63
N ARG A 398 -3.35 19.26 -12.20
CA ARG A 398 -4.72 19.17 -12.80
C ARG A 398 -5.75 19.15 -11.67
N VAL A 399 -5.35 18.75 -10.46
CA VAL A 399 -6.28 18.70 -9.30
C VAL A 399 -6.72 20.13 -8.99
N TYR A 400 -5.83 21.11 -8.99
CA TYR A 400 -6.18 22.52 -8.71
C TYR A 400 -7.16 23.01 -9.78
N GLN A 401 -6.90 22.65 -11.05
CA GLN A 401 -7.77 22.97 -12.21
C GLN A 401 -9.15 22.34 -11.99
N ARG A 402 -9.21 21.14 -11.46
CA ARG A 402 -10.49 20.44 -11.19
C ARG A 402 -11.25 21.22 -10.11
N VAL A 403 -10.58 21.66 -9.06
CA VAL A 403 -11.21 22.47 -7.96
C VAL A 403 -11.77 23.77 -8.55
N ARG A 404 -10.96 24.50 -9.31
CA ARG A 404 -11.37 25.78 -9.95
C ARG A 404 -12.63 25.53 -10.78
N GLU A 405 -12.64 24.45 -11.59
CA GLU A 405 -13.75 24.17 -12.55
C GLU A 405 -14.98 23.70 -11.76
N ARG A 406 -14.82 22.82 -10.77
CA ARG A 406 -15.95 22.40 -9.88
C ARG A 406 -16.46 23.60 -9.06
N GLY A 407 -15.56 24.45 -8.51
CA GLY A 407 -15.93 25.66 -7.77
C GLY A 407 -16.80 26.61 -8.60
N GLN A 408 -16.39 26.87 -9.84
CA GLN A 408 -17.11 27.78 -10.78
C GLN A 408 -18.52 27.23 -10.99
N ARG A 409 -18.65 25.94 -11.28
CA ARG A 409 -19.95 25.27 -11.52
C ARG A 409 -20.83 25.48 -10.28
N LEU A 410 -20.29 25.25 -9.06
CA LEU A 410 -21.07 25.27 -7.79
C LEU A 410 -21.41 26.72 -7.46
N GLU A 411 -20.44 27.64 -7.56
CA GLU A 411 -20.66 29.09 -7.34
C GLU A 411 -21.78 29.58 -8.30
N ALA A 412 -21.68 29.31 -9.61
CA ALA A 412 -22.69 29.73 -10.62
C ALA A 412 -24.08 29.24 -10.23
N MET A 413 -24.18 28.00 -9.74
CA MET A 413 -25.48 27.44 -9.31
C MET A 413 -25.97 28.25 -8.11
N LEU A 414 -25.09 28.58 -7.16
CA LEU A 414 -25.54 29.26 -5.91
C LEU A 414 -25.99 30.70 -6.26
N GLU A 415 -25.30 31.31 -7.23
CA GLU A 415 -25.59 32.66 -7.80
C GLU A 415 -26.94 32.62 -8.51
N SER A 416 -27.18 31.59 -9.31
CA SER A 416 -28.47 31.41 -10.03
C SER A 416 -29.60 31.29 -9.01
N VAL A 417 -29.35 30.67 -7.85
CA VAL A 417 -30.38 30.51 -6.79
C VAL A 417 -30.57 31.86 -6.09
N ARG A 418 -29.49 32.55 -5.76
CA ARG A 418 -29.59 33.88 -5.09
C ARG A 418 -30.44 34.83 -5.94
N ALA A 419 -30.16 34.90 -7.25
CA ALA A 419 -30.78 35.83 -8.22
C ALA A 419 -32.32 35.67 -8.19
N ASP A 420 -32.86 34.45 -7.99
CA ASP A 420 -34.30 34.12 -7.97
C ASP A 420 -34.82 34.06 -6.52
N HIS A 421 -33.96 34.22 -5.53
CA HIS A 421 -34.32 34.07 -4.09
C HIS A 421 -33.66 35.16 -3.22
N SER A 422 -33.42 36.33 -3.82
CA SER A 422 -32.77 37.51 -3.20
C SER A 422 -33.59 38.06 -2.04
N ASP A 423 -34.85 37.66 -1.89
CA ASP A 423 -35.69 38.06 -0.73
C ASP A 423 -35.22 37.37 0.55
N VAL A 424 -34.57 36.20 0.46
CA VAL A 424 -34.10 35.44 1.67
C VAL A 424 -32.60 35.14 1.61
N VAL A 425 -31.96 35.30 0.45
CA VAL A 425 -30.50 35.12 0.24
C VAL A 425 -29.88 36.49 -0.10
N SER A 426 -28.97 36.97 0.75
CA SER A 426 -28.33 38.31 0.60
C SER A 426 -27.01 38.24 -0.19
N ALA A 427 -26.32 37.09 -0.26
CA ALA A 427 -25.03 36.97 -0.99
C ALA A 427 -24.53 35.52 -1.10
N VAL A 428 -23.63 35.34 -2.07
CA VAL A 428 -22.68 34.20 -2.24
C VAL A 428 -21.27 34.69 -1.93
N TRP A 429 -20.57 34.01 -1.03
CA TRP A 429 -19.19 34.32 -0.59
C TRP A 429 -18.30 33.11 -0.83
N GLY A 430 -17.01 33.35 -1.04
CA GLY A 430 -15.94 32.35 -1.01
C GLY A 430 -15.29 32.17 -2.36
N THR A 431 -14.47 31.16 -2.50
CA THR A 431 -13.70 30.93 -3.73
C THR A 431 -13.35 29.44 -3.78
N GLY A 432 -13.08 28.95 -4.99
CA GLY A 432 -12.84 27.53 -5.24
C GLY A 432 -14.01 26.71 -4.72
N LEU A 433 -13.75 25.73 -3.86
CA LEU A 433 -14.83 24.87 -3.32
C LEU A 433 -15.03 25.19 -1.84
N MET A 434 -14.86 26.46 -1.48
CA MET A 434 -15.13 26.95 -0.12
C MET A 434 -16.11 28.12 -0.25
N LEU A 435 -17.39 27.79 -0.34
CA LEU A 435 -18.48 28.73 -0.68
C LEU A 435 -19.54 28.73 0.42
N ALA A 436 -20.39 29.77 0.46
CA ALA A 436 -21.50 29.90 1.43
C ALA A 436 -22.58 30.82 0.83
N LEU A 437 -23.84 30.57 1.21
CA LEU A 437 -24.96 31.51 0.99
C LEU A 437 -25.11 32.31 2.28
N GLU A 438 -25.27 33.62 2.19
CA GLU A 438 -25.66 34.46 3.36
C GLU A 438 -27.19 34.51 3.38
N LEU A 439 -27.81 34.15 4.51
CA LEU A 439 -29.26 34.27 4.76
C LEU A 439 -29.58 35.68 5.28
N ARG A 440 -30.61 36.31 4.69
CA ARG A 440 -31.24 37.54 5.23
C ARG A 440 -31.80 37.23 6.62
N ASP A 441 -31.73 38.23 7.49
CA ASP A 441 -32.23 38.19 8.88
C ASP A 441 -33.70 37.78 8.82
N GLN A 442 -34.10 36.84 9.67
CA GLN A 442 -35.51 36.37 9.76
C GLN A 442 -36.03 36.67 11.17
N SER A 443 -35.45 37.63 11.87
CA SER A 443 -35.89 37.97 13.25
C SER A 443 -37.28 38.63 13.21
N ASN A 444 -37.74 39.20 12.08
CA ASN A 444 -39.09 39.82 11.93
C ASN A 444 -40.00 38.93 11.09
N ALA A 445 -39.78 37.62 11.13
CA ALA A 445 -40.50 36.63 10.29
C ALA A 445 -41.94 36.56 10.76
N THR A 446 -42.88 36.52 9.81
CA THR A 446 -44.34 36.34 10.02
C THR A 446 -44.53 35.16 10.97
N SER A 447 -44.04 33.99 10.58
CA SER A 447 -44.15 32.70 11.31
C SER A 447 -43.45 32.84 12.66
N GLN A 448 -44.16 32.56 13.75
CA GLN A 448 -43.62 32.56 15.13
C GLN A 448 -42.45 31.59 15.20
N ALA A 449 -42.61 30.37 14.68
CA ALA A 449 -41.65 29.25 14.87
C ALA A 449 -40.32 29.59 14.19
N ILE A 450 -40.38 30.11 12.97
CA ILE A 450 -39.19 30.60 12.23
C ILE A 450 -38.55 31.73 13.02
N ARG A 451 -39.35 32.68 13.49
CA ARG A 451 -38.91 33.93 14.17
C ARG A 451 -38.17 33.56 15.46
N GLU A 452 -38.74 32.65 16.25
CA GLU A 452 -38.17 32.21 17.55
C GLU A 452 -36.80 31.57 17.24
N LYS A 453 -36.71 30.72 16.22
CA LYS A 453 -35.44 30.04 15.86
C LYS A 453 -34.43 31.10 15.37
N ALA A 454 -34.83 32.07 14.54
CA ALA A 454 -33.92 33.16 14.13
C ALA A 454 -33.40 33.90 15.37
N ALA A 455 -34.25 34.08 16.37
CA ALA A 455 -33.96 34.89 17.57
C ALA A 455 -32.89 34.19 18.41
N HIS A 456 -32.95 32.86 18.54
CA HIS A 456 -31.98 32.06 19.32
C HIS A 456 -30.68 31.81 18.53
N GLY A 457 -30.58 32.28 17.28
CA GLY A 457 -29.42 32.11 16.38
C GLY A 457 -29.37 30.73 15.70
N PHE A 458 -30.53 30.05 15.62
CA PHE A 458 -30.66 28.64 15.20
C PHE A 458 -31.20 28.49 13.77
N LEU A 459 -31.35 29.57 13.01
CA LEU A 459 -32.08 29.50 11.71
C LEU A 459 -31.39 28.54 10.74
N GLY A 460 -30.11 28.77 10.45
CA GLY A 460 -29.31 27.96 9.53
C GLY A 460 -29.38 26.48 9.89
N TYR A 461 -29.37 26.15 11.17
CA TYR A 461 -29.47 24.74 11.65
C TYR A 461 -30.80 24.14 11.20
N VAL A 462 -31.88 24.90 11.36
CA VAL A 462 -33.27 24.46 11.05
C VAL A 462 -33.38 24.22 9.55
N LEU A 463 -32.89 25.18 8.75
CA LEU A 463 -32.92 25.10 7.27
C LEU A 463 -32.11 23.86 6.82
N ALA A 464 -31.04 23.51 7.56
CA ALA A 464 -30.20 22.32 7.28
C ALA A 464 -31.00 21.05 7.55
N GLY A 465 -31.78 21.00 8.64
CA GLY A 465 -32.74 19.92 8.90
C GLY A 465 -33.70 19.74 7.72
N PHE A 466 -34.24 20.82 7.20
CA PHE A 466 -35.17 20.76 6.04
C PHE A 466 -34.45 20.03 4.91
N LEU A 467 -33.25 20.50 4.57
CA LEU A 467 -32.42 19.95 3.48
C LEU A 467 -32.15 18.46 3.72
N LEU A 468 -31.97 18.04 4.97
CA LEU A 468 -31.69 16.62 5.30
C LEU A 468 -32.96 15.78 5.06
N ARG A 469 -34.08 16.12 5.71
CA ARG A 469 -35.29 15.25 5.75
C ARG A 469 -36.02 15.27 4.40
N GLU A 470 -35.91 16.33 3.59
CA GLU A 470 -36.74 16.50 2.36
C GLU A 470 -35.91 16.27 1.08
N HIS A 471 -34.60 16.46 1.10
CA HIS A 471 -33.78 16.35 -0.14
C HIS A 471 -32.57 15.45 0.06
N HIS A 472 -32.41 14.87 1.27
CA HIS A 472 -31.26 13.99 1.60
C HIS A 472 -29.96 14.71 1.25
N ILE A 473 -29.84 15.96 1.70
CA ILE A 473 -28.56 16.73 1.57
C ILE A 473 -28.13 17.23 2.95
N ARG A 474 -26.89 16.94 3.30
CA ARG A 474 -26.19 17.40 4.53
C ARG A 474 -25.51 18.75 4.21
N VAL A 475 -26.06 19.81 4.77
CA VAL A 475 -25.42 21.16 4.85
C VAL A 475 -25.30 21.52 6.34
N LEU A 476 -24.24 22.19 6.73
CA LEU A 476 -24.10 22.77 8.09
C LEU A 476 -24.00 24.28 7.95
N PRO A 477 -24.50 25.04 8.93
CA PRO A 477 -24.37 26.49 8.88
C PRO A 477 -22.96 26.92 9.29
N ALA A 478 -22.62 28.14 8.94
CA ALA A 478 -21.39 28.83 9.40
C ALA A 478 -21.81 30.18 9.97
N GLY A 479 -20.86 30.90 10.54
CA GLY A 479 -21.07 32.28 10.98
C GLY A 479 -21.76 32.29 12.33
N PRO A 480 -21.75 33.46 13.01
CA PRO A 480 -22.00 33.55 14.45
C PRO A 480 -23.43 33.27 14.90
N ARG A 481 -24.43 33.51 14.04
CA ARG A 481 -25.86 33.26 14.37
C ARG A 481 -26.41 32.30 13.32
N SER A 482 -25.58 31.34 12.91
CA SER A 482 -25.93 30.33 11.87
C SER A 482 -26.64 31.05 10.72
N GLY A 483 -26.13 32.22 10.34
CA GLY A 483 -26.69 33.09 9.29
C GLY A 483 -26.12 32.79 7.93
N PHE A 484 -25.32 31.72 7.78
CA PHE A 484 -24.74 31.31 6.48
C PHE A 484 -24.85 29.79 6.33
N LEU A 485 -24.99 29.34 5.08
CA LEU A 485 -25.02 27.90 4.69
C LEU A 485 -23.72 27.60 3.97
N ARG A 486 -23.00 26.58 4.43
CA ARG A 486 -21.65 26.17 3.95
C ARG A 486 -21.84 25.20 2.78
N PHE A 487 -21.04 25.35 1.74
CA PHE A 487 -20.93 24.39 0.61
C PHE A 487 -19.44 24.16 0.40
N SER A 488 -18.89 23.11 1.01
CA SER A 488 -17.46 22.74 0.84
C SER A 488 -17.36 21.24 0.53
N PRO A 489 -17.94 20.77 -0.60
CA PRO A 489 -17.82 19.36 -0.98
C PRO A 489 -16.44 19.01 -1.56
N SER A 490 -16.21 17.74 -1.86
CA SER A 490 -14.98 17.22 -2.50
C SER A 490 -14.96 17.65 -3.97
N LEU A 491 -13.78 17.61 -4.58
CA LEU A 491 -13.56 17.94 -6.00
C LEU A 491 -14.22 16.92 -6.92
N TYR A 492 -14.80 15.82 -6.41
CA TYR A 492 -15.53 14.81 -7.23
C TYR A 492 -17.03 15.12 -7.27
N ILE A 493 -17.49 16.19 -6.63
CA ILE A 493 -18.94 16.58 -6.71
C ILE A 493 -19.35 16.53 -8.21
N THR A 494 -20.38 15.79 -8.55
CA THR A 494 -20.85 15.61 -9.95
C THR A 494 -21.85 16.70 -10.32
N ASP A 495 -22.02 16.96 -11.62
CA ASP A 495 -23.05 17.86 -12.19
C ASP A 495 -24.42 17.49 -11.61
N GLU A 496 -24.73 16.20 -11.47
CA GLU A 496 -26.06 15.72 -11.03
C GLU A 496 -26.26 16.06 -9.55
N GLU A 497 -25.21 15.95 -8.74
CA GLU A 497 -25.27 16.34 -7.29
C GLU A 497 -25.45 17.87 -7.16
N ILE A 498 -24.83 18.66 -8.02
CA ILE A 498 -24.99 20.13 -8.01
C ILE A 498 -26.43 20.47 -8.40
N ASP A 499 -27.00 19.80 -9.42
CA ASP A 499 -28.42 19.97 -9.84
C ASP A 499 -29.36 19.58 -8.69
N ARG A 500 -29.10 18.46 -8.01
CA ARG A 500 -29.96 18.04 -6.86
C ARG A 500 -29.90 19.07 -5.71
N THR A 501 -28.75 19.71 -5.48
CA THR A 501 -28.57 20.76 -4.46
C THR A 501 -29.38 21.98 -4.87
N GLU A 502 -29.33 22.37 -6.14
CA GLU A 502 -30.13 23.49 -6.70
C GLU A 502 -31.61 23.26 -6.38
N THR A 503 -32.15 22.11 -6.77
CA THR A 503 -33.57 21.72 -6.54
C THR A 503 -33.89 21.85 -5.05
N ALA A 504 -33.02 21.31 -4.20
CA ALA A 504 -33.19 21.32 -2.73
C ALA A 504 -33.26 22.76 -2.23
N LEU A 505 -32.43 23.65 -2.77
CA LEU A 505 -32.27 25.05 -2.28
C LEU A 505 -33.47 25.89 -2.77
N ARG A 506 -33.89 25.75 -4.04
CA ARG A 506 -35.13 26.40 -4.55
C ARG A 506 -36.28 25.94 -3.64
N SER A 507 -36.38 24.67 -3.36
CA SER A 507 -37.45 24.12 -2.47
C SER A 507 -37.36 24.82 -1.10
N LEU A 508 -36.19 24.79 -0.46
CA LEU A 508 -35.94 25.43 0.86
C LEU A 508 -36.32 26.92 0.84
N PHE A 509 -35.82 27.67 -0.14
CA PHE A 509 -35.98 29.14 -0.16
C PHE A 509 -37.41 29.53 -0.62
N THR A 510 -38.13 28.65 -1.31
CA THR A 510 -39.58 28.87 -1.64
C THR A 510 -40.39 28.66 -0.37
N ALA A 511 -40.14 27.57 0.37
CA ALA A 511 -40.72 27.38 1.72
C ALA A 511 -40.44 28.59 2.61
N LEU A 512 -39.26 29.19 2.55
CA LEU A 512 -38.89 30.30 3.47
C LEU A 512 -39.64 31.56 3.05
N ARG A 513 -39.65 31.89 1.76
CA ARG A 513 -40.48 32.99 1.19
C ARG A 513 -41.92 32.86 1.69
N ASP A 514 -42.51 31.65 1.69
CA ASP A 514 -43.93 31.34 2.04
C ASP A 514 -44.16 31.35 3.56
N GLN A 515 -43.09 31.49 4.34
CA GLN A 515 -43.12 31.47 5.82
C GLN A 515 -43.81 30.20 6.33
N ASP A 516 -43.45 29.04 5.76
CA ASP A 516 -44.07 27.73 6.06
C ASP A 516 -43.40 27.11 7.29
N GLY A 517 -43.61 27.69 8.46
CA GLY A 517 -43.12 27.23 9.77
C GLY A 517 -43.45 25.77 10.08
N ASP A 518 -44.58 25.25 9.61
CA ASP A 518 -44.99 23.85 9.96
C ASP A 518 -44.07 22.88 9.21
N ARG A 519 -43.61 23.27 8.05
CA ARG A 519 -42.78 22.43 7.14
C ARG A 519 -41.28 22.55 7.52
N LEU A 520 -40.84 23.72 8.01
CA LEU A 520 -39.42 24.06 8.23
C LEU A 520 -38.99 23.69 9.66
N VAL A 521 -39.84 23.95 10.65
CA VAL A 521 -39.55 23.75 12.09
C VAL A 521 -40.39 22.59 12.62
N LEU A 522 -39.75 21.57 13.19
CA LEU A 522 -40.37 20.31 13.71
C LEU A 522 -41.32 20.62 14.88
N GLY B 6 1.85 -34.50 10.56
CA GLY B 6 0.67 -34.96 9.75
C GLY B 6 -0.37 -33.86 9.54
N GLU B 7 0.06 -32.60 9.48
CA GLU B 7 -0.90 -31.45 9.33
C GLU B 7 -1.29 -31.34 7.86
N PRO B 8 -2.50 -30.81 7.55
CA PRO B 8 -2.90 -30.56 6.17
C PRO B 8 -1.85 -29.71 5.43
N VAL B 9 -1.46 -30.17 4.24
CA VAL B 9 -0.52 -29.40 3.38
C VAL B 9 -1.17 -29.22 1.99
N TYR B 10 -0.94 -28.09 1.33
CA TYR B 10 -1.68 -27.69 0.12
C TYR B 10 -0.75 -27.43 -1.08
N ALA B 11 0.57 -27.39 -0.85
CA ALA B 11 1.64 -27.28 -1.86
C ALA B 11 2.98 -27.61 -1.21
N ASP B 12 3.92 -28.16 -1.98
CA ASP B 12 5.37 -28.08 -1.70
C ASP B 12 5.82 -29.05 -0.60
N ALA B 13 4.98 -29.99 -0.17
CA ALA B 13 5.36 -30.91 0.93
C ALA B 13 6.64 -31.67 0.55
N VAL B 14 6.65 -32.27 -0.64
CA VAL B 14 7.81 -33.10 -1.11
C VAL B 14 8.99 -32.20 -1.41
N LEU B 15 8.75 -31.09 -2.09
CA LEU B 15 9.83 -30.13 -2.42
C LEU B 15 10.48 -29.67 -1.12
N ASN B 16 9.69 -29.29 -0.12
CA ASN B 16 10.21 -28.74 1.15
C ASN B 16 10.90 -29.86 1.96
N GLY B 17 10.28 -31.04 2.07
CA GLY B 17 10.93 -32.21 2.70
C GLY B 17 12.31 -32.41 2.11
N TRP B 18 12.41 -32.40 0.79
CA TRP B 18 13.69 -32.64 0.09
C TRP B 18 14.67 -31.46 0.34
N LEU B 19 14.28 -30.20 0.20
CA LEU B 19 15.17 -29.04 0.50
C LEU B 19 15.72 -29.14 1.94
N THR B 20 14.86 -29.44 2.92
CA THR B 20 15.25 -29.54 4.34
C THR B 20 16.38 -30.57 4.48
N SER B 21 16.24 -31.75 3.89
CA SER B 21 17.20 -32.88 4.09
C SER B 21 18.55 -32.55 3.40
N MET B 22 18.56 -31.64 2.42
CA MET B 22 19.79 -31.18 1.74
C MET B 22 20.50 -30.05 2.50
N GLY B 23 19.89 -29.51 3.57
CA GLY B 23 20.41 -28.30 4.25
C GLY B 23 20.00 -27.00 3.56
N LEU B 24 18.94 -26.99 2.74
CA LEU B 24 18.51 -25.78 1.96
C LEU B 24 17.12 -25.31 2.39
N GLY B 25 16.66 -25.80 3.55
CA GLY B 25 15.33 -25.49 4.10
C GLY B 25 15.32 -24.16 4.84
N VAL B 26 15.38 -23.05 4.11
CA VAL B 26 15.41 -21.69 4.69
C VAL B 26 14.39 -20.82 3.94
N GLU B 27 13.77 -19.87 4.62
CA GLU B 27 12.86 -18.87 4.00
C GLU B 27 13.55 -17.51 3.93
N TYR B 28 13.79 -17.01 2.72
CA TYR B 28 14.35 -15.67 2.51
C TYR B 28 13.21 -14.65 2.63
N VAL B 29 13.35 -13.67 3.54
CA VAL B 29 12.27 -12.71 3.90
C VAL B 29 12.50 -11.40 3.20
N ARG B 30 13.73 -11.08 2.81
CA ARG B 30 14.06 -9.78 2.17
C ARG B 30 15.29 -9.97 1.30
N ALA B 31 15.45 -9.13 0.31
CA ALA B 31 16.56 -9.25 -0.68
C ALA B 31 16.93 -7.87 -1.19
N GLU B 32 18.22 -7.59 -1.28
CA GLU B 32 18.74 -6.27 -1.69
C GLU B 32 20.13 -6.52 -2.30
N GLY B 33 20.33 -6.09 -3.55
CA GLY B 33 21.59 -6.30 -4.26
C GLY B 33 21.94 -7.77 -4.31
N ASN B 34 23.09 -8.14 -3.75
CA ASN B 34 23.61 -9.54 -3.83
C ASN B 34 23.25 -10.27 -2.55
N THR B 35 22.39 -9.69 -1.72
CA THR B 35 22.08 -10.26 -0.37
C THR B 35 20.61 -10.65 -0.29
N VAL B 36 20.36 -11.88 0.17
CA VAL B 36 19.03 -12.35 0.65
C VAL B 36 19.16 -12.54 2.17
N TYR B 37 18.07 -12.36 2.90
CA TYR B 37 18.05 -12.43 4.37
C TYR B 37 17.05 -13.50 4.79
N TYR B 38 17.46 -14.36 5.72
CA TYR B 38 16.54 -15.25 6.48
C TYR B 38 16.54 -14.79 7.94
N LEU B 39 15.59 -15.28 8.73
CA LEU B 39 15.48 -14.99 10.18
C LEU B 39 16.07 -16.19 10.93
N ASP B 40 17.01 -15.93 11.86
CA ASP B 40 17.54 -16.95 12.83
C ASP B 40 16.44 -17.26 13.84
N ASP B 41 16.71 -18.16 14.79
CA ASP B 41 15.71 -18.69 15.77
C ASP B 41 15.15 -17.54 16.63
N GLU B 42 15.89 -16.44 16.80
CA GLU B 42 15.48 -15.24 17.61
C GLU B 42 14.80 -14.17 16.74
N GLY B 43 14.71 -14.35 15.41
CA GLY B 43 14.02 -13.41 14.49
C GLY B 43 14.90 -12.25 13.99
N ARG B 44 16.21 -12.34 14.18
CA ARG B 44 17.19 -11.39 13.61
C ARG B 44 17.51 -11.78 12.15
N GLU B 45 17.67 -10.80 11.27
CA GLU B 45 18.07 -10.98 9.85
C GLU B 45 19.51 -11.46 9.75
N VAL B 46 19.72 -12.56 9.02
CA VAL B 46 21.07 -13.11 8.67
C VAL B 46 21.31 -12.84 7.20
N PRO B 47 22.33 -12.03 6.82
CA PRO B 47 22.62 -11.81 5.41
C PRO B 47 23.28 -13.05 4.78
N VAL B 48 22.80 -13.44 3.60
CA VAL B 48 23.36 -14.53 2.76
C VAL B 48 23.71 -13.95 1.39
N LEU B 49 24.95 -14.17 0.95
CA LEU B 49 25.42 -13.82 -0.41
C LEU B 49 24.75 -14.77 -1.41
N ASP B 50 24.04 -14.23 -2.41
CA ASP B 50 23.29 -15.03 -3.41
C ASP B 50 24.13 -15.15 -4.69
N HIS B 51 24.65 -16.34 -4.98
CA HIS B 51 25.35 -16.69 -6.25
C HIS B 51 24.37 -17.31 -7.27
N ALA B 52 23.15 -17.62 -6.87
CA ALA B 52 22.14 -18.23 -7.75
C ALA B 52 21.41 -17.11 -8.51
N CYS B 53 20.87 -16.12 -7.80
CA CYS B 53 20.34 -14.87 -8.39
C CYS B 53 19.32 -15.19 -9.49
N GLY B 54 18.31 -15.96 -9.15
CA GLY B 54 17.22 -16.33 -10.06
C GLY B 54 17.74 -17.06 -11.29
N PHE B 55 18.76 -17.91 -11.12
CA PHE B 55 19.40 -18.68 -12.21
C PHE B 55 19.84 -17.70 -13.30
N GLY B 56 20.45 -16.58 -12.92
CA GLY B 56 21.03 -15.62 -13.86
C GLY B 56 20.06 -14.54 -14.28
N SER B 57 18.95 -14.37 -13.54
CA SER B 57 17.93 -13.30 -13.76
C SER B 57 18.41 -11.94 -13.25
N LEU B 58 19.36 -11.88 -12.32
CA LEU B 58 19.61 -10.66 -11.49
C LEU B 58 20.99 -10.10 -11.79
N ILE B 59 21.24 -9.77 -13.05
CA ILE B 59 22.50 -9.12 -13.47
C ILE B 59 22.67 -7.84 -12.64
N PHE B 60 21.58 -7.18 -12.25
CA PHE B 60 21.62 -5.88 -11.52
C PHE B 60 21.28 -6.11 -10.04
N GLY B 61 21.24 -7.37 -9.63
CA GLY B 61 20.92 -7.78 -8.24
C GLY B 61 19.43 -7.77 -7.97
N HIS B 62 19.08 -8.18 -6.76
CA HIS B 62 17.69 -8.17 -6.24
C HIS B 62 17.23 -6.71 -6.08
N ASN B 63 16.03 -6.38 -6.55
CA ASN B 63 15.33 -5.13 -6.16
C ASN B 63 16.26 -3.93 -6.32
N HIS B 64 16.84 -3.75 -7.50
CA HIS B 64 17.69 -2.59 -7.83
C HIS B 64 16.85 -1.33 -7.68
N PRO B 65 17.35 -0.34 -6.88
CA PRO B 65 16.58 0.86 -6.55
C PRO B 65 16.01 1.60 -7.79
N GLU B 66 16.79 1.65 -8.87
CA GLU B 66 16.43 2.31 -10.14
C GLU B 66 15.26 1.56 -10.80
N ILE B 67 15.25 0.24 -10.72
CA ILE B 67 14.16 -0.59 -11.29
C ILE B 67 12.92 -0.47 -10.42
N ILE B 68 13.07 -0.56 -9.11
CA ILE B 68 11.95 -0.40 -8.13
C ILE B 68 11.27 0.97 -8.34
N ALA B 69 12.07 2.02 -8.46
CA ALA B 69 11.57 3.41 -8.63
C ALA B 69 10.82 3.52 -9.97
N HIS B 70 11.37 2.97 -11.05
CA HIS B 70 10.71 2.98 -12.38
C HIS B 70 9.39 2.23 -12.30
N ALA B 71 9.39 1.06 -11.67
CA ALA B 71 8.17 0.25 -11.55
C ALA B 71 7.13 1.06 -10.76
N LYS B 72 7.50 1.64 -9.62
CA LYS B 72 6.52 2.45 -8.83
C LYS B 72 5.96 3.60 -9.67
N ALA B 73 6.81 4.31 -10.43
CA ALA B 73 6.41 5.44 -11.31
C ALA B 73 5.42 4.95 -12.36
N ALA B 74 5.66 3.79 -12.98
CA ALA B 74 4.78 3.24 -14.03
C ALA B 74 3.42 2.91 -13.42
N LEU B 75 3.39 2.42 -12.20
CA LEU B 75 2.12 2.04 -11.52
C LEU B 75 1.32 3.32 -11.22
N ASP B 76 2.00 4.35 -10.72
CA ASP B 76 1.39 5.64 -10.31
C ASP B 76 0.92 6.40 -11.54
N ALA B 77 1.57 6.25 -12.69
CA ALA B 77 1.20 6.89 -13.98
C ALA B 77 -0.04 6.24 -14.59
N GLY B 78 -0.54 5.13 -14.04
CA GLY B 78 -1.72 4.46 -14.60
C GLY B 78 -1.38 3.82 -15.92
N THR B 79 -0.18 3.25 -16.04
CA THR B 79 0.26 2.45 -17.22
C THR B 79 -0.85 1.46 -17.60
N VAL B 80 -1.13 1.35 -18.88
CA VAL B 80 -2.07 0.32 -19.46
C VAL B 80 -1.30 -0.99 -19.55
N VAL B 81 -1.61 -1.92 -18.64
CA VAL B 81 -1.04 -3.28 -18.60
C VAL B 81 -1.76 -4.15 -19.64
N HIS B 82 -3.09 -4.04 -19.69
CA HIS B 82 -4.01 -4.80 -20.58
C HIS B 82 -4.58 -3.90 -21.68
N ALA B 83 -3.95 -3.89 -22.83
CA ALA B 83 -4.36 -3.11 -24.02
C ALA B 83 -4.35 -4.02 -25.24
N GLN B 84 -4.81 -5.26 -25.07
CA GLN B 84 -4.73 -6.31 -26.14
C GLN B 84 -5.45 -5.75 -27.38
N LEU B 85 -4.90 -6.01 -28.57
CA LEU B 85 -5.48 -5.63 -29.88
C LEU B 85 -5.72 -4.11 -29.88
N SER B 86 -4.70 -3.36 -29.49
CA SER B 86 -4.61 -1.88 -29.65
C SER B 86 -3.16 -1.55 -29.98
N ARG B 87 -2.82 -0.31 -30.33
CA ARG B 87 -1.42 0.05 -30.70
C ARG B 87 -0.55 0.09 -29.45
N GLN B 88 0.51 -0.70 -29.42
CA GLN B 88 1.49 -0.77 -28.32
C GLN B 88 2.88 -0.44 -28.90
N PRO B 89 3.18 0.85 -29.13
CA PRO B 89 4.47 1.23 -29.72
C PRO B 89 5.70 0.77 -28.94
N ARG B 90 5.56 0.45 -27.65
CA ARG B 90 6.73 0.10 -26.82
C ARG B 90 7.34 -1.21 -27.32
N ALA B 91 6.53 -2.13 -27.85
CA ALA B 91 7.02 -3.42 -28.39
C ALA B 91 7.99 -3.14 -29.53
N ASN B 92 7.60 -2.24 -30.45
CA ASN B 92 8.42 -1.81 -31.62
C ASN B 92 9.70 -1.14 -31.11
N GLN B 93 9.56 -0.35 -30.06
CA GLN B 93 10.65 0.46 -29.48
C GLN B 93 11.68 -0.49 -28.85
N ILE B 94 11.24 -1.47 -28.08
CA ILE B 94 12.13 -2.52 -27.50
C ILE B 94 12.83 -3.29 -28.63
N SER B 95 12.10 -3.73 -29.65
CA SER B 95 12.66 -4.56 -30.76
C SER B 95 13.71 -3.73 -31.50
N ARG B 96 13.43 -2.44 -31.72
CA ARG B 96 14.40 -1.50 -32.32
C ARG B 96 15.72 -1.48 -31.53
N ILE B 97 15.66 -1.30 -30.22
CA ILE B 97 16.89 -1.24 -29.39
C ILE B 97 17.63 -2.56 -29.55
N LEU B 98 16.93 -3.67 -29.53
CA LEU B 98 17.61 -5.00 -29.53
C LEU B 98 18.27 -5.22 -30.89
N ASN B 99 17.59 -4.84 -31.98
CA ASN B 99 18.11 -4.81 -33.37
C ASN B 99 19.39 -3.96 -33.45
N ASP B 100 19.40 -2.73 -32.92
CA ASP B 100 20.56 -1.81 -32.95
C ASP B 100 21.73 -2.47 -32.20
N ILE B 101 21.47 -3.03 -31.01
CA ILE B 101 22.52 -3.68 -30.21
C ILE B 101 23.09 -4.88 -31.00
N MET B 102 22.27 -5.70 -31.62
CA MET B 102 22.77 -6.90 -32.33
C MET B 102 23.64 -6.48 -33.53
N ARG B 103 23.23 -5.46 -34.27
CA ARG B 103 24.03 -4.88 -35.39
C ARG B 103 25.39 -4.41 -34.87
N ARG B 104 25.42 -3.70 -33.75
CA ARG B 104 26.68 -3.18 -33.16
C ARG B 104 27.61 -4.35 -32.80
N GLU B 105 27.09 -5.39 -32.19
CA GLU B 105 27.94 -6.46 -31.62
C GLU B 105 28.31 -7.48 -32.68
N THR B 106 27.57 -7.60 -33.79
CA THR B 106 27.89 -8.63 -34.83
C THR B 106 28.47 -7.96 -36.09
N GLY B 107 28.28 -6.66 -36.23
CA GLY B 107 28.58 -5.94 -37.48
C GLY B 107 27.67 -6.32 -38.63
N ARG B 108 26.71 -7.23 -38.44
CA ARG B 108 25.71 -7.61 -39.47
C ARG B 108 24.55 -6.60 -39.40
N ASP B 109 24.09 -6.15 -40.55
CA ASP B 109 22.94 -5.24 -40.73
C ASP B 109 21.71 -6.12 -41.01
N ASP B 110 21.39 -6.96 -40.05
CA ASP B 110 20.23 -7.89 -40.06
C ASP B 110 19.09 -7.27 -39.26
N ARG B 111 17.87 -7.46 -39.69
CA ARG B 111 16.68 -6.92 -39.01
C ARG B 111 15.82 -8.08 -38.51
N TYR B 112 15.19 -7.87 -37.35
CA TYR B 112 14.44 -8.91 -36.60
C TYR B 112 13.08 -8.37 -36.19
N ASN B 113 12.02 -9.17 -36.36
CA ASN B 113 10.71 -8.94 -35.72
C ASN B 113 10.74 -9.53 -34.31
N ALA B 114 10.02 -8.87 -33.40
CA ALA B 114 9.88 -9.28 -31.99
C ALA B 114 8.45 -9.75 -31.74
N ILE B 115 8.35 -10.93 -31.15
CA ILE B 115 7.10 -11.46 -30.56
C ILE B 115 7.41 -11.65 -29.08
N PHE B 116 6.57 -11.06 -28.22
CA PHE B 116 6.78 -11.12 -26.75
C PHE B 116 6.04 -12.31 -26.15
N ALA B 117 6.52 -12.76 -24.99
CA ALA B 117 5.81 -13.78 -24.18
C ALA B 117 6.12 -13.60 -22.69
N ASN B 118 5.84 -14.66 -21.90
CA ASN B 118 5.74 -14.54 -20.43
C ASN B 118 6.84 -15.33 -19.74
N SER B 119 7.60 -16.14 -20.48
CA SER B 119 8.71 -16.95 -19.93
C SER B 119 9.70 -17.36 -21.03
N GLY B 120 10.87 -17.86 -20.60
CA GLY B 120 11.89 -18.41 -21.49
C GLY B 120 11.32 -19.55 -22.33
N ALA B 121 10.56 -20.43 -21.72
CA ALA B 121 9.97 -21.58 -22.42
C ALA B 121 9.02 -21.06 -23.50
N GLU B 122 8.17 -20.08 -23.17
CA GLU B 122 7.16 -19.55 -24.12
C GLU B 122 7.90 -18.93 -25.31
N ALA B 123 9.04 -18.26 -25.09
CA ALA B 123 9.79 -17.63 -26.20
C ALA B 123 10.35 -18.74 -27.12
N ASN B 124 10.89 -19.82 -26.54
CA ASN B 124 11.43 -20.96 -27.32
C ASN B 124 10.26 -21.62 -28.07
N GLU B 125 9.05 -21.65 -27.52
CA GLU B 125 7.91 -22.32 -28.21
C GLU B 125 7.35 -21.42 -29.34
N ILE B 126 7.41 -20.11 -29.20
CA ILE B 126 7.11 -19.19 -30.34
C ILE B 126 8.07 -19.55 -31.50
N CYS B 127 9.34 -19.80 -31.20
CA CYS B 127 10.38 -20.20 -32.19
C CYS B 127 10.05 -21.58 -32.78
N MET B 128 9.69 -22.55 -31.95
CA MET B 128 9.31 -23.91 -32.43
C MET B 128 8.11 -23.74 -33.38
N LYS B 129 7.12 -22.93 -33.01
CA LYS B 129 5.89 -22.70 -33.81
C LYS B 129 6.27 -22.03 -35.14
N HIS B 130 7.03 -20.95 -35.10
CA HIS B 130 7.43 -20.24 -36.35
C HIS B 130 8.28 -21.19 -37.22
N ALA B 131 9.19 -21.96 -36.63
CA ALA B 131 10.03 -22.92 -37.37
C ALA B 131 9.13 -23.90 -38.12
N GLU B 132 8.06 -24.33 -37.46
CA GLU B 132 7.09 -25.28 -38.05
C GLU B 132 6.32 -24.58 -39.17
N LEU B 133 6.03 -23.27 -39.09
CA LEU B 133 5.34 -22.56 -40.19
C LEU B 133 6.24 -22.61 -41.41
N GLU B 134 7.55 -22.38 -41.23
CA GLU B 134 8.57 -22.36 -42.32
C GLU B 134 8.59 -23.75 -42.98
N ARG B 135 8.57 -24.80 -42.14
CA ARG B 135 8.60 -26.21 -42.60
C ARG B 135 7.32 -26.48 -43.39
N GLN B 136 6.16 -26.00 -42.95
CA GLN B 136 4.87 -26.23 -43.68
C GLN B 136 4.89 -25.48 -45.02
N GLU B 137 5.55 -24.32 -45.13
CA GLU B 137 5.75 -23.62 -46.44
C GLU B 137 6.58 -24.51 -47.37
N ARG B 138 7.69 -25.08 -46.87
CA ARG B 138 8.61 -25.89 -47.72
C ARG B 138 7.84 -27.12 -48.21
N ILE B 139 7.10 -27.77 -47.31
CA ILE B 139 6.28 -28.98 -47.58
C ILE B 139 5.22 -28.68 -48.65
N THR B 140 4.46 -27.59 -48.54
CA THR B 140 3.44 -27.19 -49.54
C THR B 140 4.13 -27.07 -50.91
N ALA B 141 5.27 -26.37 -50.98
CA ALA B 141 6.08 -26.17 -52.20
C ALA B 141 6.48 -27.52 -52.81
N LEU B 142 7.07 -28.42 -52.01
CA LEU B 142 7.53 -29.79 -52.41
C LEU B 142 6.36 -30.58 -52.98
N PHE B 143 5.20 -30.58 -52.29
CA PHE B 143 3.99 -31.37 -52.63
C PHE B 143 3.35 -30.81 -53.92
N ALA B 144 3.33 -29.49 -54.11
CA ALA B 144 2.89 -28.86 -55.37
C ALA B 144 3.76 -29.36 -56.53
N GLU B 145 5.07 -29.36 -56.37
CA GLU B 145 6.02 -29.82 -57.43
C GLU B 145 5.76 -31.30 -57.75
N ILE B 146 5.50 -32.11 -56.72
CA ILE B 146 5.33 -33.59 -56.84
C ILE B 146 4.04 -33.87 -57.64
N ASP B 147 2.95 -33.14 -57.36
CA ASP B 147 1.68 -33.20 -58.13
C ASP B 147 1.96 -32.96 -59.62
N ALA B 148 2.64 -31.85 -59.97
CA ALA B 148 3.09 -31.50 -61.34
C ALA B 148 3.97 -32.62 -61.96
N GLU B 149 4.94 -33.16 -61.22
CA GLU B 149 5.81 -34.29 -61.69
C GLU B 149 4.93 -35.54 -61.94
N LEU B 150 3.89 -35.75 -61.15
CA LEU B 150 3.02 -36.96 -61.22
C LEU B 150 2.12 -36.81 -62.45
N ASP B 151 1.52 -35.63 -62.66
CA ASP B 151 0.74 -35.26 -63.88
C ASP B 151 1.59 -35.51 -65.14
N THR B 152 2.82 -34.98 -65.20
CA THR B 152 3.74 -35.09 -66.37
C THR B 152 4.04 -36.58 -66.64
N ALA B 153 4.42 -37.36 -65.62
CA ALA B 153 4.70 -38.80 -65.75
C ALA B 153 3.46 -39.56 -66.24
N ARG B 154 2.25 -39.13 -65.83
CA ARG B 154 0.96 -39.80 -66.19
C ARG B 154 0.62 -39.51 -67.66
N GLU B 155 0.96 -38.32 -68.15
CA GLU B 155 0.90 -37.94 -69.59
C GLU B 155 1.76 -38.92 -70.40
N ALA B 156 3.03 -39.05 -70.05
CA ALA B 156 4.02 -39.82 -70.84
C ALA B 156 3.69 -41.31 -70.83
N LEU B 157 2.95 -41.79 -69.82
CA LEU B 157 2.68 -43.25 -69.68
C LEU B 157 1.35 -43.60 -70.37
N THR B 158 0.38 -42.68 -70.43
CA THR B 158 -0.94 -42.89 -71.13
C THR B 158 -0.79 -42.56 -72.62
N THR B 159 -0.53 -41.30 -72.98
CA THR B 159 -0.11 -40.84 -74.34
C THR B 159 0.73 -41.93 -75.03
N GLY B 160 1.68 -42.53 -74.30
CA GLY B 160 2.48 -43.68 -74.77
C GLY B 160 3.93 -43.32 -75.03
N THR B 161 4.36 -42.07 -74.80
CA THR B 161 5.74 -41.59 -75.13
C THR B 161 6.79 -42.26 -74.21
N ALA B 162 6.39 -42.93 -73.12
CA ALA B 162 7.35 -43.49 -72.14
C ALA B 162 6.83 -44.78 -71.48
N THR B 163 7.77 -45.56 -70.93
CA THR B 163 7.55 -46.86 -70.25
C THR B 163 7.95 -46.73 -68.76
N LEU B 164 7.10 -47.23 -67.85
CA LEU B 164 7.42 -47.41 -66.41
C LEU B 164 8.56 -48.43 -66.26
N ASP B 165 9.66 -48.10 -65.56
CA ASP B 165 10.76 -49.06 -65.23
C ASP B 165 10.40 -49.81 -63.94
N THR B 166 10.17 -51.12 -64.02
CA THR B 166 9.63 -51.96 -62.90
C THR B 166 10.73 -52.25 -61.85
N ALA B 167 12.01 -51.90 -62.10
CA ALA B 167 13.10 -52.01 -61.10
C ALA B 167 12.90 -51.03 -59.93
N SER B 168 12.12 -49.96 -60.14
CA SER B 168 11.88 -48.83 -59.20
C SER B 168 10.66 -49.11 -58.29
N LEU B 169 9.82 -50.10 -58.66
CA LEU B 169 8.54 -50.42 -57.99
C LEU B 169 8.74 -50.93 -56.56
N PRO B 170 9.90 -51.53 -56.15
CA PRO B 170 10.12 -51.86 -54.74
C PRO B 170 10.05 -50.65 -53.79
N LEU B 171 9.86 -49.43 -54.31
CA LEU B 171 9.53 -48.22 -53.49
C LEU B 171 8.00 -48.10 -53.29
N VAL B 172 7.17 -49.07 -53.69
CA VAL B 172 5.67 -49.01 -53.49
C VAL B 172 5.12 -50.41 -53.18
N VAL B 179 -0.25 -47.95 -63.22
CA VAL B 179 -0.15 -46.47 -63.39
C VAL B 179 -0.95 -45.77 -62.28
N ASP B 180 -2.29 -45.74 -62.39
CA ASP B 180 -3.22 -45.09 -61.43
C ASP B 180 -2.95 -45.59 -60.00
N GLY B 181 -2.75 -46.89 -59.84
CA GLY B 181 -2.52 -47.54 -58.54
C GLY B 181 -1.20 -47.12 -57.94
N VAL B 182 -0.14 -47.03 -58.76
CA VAL B 182 1.20 -46.59 -58.30
C VAL B 182 1.13 -45.14 -57.79
N ILE B 183 0.33 -44.28 -58.45
CA ILE B 183 0.26 -42.84 -58.04
C ILE B 183 -0.57 -42.72 -56.75
N ALA B 184 -1.64 -43.51 -56.59
CA ALA B 184 -2.45 -43.54 -55.35
C ALA B 184 -1.60 -44.06 -54.17
N ASP B 185 -0.75 -45.08 -54.40
CA ASP B 185 0.18 -45.66 -53.38
C ASP B 185 1.26 -44.62 -53.00
N ILE B 186 1.65 -43.75 -53.93
CA ILE B 186 2.59 -42.61 -53.71
C ILE B 186 1.91 -41.53 -52.84
N HIS B 187 0.69 -41.11 -53.20
CA HIS B 187 -0.09 -40.12 -52.42
C HIS B 187 -0.29 -40.61 -50.98
N ARG B 188 -0.52 -41.91 -50.79
CA ARG B 188 -0.75 -42.51 -49.45
C ARG B 188 0.56 -42.44 -48.64
N HIS B 189 1.65 -42.97 -49.21
CA HIS B 189 3.02 -42.92 -48.62
C HIS B 189 3.37 -41.48 -48.21
N ASN B 190 3.11 -40.51 -49.11
CA ASN B 190 3.51 -39.09 -48.93
C ASN B 190 2.66 -38.48 -47.80
N ASP B 191 1.36 -38.81 -47.74
CA ASP B 191 0.40 -38.28 -46.75
C ASP B 191 0.78 -38.79 -45.35
N GLU B 192 1.20 -40.04 -45.24
CA GLU B 192 1.70 -40.63 -43.96
C GLU B 192 2.90 -39.80 -43.51
N ARG B 193 3.89 -39.63 -44.39
CA ARG B 193 5.12 -38.84 -44.11
C ARG B 193 4.74 -37.43 -43.63
N ARG B 194 3.80 -36.80 -44.32
CA ARG B 194 3.45 -35.38 -44.07
C ARG B 194 2.91 -35.20 -42.65
N ALA B 195 2.19 -36.19 -42.12
CA ALA B 195 1.51 -36.13 -40.81
C ALA B 195 2.46 -36.54 -39.69
N GLU B 196 3.62 -37.12 -39.98
CA GLU B 196 4.61 -37.50 -38.95
C GLU B 196 5.09 -36.24 -38.24
N ARG B 197 5.42 -36.36 -36.97
CA ARG B 197 5.96 -35.24 -36.16
C ARG B 197 7.33 -34.87 -36.72
N PRO B 198 7.73 -33.59 -36.74
CA PRO B 198 9.09 -33.22 -37.10
C PRO B 198 10.08 -33.58 -35.98
N LEU B 199 11.35 -33.33 -36.21
CA LEU B 199 12.45 -33.50 -35.25
C LEU B 199 13.00 -32.11 -34.91
N PHE B 200 13.49 -31.93 -33.69
CA PHE B 200 14.30 -30.73 -33.36
C PHE B 200 15.70 -31.26 -33.13
N LEU B 201 16.72 -30.47 -33.43
CA LEU B 201 18.10 -30.82 -33.03
C LEU B 201 18.51 -29.89 -31.89
N THR B 202 19.06 -30.49 -30.84
CA THR B 202 19.63 -29.79 -29.68
C THR B 202 21.03 -30.37 -29.46
N LEU B 203 21.77 -29.78 -28.53
CA LEU B 203 23.04 -30.35 -28.01
C LEU B 203 22.74 -31.24 -26.81
N ASP B 204 23.64 -32.17 -26.49
CA ASP B 204 23.55 -32.98 -25.24
C ASP B 204 23.64 -32.00 -24.06
N GLY B 205 22.88 -32.26 -23.00
CA GLY B 205 22.82 -31.39 -21.80
C GLY B 205 21.95 -30.17 -22.03
N SER B 206 21.29 -30.05 -23.19
CA SER B 206 20.51 -28.84 -23.59
C SER B 206 19.45 -28.57 -22.51
N PHE B 207 19.17 -27.31 -22.24
CA PHE B 207 18.02 -26.87 -21.42
C PHE B 207 17.30 -25.74 -22.13
N HIS B 208 16.06 -25.96 -22.52
CA HIS B 208 15.25 -25.01 -23.33
C HIS B 208 13.86 -24.77 -22.70
N GLY B 209 13.65 -25.24 -21.47
CA GLY B 209 12.36 -25.09 -20.75
C GLY B 209 11.63 -26.40 -20.57
N LYS B 210 10.46 -26.37 -19.94
CA LYS B 210 9.83 -27.60 -19.37
C LYS B 210 8.32 -27.63 -19.64
N LEU B 211 7.84 -26.94 -20.67
CA LEU B 211 6.41 -27.06 -21.08
C LEU B 211 6.28 -28.26 -22.04
N VAL B 212 5.08 -28.53 -22.54
CA VAL B 212 4.84 -29.79 -23.31
C VAL B 212 5.78 -29.83 -24.51
N GLY B 213 5.92 -28.73 -25.25
CA GLY B 213 6.81 -28.66 -26.42
C GLY B 213 8.27 -28.61 -26.01
N SER B 214 8.61 -27.63 -25.16
CA SER B 214 10.02 -27.30 -24.82
C SER B 214 10.67 -28.43 -24.03
N ILE B 215 9.91 -29.22 -23.26
CA ILE B 215 10.51 -30.29 -22.40
C ILE B 215 11.22 -31.31 -23.30
N GLN B 216 10.69 -31.54 -24.50
CA GLN B 216 11.32 -32.53 -25.41
C GLN B 216 12.72 -32.02 -25.81
N LEU B 217 12.99 -30.72 -25.64
CA LEU B 217 14.28 -30.10 -26.10
C LEU B 217 15.27 -30.04 -24.91
N THR B 218 14.87 -30.58 -23.76
CA THR B 218 15.66 -30.58 -22.50
C THR B 218 16.15 -32.01 -22.24
N GLN B 219 17.46 -32.19 -22.19
CA GLN B 219 18.11 -33.51 -22.05
C GLN B 219 17.65 -34.21 -20.76
N ASN B 220 17.78 -33.52 -19.62
CA ASN B 220 17.64 -34.09 -18.25
C ASN B 220 16.55 -35.17 -18.24
N GLU B 221 16.94 -36.43 -18.08
CA GLU B 221 16.10 -37.62 -18.40
C GLU B 221 14.90 -37.76 -17.47
N PRO B 222 15.04 -37.57 -16.14
CA PRO B 222 13.89 -37.63 -15.24
C PRO B 222 12.87 -36.49 -15.50
N TRP B 223 13.32 -35.33 -15.97
CA TRP B 223 12.44 -34.18 -16.30
C TRP B 223 11.65 -34.44 -17.60
N ARG B 224 12.21 -35.21 -18.54
CA ARG B 224 11.71 -35.28 -19.94
C ARG B 224 11.04 -36.63 -20.22
N THR B 225 11.67 -37.76 -19.87
CA THR B 225 11.28 -39.09 -20.44
C THR B 225 9.86 -39.47 -20.04
N PRO B 226 9.28 -39.02 -18.90
CA PRO B 226 7.88 -39.33 -18.63
C PRO B 226 6.87 -38.77 -19.66
N PHE B 227 7.30 -37.77 -20.46
CA PHE B 227 6.45 -36.90 -21.31
C PHE B 227 6.72 -37.12 -22.81
N THR B 228 7.62 -38.06 -23.15
CA THR B 228 8.10 -38.39 -24.52
C THR B 228 6.96 -38.49 -25.51
N ALA B 229 5.84 -39.10 -25.13
CA ALA B 229 4.73 -39.41 -26.05
C ALA B 229 4.03 -38.13 -26.54
N LEU B 230 4.12 -37.03 -25.77
CA LEU B 230 3.19 -35.88 -25.92
C LEU B 230 3.50 -35.07 -27.19
N SER B 231 4.78 -34.90 -27.50
CA SER B 231 5.26 -33.86 -28.43
C SER B 231 6.50 -34.34 -29.23
N SER B 232 6.80 -33.65 -30.33
CA SER B 232 7.96 -33.87 -31.23
C SER B 232 9.24 -33.99 -30.42
N PRO B 233 10.07 -35.01 -30.66
CA PRO B 233 11.31 -35.16 -29.91
C PRO B 233 12.44 -34.34 -30.56
N ALA B 234 13.54 -34.32 -29.86
CA ALA B 234 14.85 -33.77 -30.26
C ALA B 234 15.83 -34.92 -30.43
N ARG B 235 16.83 -34.75 -31.27
CA ARG B 235 18.06 -35.58 -31.18
C ARG B 235 19.14 -34.68 -30.60
N PHE B 236 19.74 -35.20 -29.54
CA PHE B 236 20.74 -34.53 -28.68
C PHE B 236 22.09 -34.82 -29.30
N LEU B 237 22.63 -33.84 -30.02
CA LEU B 237 23.88 -33.99 -30.78
C LEU B 237 25.03 -33.94 -29.77
N PRO B 238 26.10 -34.73 -29.99
CA PRO B 238 27.28 -34.66 -29.11
C PRO B 238 28.12 -33.42 -29.40
N ALA B 239 28.09 -32.42 -28.51
CA ALA B 239 28.79 -31.12 -28.66
C ALA B 239 30.31 -31.34 -28.72
N ASP B 240 30.81 -32.31 -27.96
CA ASP B 240 32.27 -32.52 -27.71
C ASP B 240 32.87 -33.27 -28.89
N GLU B 241 32.08 -34.12 -29.57
CA GLU B 241 32.51 -35.03 -30.66
C GLU B 241 31.81 -34.67 -31.97
N PRO B 242 31.95 -33.43 -32.48
CA PRO B 242 31.10 -32.95 -33.60
C PRO B 242 31.41 -33.50 -35.00
N GLU B 243 32.22 -34.55 -35.11
CA GLU B 243 32.42 -35.27 -36.40
C GLU B 243 31.31 -36.32 -36.53
N LEU B 244 30.71 -36.75 -35.40
CA LEU B 244 29.63 -37.76 -35.34
C LEU B 244 28.24 -37.14 -35.63
N ILE B 245 28.12 -35.80 -35.64
CA ILE B 245 26.82 -35.10 -35.83
C ILE B 245 26.29 -35.37 -37.25
N GLY B 246 27.19 -35.25 -38.25
CA GLY B 246 26.91 -35.53 -39.67
C GLY B 246 26.12 -36.81 -39.84
N LYS B 247 26.58 -37.90 -39.23
CA LYS B 247 26.05 -39.27 -39.46
C LYS B 247 24.72 -39.39 -38.70
N ILE B 248 24.64 -38.78 -37.52
CA ILE B 248 23.37 -38.80 -36.74
C ILE B 248 22.26 -38.09 -37.54
N VAL B 249 22.56 -36.96 -38.18
CA VAL B 249 21.54 -36.17 -38.93
C VAL B 249 21.19 -36.93 -40.22
N GLU B 250 22.22 -37.51 -40.85
CA GLU B 250 22.10 -38.39 -42.04
C GLU B 250 21.12 -39.55 -41.75
N ASP B 251 21.21 -40.26 -40.62
CA ASP B 251 20.25 -41.35 -40.26
C ASP B 251 18.80 -40.83 -40.20
N GLU B 252 18.59 -39.53 -39.90
CA GLU B 252 17.23 -38.97 -39.77
C GLU B 252 16.66 -38.50 -41.12
N ARG B 253 17.39 -38.63 -42.23
CA ARG B 253 16.83 -38.35 -43.57
C ARG B 253 15.53 -39.14 -43.73
N ARG B 254 14.49 -38.53 -44.28
CA ARG B 254 13.25 -39.23 -44.68
C ARG B 254 12.85 -38.72 -46.06
N SER B 255 12.18 -39.59 -46.83
CA SER B 255 11.88 -39.42 -48.27
C SER B 255 10.38 -39.36 -48.48
N VAL B 256 9.96 -38.53 -49.42
CA VAL B 256 8.68 -38.72 -50.15
C VAL B 256 8.99 -39.32 -51.53
N LEU B 257 7.96 -39.84 -52.18
CA LEU B 257 8.09 -40.52 -53.49
C LEU B 257 7.51 -39.57 -54.54
N THR B 258 8.06 -39.63 -55.75
CA THR B 258 7.46 -38.99 -56.94
C THR B 258 7.75 -39.87 -58.16
N LEU B 259 7.18 -39.49 -59.31
CA LEU B 259 7.54 -40.07 -60.64
C LEU B 259 8.50 -39.13 -61.39
N SER B 260 9.66 -39.63 -61.80
CA SER B 260 10.71 -38.90 -62.55
C SER B 260 10.71 -39.35 -64.02
N LEU B 261 10.36 -38.46 -64.98
CA LEU B 261 10.29 -38.77 -66.44
C LEU B 261 11.67 -38.89 -67.11
N LYS B 263 14.02 -39.20 -71.30
CA LYS B 263 12.59 -38.81 -71.15
C LYS B 263 11.69 -39.83 -71.86
N ASP B 264 12.06 -41.12 -71.95
CA ASP B 264 11.10 -42.20 -72.31
C ASP B 264 11.08 -43.32 -71.25
N THR B 265 11.89 -43.20 -70.20
CA THR B 265 11.83 -44.08 -68.99
C THR B 265 11.31 -43.26 -67.81
N VAL B 266 10.22 -43.71 -67.18
CA VAL B 266 9.64 -43.14 -65.93
C VAL B 266 10.04 -44.06 -64.77
N ARG B 267 10.51 -43.48 -63.67
CA ARG B 267 10.93 -44.18 -62.43
C ARG B 267 10.19 -43.57 -61.22
N VAL B 268 9.81 -44.42 -60.27
CA VAL B 268 9.52 -44.05 -58.87
C VAL B 268 10.86 -43.65 -58.24
N VAL B 269 10.95 -42.46 -57.65
CA VAL B 269 12.20 -41.98 -56.98
C VAL B 269 11.85 -41.34 -55.63
N GLU B 270 12.82 -41.43 -54.73
CA GLU B 270 12.84 -40.73 -53.43
C GLU B 270 13.27 -39.27 -53.64
N ARG B 271 12.56 -38.33 -53.02
CA ARG B 271 13.03 -36.93 -52.83
C ARG B 271 13.10 -36.64 -51.33
N ASP B 272 13.97 -35.71 -50.93
CA ASP B 272 14.20 -35.43 -49.49
C ASP B 272 12.98 -34.69 -48.93
N PHE B 273 12.56 -35.09 -47.73
CA PHE B 273 11.44 -34.47 -46.98
C PHE B 273 12.03 -33.63 -45.87
N PRO B 274 11.52 -32.40 -45.66
CA PRO B 274 11.98 -31.56 -44.54
C PRO B 274 11.46 -32.12 -43.19
N VAL B 275 12.31 -32.85 -42.45
CA VAL B 275 11.96 -33.50 -41.15
C VAL B 275 12.35 -32.54 -40.02
N VAL B 276 13.48 -31.84 -40.11
CA VAL B 276 14.03 -31.04 -38.97
C VAL B 276 13.37 -29.66 -38.99
N ALA B 277 12.54 -29.34 -37.97
CA ALA B 277 11.87 -28.02 -37.80
C ALA B 277 12.88 -26.93 -37.48
N ALA B 278 13.82 -27.20 -36.57
CA ALA B 278 14.77 -26.19 -36.05
C ALA B 278 15.92 -26.89 -35.32
N ILE B 279 17.04 -26.18 -35.27
CA ILE B 279 18.21 -26.50 -34.41
C ILE B 279 18.18 -25.48 -33.27
N PHE B 280 18.26 -25.92 -32.01
CA PHE B 280 18.39 -25.01 -30.84
C PHE B 280 19.81 -25.08 -30.28
N VAL B 281 20.31 -23.95 -29.78
CA VAL B 281 21.65 -23.89 -29.13
C VAL B 281 21.66 -22.77 -28.08
N GLU B 282 22.22 -23.08 -26.92
CA GLU B 282 22.63 -22.08 -25.89
C GLU B 282 24.10 -21.72 -26.09
N PRO B 283 24.44 -20.43 -26.21
CA PRO B 283 25.86 -20.05 -26.36
C PRO B 283 26.74 -20.55 -25.20
N VAL B 284 26.18 -20.56 -23.99
CA VAL B 284 26.80 -21.13 -22.77
C VAL B 284 25.78 -22.11 -22.23
N ARG B 285 26.19 -23.36 -22.07
CA ARG B 285 25.28 -24.49 -21.99
C ARG B 285 24.94 -24.75 -20.52
N GLY B 286 23.87 -24.10 -20.03
CA GLY B 286 23.37 -24.14 -18.63
C GLY B 286 23.24 -25.56 -18.12
N GLY B 287 22.50 -26.44 -18.83
CA GLY B 287 22.25 -27.82 -18.39
C GLY B 287 23.50 -28.69 -18.46
N SER B 288 24.60 -28.16 -19.00
CA SER B 288 25.89 -28.87 -19.23
C SER B 288 26.97 -28.41 -18.26
N GLY B 289 26.64 -27.52 -17.31
CA GLY B 289 27.60 -26.95 -16.35
C GLY B 289 28.31 -25.73 -16.92
N MET B 290 27.61 -24.92 -17.71
CA MET B 290 28.07 -23.58 -18.21
C MET B 290 29.21 -23.74 -19.24
N LYS B 291 29.22 -24.81 -20.04
CA LYS B 291 30.25 -24.98 -21.10
C LYS B 291 29.92 -24.04 -22.26
N THR B 292 30.91 -23.26 -22.69
CA THR B 292 30.77 -22.37 -23.88
C THR B 292 30.81 -23.24 -25.15
N VAL B 293 29.95 -22.94 -26.12
CA VAL B 293 30.02 -23.46 -27.51
C VAL B 293 31.39 -23.09 -28.10
N THR B 294 32.17 -24.11 -28.49
CA THR B 294 33.51 -24.00 -29.12
C THR B 294 33.35 -23.50 -30.56
N PRO B 295 34.38 -22.90 -31.19
CA PRO B 295 34.27 -22.49 -32.60
C PRO B 295 33.95 -23.63 -33.57
N GLU B 296 34.54 -24.83 -33.34
CA GLU B 296 34.28 -26.05 -34.15
C GLU B 296 32.80 -26.45 -34.08
N LEU B 297 32.20 -26.40 -32.92
CA LEU B 297 30.76 -26.73 -32.79
C LEU B 297 29.88 -25.68 -33.49
N ALA B 298 30.21 -24.40 -33.33
CA ALA B 298 29.49 -23.28 -34.00
C ALA B 298 29.51 -23.52 -35.52
N GLU B 299 30.67 -23.88 -36.06
CA GLU B 299 30.80 -24.07 -37.53
C GLU B 299 29.94 -25.30 -37.91
N GLU B 300 29.84 -26.32 -37.06
CA GLU B 300 29.01 -27.50 -37.39
C GLU B 300 27.51 -27.12 -37.37
N LEU B 301 27.07 -26.25 -36.46
CA LEU B 301 25.65 -25.81 -36.38
C LEU B 301 25.32 -24.94 -37.60
N HIS B 302 26.24 -24.06 -37.99
CA HIS B 302 26.15 -23.27 -39.24
C HIS B 302 25.96 -24.21 -40.43
N ARG B 303 26.80 -25.24 -40.57
CA ARG B 303 26.73 -26.24 -41.68
C ARG B 303 25.33 -26.87 -41.71
N LEU B 304 24.85 -27.35 -40.56
CA LEU B 304 23.55 -28.07 -40.46
C LEU B 304 22.40 -27.14 -40.89
N ARG B 305 22.43 -25.88 -40.43
CA ARG B 305 21.40 -24.87 -40.76
C ARG B 305 21.42 -24.59 -42.27
N ASP B 306 22.59 -24.34 -42.85
CA ASP B 306 22.75 -24.10 -44.32
C ASP B 306 22.29 -25.36 -45.07
N THR B 307 22.63 -26.56 -44.58
CA THR B 307 22.33 -27.83 -45.28
C THR B 307 20.84 -28.17 -45.24
N LEU B 308 20.16 -28.07 -44.08
CA LEU B 308 18.76 -28.56 -43.89
C LEU B 308 17.78 -27.47 -44.27
N GLY B 309 18.18 -26.20 -44.12
CA GLY B 309 17.38 -25.03 -44.50
C GLY B 309 16.34 -24.70 -43.45
N CYS B 310 16.42 -25.32 -42.27
CA CYS B 310 15.64 -24.96 -41.04
C CYS B 310 16.39 -23.87 -40.27
N PRO B 311 15.72 -23.03 -39.45
CA PRO B 311 16.43 -22.01 -38.70
C PRO B 311 17.26 -22.58 -37.56
N LEU B 312 18.36 -21.90 -37.25
CA LEU B 312 19.17 -22.11 -36.03
C LEU B 312 18.66 -21.12 -34.96
N VAL B 313 18.08 -21.64 -33.87
CA VAL B 313 17.47 -20.79 -32.82
C VAL B 313 18.46 -20.70 -31.67
N VAL B 314 18.92 -19.47 -31.37
CA VAL B 314 19.88 -19.18 -30.27
C VAL B 314 19.11 -18.77 -29.02
N ASP B 315 19.11 -19.65 -28.03
CA ASP B 315 18.45 -19.49 -26.73
C ASP B 315 19.41 -18.68 -25.86
N GLU B 316 19.15 -17.37 -25.72
CA GLU B 316 19.91 -16.44 -24.84
C GLU B 316 19.03 -16.06 -23.65
N VAL B 317 18.07 -16.93 -23.31
CA VAL B 317 17.23 -16.76 -22.10
C VAL B 317 18.16 -16.53 -20.89
N GLN B 318 19.26 -17.28 -20.78
CA GLN B 318 20.20 -17.16 -19.64
C GLN B 318 21.45 -16.32 -20.00
N THR B 319 21.99 -16.44 -21.23
CA THR B 319 23.25 -15.77 -21.64
C THR B 319 23.05 -14.31 -22.07
N GLY B 320 21.80 -13.87 -22.30
CA GLY B 320 21.47 -12.50 -22.77
C GLY B 320 21.55 -11.41 -21.71
N ILE B 321 21.37 -10.16 -22.16
CA ILE B 321 21.32 -8.93 -21.34
C ILE B 321 22.57 -8.87 -20.48
N GLY B 322 23.74 -9.18 -21.06
CA GLY B 322 25.04 -8.70 -20.57
C GLY B 322 25.79 -9.74 -19.75
N ARG B 323 25.15 -10.84 -19.43
CA ARG B 323 25.72 -11.88 -18.52
C ARG B 323 27.14 -12.26 -18.98
N THR B 324 27.39 -12.35 -20.29
CA THR B 324 28.65 -12.95 -20.82
C THR B 324 29.73 -11.88 -21.02
N GLY B 325 29.40 -10.60 -20.89
CA GLY B 325 30.35 -9.49 -21.12
C GLY B 325 30.08 -8.80 -22.45
N ALA B 326 29.11 -9.30 -23.20
CA ALA B 326 28.42 -8.61 -24.30
C ALA B 326 26.91 -8.69 -24.02
N PHE B 327 26.08 -7.96 -24.75
CA PHE B 327 24.62 -8.11 -24.61
C PHE B 327 24.22 -9.52 -25.01
N PHE B 328 24.64 -9.94 -26.21
CA PHE B 328 24.41 -11.29 -26.79
C PHE B 328 25.69 -12.12 -26.69
N GLY B 329 25.60 -13.25 -26.01
CA GLY B 329 26.68 -14.25 -25.94
C GLY B 329 26.95 -14.90 -27.31
N SER B 330 25.91 -15.03 -28.14
CA SER B 330 26.02 -15.45 -29.57
C SER B 330 26.96 -14.51 -30.35
N ALA B 331 26.92 -13.20 -30.10
CA ALA B 331 27.80 -12.22 -30.76
C ALA B 331 29.24 -12.45 -30.30
N LEU B 332 29.43 -12.65 -29.00
CA LEU B 332 30.75 -12.88 -28.36
C LEU B 332 31.38 -14.14 -28.93
N LEU B 333 30.64 -15.23 -29.10
CA LEU B 333 31.18 -16.55 -29.51
C LEU B 333 31.01 -16.82 -31.03
N GLY B 334 30.55 -15.84 -31.82
CA GLY B 334 30.36 -15.97 -33.28
C GLY B 334 29.34 -17.03 -33.68
N ILE B 335 28.21 -17.15 -32.95
CA ILE B 335 27.06 -18.00 -33.38
C ILE B 335 26.07 -17.14 -34.17
N ARG B 336 25.86 -17.49 -35.44
CA ARG B 336 25.05 -16.71 -36.40
C ARG B 336 23.68 -17.38 -36.45
N GLY B 337 22.78 -16.93 -35.59
CA GLY B 337 21.42 -17.48 -35.48
C GLY B 337 20.47 -16.85 -36.48
N ASP B 338 19.37 -17.54 -36.76
CA ASP B 338 18.20 -17.01 -37.50
C ASP B 338 17.17 -16.37 -36.54
N TYR B 339 16.95 -17.01 -35.39
CA TYR B 339 16.01 -16.60 -34.33
C TYR B 339 16.81 -16.54 -33.03
N TYR B 340 16.45 -15.63 -32.15
CA TYR B 340 17.06 -15.46 -30.81
C TYR B 340 15.96 -15.33 -29.76
N THR B 341 16.19 -15.86 -28.56
CA THR B 341 15.22 -15.72 -27.44
C THR B 341 15.92 -15.11 -26.25
N LEU B 342 15.21 -14.23 -25.59
CA LEU B 342 15.66 -13.56 -24.33
C LEU B 342 14.55 -13.71 -23.27
N ALA B 343 14.92 -13.71 -22.00
CA ALA B 343 13.96 -13.71 -20.88
C ALA B 343 14.60 -13.17 -19.58
N LYS B 344 15.37 -13.96 -18.86
CA LYS B 344 15.67 -13.76 -17.43
C LYS B 344 15.84 -12.28 -17.02
N ALA B 345 16.93 -11.60 -17.38
CA ALA B 345 17.26 -10.27 -16.81
C ALA B 345 16.31 -9.16 -17.31
N ILE B 346 15.52 -9.42 -18.36
CA ILE B 346 14.72 -8.36 -19.04
C ILE B 346 13.53 -7.88 -18.18
N GLY B 347 13.13 -8.69 -17.20
CA GLY B 347 12.09 -8.34 -16.22
C GLY B 347 12.62 -7.53 -15.05
N GLY B 348 13.90 -7.17 -15.05
CA GLY B 348 14.52 -6.30 -14.02
C GLY B 348 14.56 -6.97 -12.65
N GLY B 349 14.39 -8.29 -12.59
CA GLY B 349 14.30 -9.08 -11.36
C GLY B 349 12.93 -8.94 -10.69
N ILE B 350 11.98 -8.24 -11.30
CA ILE B 350 10.69 -7.96 -10.65
C ILE B 350 9.49 -8.42 -11.45
N VAL B 351 9.52 -8.39 -12.78
CA VAL B 351 8.35 -8.86 -13.59
C VAL B 351 8.82 -9.96 -14.55
N LYS B 352 7.89 -10.48 -15.33
CA LYS B 352 8.05 -11.63 -16.23
C LYS B 352 7.80 -11.15 -17.65
N ASN B 353 8.76 -11.43 -18.53
CA ASN B 353 8.77 -10.95 -19.92
C ASN B 353 9.79 -11.79 -20.70
N SER B 354 9.52 -12.00 -21.99
CA SER B 354 10.42 -12.73 -22.89
C SER B 354 10.15 -12.28 -24.31
N VAL B 355 11.11 -12.54 -25.19
CA VAL B 355 10.98 -12.08 -26.58
C VAL B 355 11.67 -13.10 -27.46
N ALA B 356 11.06 -13.38 -28.60
CA ALA B 356 11.61 -14.11 -29.74
C ALA B 356 11.93 -13.03 -30.78
N LEU B 357 13.18 -12.99 -31.24
CA LEU B 357 13.61 -12.21 -32.42
C LEU B 357 13.74 -13.17 -33.60
N ILE B 358 12.99 -12.92 -34.68
CA ILE B 358 12.98 -13.77 -35.90
C ILE B 358 13.43 -12.92 -37.09
N ARG B 359 14.43 -13.38 -37.85
CA ARG B 359 15.03 -12.57 -38.94
C ARG B 359 13.90 -12.22 -39.91
N GLN B 360 13.78 -10.93 -40.25
CA GLN B 360 12.62 -10.41 -41.03
C GLN B 360 12.54 -11.07 -42.41
N ASP B 361 13.65 -11.45 -43.04
CA ASP B 361 13.58 -12.13 -44.36
C ASP B 361 13.09 -13.58 -44.20
N ARG B 362 12.92 -14.11 -43.00
CA ARG B 362 12.28 -15.45 -42.81
C ARG B 362 10.89 -15.30 -42.19
N PHE B 363 10.56 -14.15 -41.63
CA PHE B 363 9.38 -13.95 -40.76
C PHE B 363 8.08 -14.04 -41.57
N LEU B 364 7.17 -14.92 -41.16
CA LEU B 364 5.90 -15.20 -41.89
C LEU B 364 4.82 -14.37 -41.19
N PRO B 365 4.27 -13.35 -41.88
CA PRO B 365 3.43 -12.35 -41.24
C PRO B 365 2.17 -12.94 -40.59
N ALA B 366 1.70 -14.11 -41.02
CA ALA B 366 0.59 -14.84 -40.38
C ALA B 366 0.88 -15.02 -38.87
N MET B 367 2.14 -15.24 -38.50
CA MET B 367 2.55 -15.41 -37.09
C MET B 367 2.08 -14.23 -36.23
N GLU B 368 1.99 -13.02 -36.78
CA GLU B 368 1.63 -11.80 -36.00
C GLU B 368 0.15 -11.83 -35.62
N VAL B 369 -0.69 -12.58 -36.35
CA VAL B 369 -2.17 -12.57 -36.16
C VAL B 369 -2.68 -13.95 -35.72
N ILE B 370 -1.93 -15.04 -35.92
CA ILE B 370 -2.38 -16.38 -35.43
C ILE B 370 -1.78 -16.67 -34.07
N HIS B 371 -0.70 -16.01 -33.67
CA HIS B 371 -0.07 -16.21 -32.33
C HIS B 371 -0.48 -15.04 -31.44
N SER B 372 -0.77 -15.32 -30.18
CA SER B 372 -1.10 -14.32 -29.13
C SER B 372 -1.06 -14.98 -27.75
N SER B 373 -1.24 -14.19 -26.71
CA SER B 373 -1.13 -14.56 -25.27
C SER B 373 -1.79 -13.40 -24.50
N THR B 374 -2.58 -13.66 -23.47
CA THR B 374 -3.27 -12.62 -22.69
C THR B 374 -2.25 -11.63 -22.15
N PHE B 375 -1.17 -12.12 -21.52
CA PHE B 375 -0.27 -11.28 -20.67
C PHE B 375 0.90 -10.72 -21.48
N ALA B 376 1.16 -11.22 -22.68
CA ALA B 376 2.35 -10.83 -23.49
C ALA B 376 2.22 -9.38 -23.96
N LYS B 377 3.35 -8.68 -23.97
CA LYS B 377 3.40 -7.29 -24.46
C LYS B 377 2.62 -6.35 -23.50
N ASP B 378 2.41 -6.75 -22.26
CA ASP B 378 1.73 -5.93 -21.23
C ASP B 378 2.55 -4.64 -21.00
N GLY B 379 1.88 -3.57 -20.60
CA GLY B 379 2.49 -2.23 -20.48
C GLY B 379 3.53 -2.15 -19.38
N LEU B 380 3.34 -2.87 -18.28
CA LEU B 380 4.23 -2.81 -17.12
C LEU B 380 5.58 -3.45 -17.48
N SER B 381 5.60 -4.68 -18.00
CA SER B 381 6.88 -5.36 -18.33
C SER B 381 7.53 -4.66 -19.52
N ALA B 382 6.74 -4.04 -20.41
CA ALA B 382 7.26 -3.24 -21.56
C ALA B 382 8.09 -2.05 -21.05
N SER B 383 7.55 -1.29 -20.09
CA SER B 383 8.20 -0.11 -19.46
C SER B 383 9.50 -0.55 -18.77
N ILE B 384 9.43 -1.63 -17.99
CA ILE B 384 10.58 -2.14 -17.21
C ILE B 384 11.64 -2.67 -18.16
N ALA B 385 11.24 -3.34 -19.25
CA ALA B 385 12.19 -3.73 -20.33
C ALA B 385 12.97 -2.50 -20.80
N LEU B 386 12.28 -1.41 -21.12
CA LEU B 386 12.96 -0.20 -21.68
C LEU B 386 13.91 0.37 -20.63
N LYS B 387 13.57 0.24 -19.35
CA LYS B 387 14.46 0.74 -18.26
C LYS B 387 15.70 -0.17 -18.19
N VAL B 388 15.50 -1.49 -18.20
CA VAL B 388 16.61 -2.47 -18.11
C VAL B 388 17.58 -2.21 -19.27
N LEU B 389 17.06 -1.97 -20.49
CA LEU B 389 17.87 -1.75 -21.72
C LEU B 389 18.62 -0.42 -21.59
N GLU B 390 17.99 0.62 -21.06
CA GLU B 390 18.69 1.89 -20.76
C GLU B 390 19.88 1.59 -19.83
N MET B 391 19.66 0.86 -18.73
CA MET B 391 20.70 0.64 -17.70
C MET B 391 21.87 -0.16 -18.28
N VAL B 392 21.62 -1.18 -19.08
CA VAL B 392 22.68 -2.10 -19.55
C VAL B 392 23.50 -1.40 -20.63
N GLU B 393 22.90 -0.46 -21.37
CA GLU B 393 23.52 0.34 -22.46
C GLU B 393 24.18 1.63 -21.93
N ALA B 394 23.97 2.03 -20.67
CA ALA B 394 24.37 3.36 -20.14
C ALA B 394 25.88 3.55 -20.22
N ASP B 395 26.30 4.81 -20.43
CA ASP B 395 27.67 5.32 -20.23
C ASP B 395 28.60 4.62 -21.21
N GLY B 396 28.20 4.60 -22.48
CA GLY B 396 29.02 4.11 -23.60
C GLY B 396 29.48 2.68 -23.39
N GLY B 397 28.64 1.84 -22.75
CA GLY B 397 28.86 0.38 -22.63
C GLY B 397 29.77 0.00 -21.47
N ARG B 398 29.83 0.81 -20.41
CA ARG B 398 30.72 0.55 -19.25
C ARG B 398 30.15 -0.63 -18.45
N VAL B 399 28.85 -0.91 -18.58
CA VAL B 399 28.23 -2.03 -17.81
C VAL B 399 28.81 -3.35 -18.31
N TYR B 400 28.98 -3.52 -19.63
CA TYR B 400 29.57 -4.75 -20.23
C TYR B 400 31.00 -4.91 -19.71
N GLN B 401 31.75 -3.79 -19.69
CA GLN B 401 33.15 -3.73 -19.18
C GLN B 401 33.16 -4.17 -17.70
N ARG B 402 32.16 -3.76 -16.93
CA ARG B 402 32.09 -4.12 -15.50
C ARG B 402 31.83 -5.62 -15.36
N VAL B 403 30.93 -6.19 -16.16
CA VAL B 403 30.68 -7.67 -16.18
C VAL B 403 31.98 -8.42 -16.49
N ARG B 404 32.67 -8.03 -17.56
CA ARG B 404 33.94 -8.66 -18.00
C ARG B 404 34.93 -8.61 -16.84
N GLU B 405 35.07 -7.45 -16.19
CA GLU B 405 36.08 -7.23 -15.10
C GLU B 405 35.67 -8.01 -13.87
N ARG B 406 34.38 -7.99 -13.48
CA ARG B 406 33.86 -8.80 -12.33
C ARG B 406 33.98 -10.31 -12.67
N GLY B 407 33.63 -10.72 -13.89
CA GLY B 407 33.77 -12.13 -14.35
C GLY B 407 35.20 -12.66 -14.22
N GLN B 408 36.19 -11.87 -14.68
CA GLN B 408 37.63 -12.22 -14.62
C GLN B 408 38.03 -12.43 -13.16
N ARG B 409 37.66 -11.50 -12.28
CA ARG B 409 38.01 -11.56 -10.84
C ARG B 409 37.41 -12.85 -10.27
N LEU B 410 36.15 -13.19 -10.58
CA LEU B 410 35.44 -14.36 -9.99
C LEU B 410 36.01 -15.65 -10.61
N GLU B 411 36.19 -15.69 -11.93
CA GLU B 411 36.81 -16.84 -12.63
C GLU B 411 38.23 -17.10 -12.04
N ALA B 412 39.10 -16.08 -11.90
CA ALA B 412 40.47 -16.20 -11.35
C ALA B 412 40.40 -16.82 -9.95
N MET B 413 39.44 -16.40 -9.14
CA MET B 413 39.27 -16.95 -7.78
C MET B 413 38.89 -18.43 -7.89
N LEU B 414 38.01 -18.79 -8.82
CA LEU B 414 37.51 -20.19 -8.91
C LEU B 414 38.65 -21.08 -9.41
N GLU B 415 39.48 -20.54 -10.30
CA GLU B 415 40.70 -21.18 -10.87
C GLU B 415 41.71 -21.40 -9.75
N SER B 416 41.93 -20.38 -8.91
CA SER B 416 42.87 -20.48 -7.77
C SER B 416 42.36 -21.57 -6.81
N VAL B 417 41.06 -21.75 -6.67
CA VAL B 417 40.48 -22.80 -5.78
C VAL B 417 40.64 -24.17 -6.45
N ARG B 418 40.34 -24.27 -7.74
CA ARG B 418 40.50 -25.55 -8.50
C ARG B 418 41.94 -26.06 -8.34
N ALA B 419 42.92 -25.18 -8.58
CA ALA B 419 44.38 -25.50 -8.62
C ALA B 419 44.80 -26.17 -7.31
N ASP B 420 44.23 -25.73 -6.15
CA ASP B 420 44.59 -26.22 -4.79
C ASP B 420 43.61 -27.32 -4.35
N HIS B 421 42.58 -27.62 -5.16
CA HIS B 421 41.52 -28.60 -4.78
C HIS B 421 41.14 -29.47 -5.99
N SER B 422 42.10 -29.72 -6.88
CA SER B 422 41.94 -30.52 -8.12
C SER B 422 41.56 -31.98 -7.80
N ASP B 423 41.72 -32.42 -6.55
CA ASP B 423 41.28 -33.78 -6.14
C ASP B 423 39.76 -33.88 -6.10
N VAL B 424 39.02 -32.79 -5.93
CA VAL B 424 37.52 -32.81 -5.87
C VAL B 424 36.88 -31.85 -6.87
N VAL B 425 37.66 -30.93 -7.47
CA VAL B 425 37.21 -29.98 -8.53
C VAL B 425 37.92 -30.32 -9.85
N SER B 426 37.18 -30.71 -10.88
CA SER B 426 37.72 -31.17 -12.19
C SER B 426 37.85 -30.02 -13.20
N ALA B 427 37.12 -28.90 -13.08
CA ALA B 427 37.19 -27.77 -14.04
C ALA B 427 36.40 -26.52 -13.58
N VAL B 428 36.75 -25.38 -14.17
CA VAL B 428 36.00 -24.09 -14.23
C VAL B 428 35.49 -23.91 -15.67
N TRP B 429 34.19 -23.69 -15.82
CA TRP B 429 33.48 -23.50 -17.13
C TRP B 429 32.77 -22.16 -17.13
N GLY B 430 32.59 -21.57 -18.32
CA GLY B 430 31.68 -20.44 -18.55
C GLY B 430 32.42 -19.17 -18.92
N THR B 431 31.72 -18.05 -18.95
CA THR B 431 32.34 -16.78 -19.38
C THR B 431 31.53 -15.63 -18.76
N GLY B 432 32.13 -14.46 -18.67
CA GLY B 432 31.54 -13.30 -18.00
C GLY B 432 31.14 -13.65 -16.58
N LEU B 433 29.86 -13.43 -16.24
CA LEU B 433 29.39 -13.73 -14.87
C LEU B 433 28.49 -14.96 -14.89
N MET B 434 28.79 -15.90 -15.78
CA MET B 434 28.05 -17.17 -15.89
C MET B 434 29.05 -18.30 -15.82
N LEU B 435 29.42 -18.68 -14.60
CA LEU B 435 30.55 -19.59 -14.31
C LEU B 435 30.05 -20.79 -13.50
N ALA B 436 30.86 -21.86 -13.45
CA ALA B 436 30.56 -23.06 -12.64
C ALA B 436 31.88 -23.77 -12.31
N LEU B 437 31.90 -24.48 -11.17
CA LEU B 437 32.94 -25.48 -10.85
C LEU B 437 32.34 -26.82 -11.23
N GLU B 438 33.12 -27.68 -11.89
CA GLU B 438 32.74 -29.11 -12.08
C GLU B 438 33.27 -29.90 -10.88
N LEU B 439 32.41 -30.63 -10.19
CA LEU B 439 32.77 -31.58 -9.09
C LEU B 439 33.17 -32.94 -9.67
N ARG B 440 34.29 -33.48 -9.18
CA ARG B 440 34.66 -34.92 -9.40
C ARG B 440 33.58 -35.82 -8.82
N ASP B 441 33.31 -36.93 -9.49
CA ASP B 441 32.35 -37.97 -9.07
C ASP B 441 32.75 -38.40 -7.66
N GLN B 442 31.78 -38.55 -6.78
CA GLN B 442 31.99 -38.99 -5.38
C GLN B 442 31.20 -40.30 -5.15
N SER B 443 30.90 -41.04 -6.21
CA SER B 443 30.16 -42.32 -6.07
C SER B 443 31.02 -43.38 -5.35
N ASN B 444 32.34 -43.23 -5.32
CA ASN B 444 33.30 -44.17 -4.67
C ASN B 444 33.81 -43.63 -3.34
N ALA B 445 33.07 -42.71 -2.73
CA ALA B 445 33.51 -41.93 -1.55
C ALA B 445 33.59 -42.87 -0.36
N THR B 446 34.66 -42.74 0.43
CA THR B 446 34.90 -43.45 1.71
C THR B 446 33.64 -43.37 2.57
N SER B 447 33.23 -42.13 2.88
CA SER B 447 32.05 -41.81 3.72
C SER B 447 30.78 -42.36 3.06
N GLN B 448 30.03 -43.17 3.80
CA GLN B 448 28.72 -43.73 3.37
C GLN B 448 27.81 -42.56 2.97
N ALA B 449 27.71 -41.52 3.83
CA ALA B 449 26.66 -40.48 3.71
C ALA B 449 26.90 -39.67 2.44
N ILE B 450 28.15 -39.29 2.20
CA ILE B 450 28.56 -38.59 0.95
C ILE B 450 28.24 -39.50 -0.26
N ARG B 451 28.60 -40.78 -0.16
CA ARG B 451 28.52 -41.77 -1.27
C ARG B 451 27.05 -41.96 -1.65
N GLU B 452 26.17 -42.12 -0.66
CA GLU B 452 24.72 -42.33 -0.86
C GLU B 452 24.17 -41.09 -1.58
N LYS B 453 24.56 -39.89 -1.14
CA LYS B 453 24.08 -38.62 -1.75
C LYS B 453 24.61 -38.52 -3.19
N ALA B 454 25.87 -38.84 -3.43
CA ALA B 454 26.42 -38.82 -4.82
C ALA B 454 25.61 -39.81 -5.68
N ALA B 455 25.21 -40.93 -5.11
CA ALA B 455 24.56 -42.05 -5.84
C ALA B 455 23.17 -41.59 -6.31
N HIS B 456 22.44 -40.85 -5.48
CA HIS B 456 21.07 -40.35 -5.80
C HIS B 456 21.13 -39.09 -6.69
N GLY B 457 22.33 -38.57 -7.00
CA GLY B 457 22.56 -37.38 -7.84
C GLY B 457 22.40 -36.06 -7.07
N PHE B 458 22.53 -36.12 -5.73
CA PHE B 458 22.20 -35.01 -4.79
C PHE B 458 23.46 -34.33 -4.25
N LEU B 459 24.65 -34.64 -4.76
CA LEU B 459 25.92 -34.15 -4.14
C LEU B 459 25.97 -32.63 -4.09
N GLY B 460 25.86 -31.97 -5.24
CA GLY B 460 25.89 -30.51 -5.38
C GLY B 460 24.92 -29.83 -4.42
N TYR B 461 23.73 -30.39 -4.24
CA TYR B 461 22.70 -29.85 -3.31
C TYR B 461 23.25 -29.87 -1.88
N VAL B 462 23.89 -30.97 -1.50
CA VAL B 462 24.40 -31.20 -0.12
C VAL B 462 25.53 -30.21 0.15
N LEU B 463 26.44 -30.08 -0.81
CA LEU B 463 27.59 -29.14 -0.71
C LEU B 463 27.04 -27.71 -0.57
N ALA B 464 25.92 -27.40 -1.22
CA ALA B 464 25.25 -26.09 -1.18
C ALA B 464 24.70 -25.85 0.23
N GLY B 465 24.09 -26.86 0.85
CA GLY B 465 23.69 -26.81 2.28
C GLY B 465 24.88 -26.43 3.18
N PHE B 466 26.03 -27.07 2.98
CA PHE B 466 27.23 -26.76 3.77
C PHE B 466 27.53 -25.27 3.62
N LEU B 467 27.62 -24.79 2.38
CA LEU B 467 27.96 -23.38 2.07
C LEU B 467 26.93 -22.45 2.73
N LEU B 468 25.65 -22.84 2.79
CA LEU B 468 24.59 -22.01 3.43
C LEU B 468 24.82 -21.95 4.96
N ARG B 469 24.88 -23.09 5.65
CA ARG B 469 24.82 -23.13 7.14
C ARG B 469 26.16 -22.70 7.75
N GLU B 470 27.29 -22.84 7.04
CA GLU B 470 28.64 -22.62 7.62
C GLU B 470 29.27 -21.31 7.09
N HIS B 471 28.88 -20.79 5.94
CA HIS B 471 29.53 -19.57 5.41
C HIS B 471 28.50 -18.54 4.96
N HIS B 472 27.21 -18.84 5.13
CA HIS B 472 26.10 -17.91 4.77
C HIS B 472 26.25 -17.54 3.29
N ILE B 473 26.47 -18.54 2.43
CA ILE B 473 26.50 -18.34 0.95
C ILE B 473 25.48 -19.27 0.28
N ARG B 474 24.61 -18.67 -0.54
CA ARG B 474 23.62 -19.37 -1.39
C ARG B 474 24.27 -19.68 -2.74
N VAL B 475 24.53 -20.97 -2.95
CA VAL B 475 24.91 -21.55 -4.27
C VAL B 475 23.83 -22.61 -4.59
N LEU B 476 23.47 -22.75 -5.87
CA LEU B 476 22.66 -23.88 -6.34
C LEU B 476 23.47 -24.65 -7.37
N PRO B 477 23.27 -25.97 -7.43
CA PRO B 477 23.99 -26.78 -8.40
C PRO B 477 23.38 -26.60 -9.79
N ALA B 478 24.14 -26.98 -10.81
CA ALA B 478 23.65 -27.12 -12.19
C ALA B 478 23.98 -28.53 -12.68
N GLY B 479 23.49 -28.86 -13.86
CA GLY B 479 23.88 -30.09 -14.56
C GLY B 479 23.08 -31.27 -14.07
N PRO B 480 23.14 -32.41 -14.79
CA PRO B 480 22.14 -33.47 -14.68
C PRO B 480 22.15 -34.27 -13.36
N ARG B 481 23.31 -34.37 -12.69
CA ARG B 481 23.45 -35.12 -11.41
C ARG B 481 23.98 -34.14 -10.37
N SER B 482 23.55 -32.88 -10.45
CA SER B 482 24.00 -31.78 -9.56
C SER B 482 25.52 -31.87 -9.40
N GLY B 483 26.22 -32.15 -10.51
CA GLY B 483 27.68 -32.35 -10.54
C GLY B 483 28.43 -31.06 -10.79
N PHE B 484 27.76 -29.92 -10.80
CA PHE B 484 28.38 -28.59 -10.98
C PHE B 484 27.81 -27.60 -9.96
N LEU B 485 28.62 -26.62 -9.54
CA LEU B 485 28.22 -25.51 -8.66
C LEU B 485 28.17 -24.23 -9.51
N ARG B 486 27.05 -23.52 -9.46
CA ARG B 486 26.77 -22.31 -10.27
C ARG B 486 27.30 -21.08 -9.53
N PHE B 487 27.91 -20.15 -10.25
CA PHE B 487 28.30 -18.81 -9.76
C PHE B 487 27.80 -17.83 -10.79
N SER B 488 26.60 -17.27 -10.60
CA SER B 488 26.02 -16.24 -11.51
C SER B 488 25.51 -15.05 -10.69
N PRO B 489 26.39 -14.35 -9.93
CA PRO B 489 25.96 -13.18 -9.14
C PRO B 489 25.74 -11.93 -10.00
N SER B 490 25.28 -10.84 -9.39
CA SER B 490 25.11 -9.53 -10.05
C SER B 490 26.48 -8.90 -10.32
N LEU B 491 26.52 -7.91 -11.21
CA LEU B 491 27.73 -7.16 -11.57
C LEU B 491 28.21 -6.28 -10.40
N TYR B 492 27.47 -6.19 -9.29
CA TYR B 492 27.86 -5.40 -8.09
C TYR B 492 28.60 -6.29 -7.09
N ILE B 493 28.78 -7.58 -7.36
CA ILE B 493 29.58 -8.47 -6.46
C ILE B 493 30.88 -7.72 -6.10
N THR B 494 31.16 -7.57 -4.81
CA THR B 494 32.36 -6.85 -4.30
C THR B 494 33.56 -7.80 -4.19
N ASP B 495 34.77 -7.24 -4.19
CA ASP B 495 36.04 -7.98 -3.91
C ASP B 495 35.89 -8.78 -2.61
N GLU B 496 35.27 -8.21 -1.57
CA GLU B 496 35.20 -8.89 -0.25
C GLU B 496 34.21 -10.05 -0.31
N GLU B 497 33.15 -9.97 -1.11
CA GLU B 497 32.19 -11.10 -1.34
C GLU B 497 32.88 -12.22 -2.12
N ILE B 498 33.72 -11.88 -3.07
CA ILE B 498 34.52 -12.90 -3.83
C ILE B 498 35.49 -13.59 -2.85
N ASP B 499 36.18 -12.83 -1.98
CA ASP B 499 37.11 -13.39 -0.96
C ASP B 499 36.33 -14.29 0.00
N ARG B 500 35.14 -13.87 0.47
CA ARG B 500 34.32 -14.72 1.40
C ARG B 500 33.91 -16.04 0.72
N THR B 501 33.63 -16.01 -0.59
CA THR B 501 33.28 -17.21 -1.40
C THR B 501 34.48 -18.14 -1.46
N GLU B 502 35.66 -17.57 -1.73
CA GLU B 502 36.95 -18.33 -1.75
C GLU B 502 37.12 -19.10 -0.43
N THR B 503 37.06 -18.40 0.70
CA THR B 503 37.20 -18.98 2.07
C THR B 503 36.19 -20.12 2.23
N ALA B 504 34.94 -19.88 1.85
CA ALA B 504 33.83 -20.85 1.99
C ALA B 504 34.16 -22.11 1.18
N LEU B 505 34.73 -21.94 -0.03
CA LEU B 505 34.97 -23.04 -1.00
C LEU B 505 36.21 -23.85 -0.54
N ARG B 506 37.30 -23.18 -0.11
CA ARG B 506 38.47 -23.87 0.50
C ARG B 506 37.95 -24.71 1.67
N SER B 507 37.13 -24.11 2.53
CA SER B 507 36.53 -24.83 3.69
C SER B 507 35.78 -26.07 3.17
N LEU B 508 34.82 -25.88 2.27
CA LEU B 508 33.96 -26.95 1.68
C LEU B 508 34.85 -28.05 1.07
N PHE B 509 35.81 -27.70 0.22
CA PHE B 509 36.60 -28.69 -0.55
C PHE B 509 37.64 -29.36 0.35
N THR B 510 38.05 -28.75 1.47
CA THR B 510 38.94 -29.39 2.48
C THR B 510 38.11 -30.43 3.24
N ALA B 511 36.91 -30.05 3.69
CA ALA B 511 35.93 -31.00 4.28
C ALA B 511 35.70 -32.18 3.32
N LEU B 512 35.62 -31.94 2.00
CA LEU B 512 35.29 -33.02 1.03
C LEU B 512 36.52 -33.93 0.88
N ARG B 513 37.71 -33.36 0.69
CA ARG B 513 39.01 -34.10 0.71
C ARG B 513 39.07 -35.04 1.92
N ASP B 514 38.66 -34.59 3.11
CA ASP B 514 38.74 -35.30 4.41
C ASP B 514 37.61 -36.31 4.57
N GLN B 515 36.67 -36.35 3.63
CA GLN B 515 35.47 -37.25 3.65
C GLN B 515 34.68 -37.10 4.97
N ASP B 516 34.47 -35.85 5.40
CA ASP B 516 33.79 -35.51 6.68
C ASP B 516 32.27 -35.50 6.47
N GLY B 517 31.69 -36.68 6.27
CA GLY B 517 30.25 -36.91 6.11
C GLY B 517 29.40 -36.35 7.24
N ASP B 518 29.89 -36.30 8.49
CA ASP B 518 29.10 -35.80 9.64
C ASP B 518 28.88 -34.29 9.49
N ARG B 519 29.85 -33.61 8.89
CA ARG B 519 29.87 -32.14 8.75
C ARG B 519 29.10 -31.71 7.49
N LEU B 520 29.13 -32.53 6.42
CA LEU B 520 28.60 -32.19 5.07
C LEU B 520 27.13 -32.61 4.92
N VAL B 521 26.76 -33.77 5.46
CA VAL B 521 25.39 -34.37 5.35
C VAL B 521 24.73 -34.36 6.72
N LEU B 522 23.52 -33.79 6.86
CA LEU B 522 22.81 -33.58 8.16
C LEU B 522 22.45 -34.92 8.82
N GLY C 6 26.01 22.50 4.77
CA GLY C 6 25.22 23.76 4.49
C GLY C 6 24.21 23.60 3.36
N GLU C 7 23.71 22.38 3.13
CA GLU C 7 22.63 22.13 2.12
C GLU C 7 21.30 22.57 2.70
N PRO C 8 20.32 22.94 1.83
CA PRO C 8 18.98 23.33 2.30
C PRO C 8 18.37 22.23 3.19
N VAL C 9 17.87 22.65 4.36
CA VAL C 9 17.17 21.79 5.32
C VAL C 9 15.81 22.47 5.62
N TYR C 10 14.76 21.67 5.83
CA TYR C 10 13.38 22.18 5.90
C TYR C 10 12.69 21.77 7.20
N ALA C 11 13.30 20.89 8.01
CA ALA C 11 12.87 20.61 9.40
C ALA C 11 14.01 19.94 10.16
N ASP C 12 14.06 20.13 11.47
CA ASP C 12 14.69 19.17 12.43
C ASP C 12 16.22 19.27 12.40
N ALA C 13 16.80 20.28 11.76
CA ALA C 13 18.27 20.41 11.67
C ALA C 13 18.86 20.41 13.09
N VAL C 14 18.35 21.27 13.98
CA VAL C 14 18.87 21.44 15.37
C VAL C 14 18.56 20.19 16.19
N LEU C 15 17.35 19.66 16.09
CA LEU C 15 16.95 18.45 16.82
C LEU C 15 17.87 17.31 16.40
N ASN C 16 18.10 17.13 15.10
CA ASN C 16 18.93 16.01 14.57
C ASN C 16 20.41 16.24 14.94
N GLY C 17 20.94 17.46 14.80
CA GLY C 17 22.30 17.80 15.24
C GLY C 17 22.49 17.37 16.68
N TRP C 18 21.55 17.72 17.52
CA TRP C 18 21.64 17.45 18.96
C TRP C 18 21.50 15.93 19.24
N LEU C 19 20.53 15.23 18.65
CA LEU C 19 20.41 13.74 18.80
C LEU C 19 21.72 13.04 18.36
N THR C 20 22.30 13.43 17.23
CA THR C 20 23.56 12.84 16.71
C THR C 20 24.66 12.93 17.79
N SER C 21 24.85 14.12 18.37
CA SER C 21 25.98 14.35 19.33
C SER C 21 25.78 13.55 20.62
N MET C 22 24.53 13.18 20.94
CA MET C 22 24.18 12.36 22.14
C MET C 22 24.33 10.85 21.86
N GLY C 23 24.58 10.43 20.63
CA GLY C 23 24.58 9.00 20.26
C GLY C 23 23.19 8.46 19.92
N LEU C 24 22.21 9.32 19.61
CA LEU C 24 20.79 8.92 19.39
C LEU C 24 20.36 9.23 17.96
N GLY C 25 21.34 9.47 17.08
CA GLY C 25 21.13 9.77 15.66
C GLY C 25 20.89 8.51 14.85
N VAL C 26 19.71 7.93 14.98
CA VAL C 26 19.33 6.67 14.29
C VAL C 26 17.93 6.87 13.70
N GLU C 27 17.64 6.28 12.56
CA GLU C 27 16.31 6.26 11.90
C GLU C 27 15.73 4.85 12.08
N TYR C 28 14.61 4.75 12.80
CA TYR C 28 13.90 3.46 12.91
C TYR C 28 13.04 3.29 11.64
N VAL C 29 13.18 2.15 10.93
CA VAL C 29 12.51 1.89 9.63
C VAL C 29 11.29 0.99 9.83
N ARG C 30 11.18 0.29 10.95
CA ARG C 30 10.07 -0.67 11.20
C ARG C 30 9.99 -0.93 12.70
N ALA C 31 8.83 -1.36 13.17
CA ALA C 31 8.55 -1.60 14.59
C ALA C 31 7.52 -2.71 14.74
N GLU C 32 7.74 -3.59 15.72
CA GLU C 32 6.88 -4.76 15.96
C GLU C 32 7.01 -5.12 17.44
N GLY C 33 5.91 -5.21 18.18
CA GLY C 33 5.95 -5.52 19.61
C GLY C 33 6.88 -4.55 20.37
N ASN C 34 7.90 -5.09 21.01
CA ASN C 34 8.84 -4.29 21.85
C ASN C 34 10.09 -3.95 21.04
N THR C 35 10.05 -4.18 19.73
CA THR C 35 11.26 -4.00 18.88
C THR C 35 11.04 -2.90 17.86
N VAL C 36 12.01 -2.00 17.76
CA VAL C 36 12.20 -1.05 16.63
C VAL C 36 13.46 -1.49 15.87
N TYR C 37 13.50 -1.24 14.57
CA TYR C 37 14.61 -1.69 13.69
C TYR C 37 15.23 -0.48 13.00
N TYR C 38 16.56 -0.39 13.00
CA TYR C 38 17.32 0.54 12.13
C TYR C 38 18.12 -0.28 11.10
N LEU C 39 18.64 0.37 10.06
CA LEU C 39 19.51 -0.29 9.05
C LEU C 39 20.97 0.00 9.40
N ASP C 40 21.82 -1.04 9.47
CA ASP C 40 23.30 -0.89 9.59
C ASP C 40 23.85 -0.44 8.24
N ASP C 41 25.17 -0.18 8.16
CA ASP C 41 25.85 0.39 6.97
C ASP C 41 25.66 -0.54 5.75
N GLU C 42 25.48 -1.85 5.98
CA GLU C 42 25.31 -2.88 4.92
C GLU C 42 23.83 -3.13 4.59
N GLY C 43 22.88 -2.43 5.23
CA GLY C 43 21.45 -2.45 4.85
C GLY C 43 20.65 -3.53 5.57
N ARG C 44 21.24 -4.22 6.54
CA ARG C 44 20.58 -5.26 7.37
C ARG C 44 19.79 -4.56 8.51
N GLU C 45 18.62 -5.10 8.82
CA GLU C 45 17.78 -4.65 9.96
C GLU C 45 18.41 -5.09 11.29
N VAL C 46 18.65 -4.16 12.19
CA VAL C 46 19.17 -4.42 13.56
C VAL C 46 18.03 -4.23 14.57
N PRO C 47 17.64 -5.27 15.32
CA PRO C 47 16.59 -5.13 16.31
C PRO C 47 17.08 -4.35 17.55
N VAL C 48 16.30 -3.37 17.98
CA VAL C 48 16.54 -2.58 19.22
C VAL C 48 15.33 -2.73 20.14
N LEU C 49 15.56 -3.14 21.39
CA LEU C 49 14.53 -3.24 22.44
C LEU C 49 14.11 -1.80 22.85
N ASP C 50 12.81 -1.48 22.75
CA ASP C 50 12.27 -0.13 23.02
C ASP C 50 11.69 -0.09 24.45
N HIS C 51 12.34 0.65 25.34
CA HIS C 51 11.87 0.94 26.71
C HIS C 51 11.14 2.30 26.76
N ALA C 52 11.21 3.10 25.70
CA ALA C 52 10.54 4.41 25.60
C ALA C 52 9.08 4.23 25.20
N CYS C 53 8.83 3.51 24.10
CA CYS C 53 7.47 3.06 23.66
C CYS C 53 6.49 4.26 23.63
N GLY C 54 6.87 5.32 22.93
CA GLY C 54 6.01 6.50 22.76
C GLY C 54 5.72 7.19 24.09
N PHE C 55 6.69 7.20 24.99
CA PHE C 55 6.55 7.77 26.35
C PHE C 55 5.35 7.12 27.02
N GLY C 56 5.21 5.81 26.91
CA GLY C 56 4.17 5.04 27.63
C GLY C 56 2.88 4.95 26.83
N SER C 57 2.93 5.18 25.52
CA SER C 57 1.79 5.02 24.58
C SER C 57 1.54 3.55 24.22
N LEU C 58 2.51 2.65 24.36
CA LEU C 58 2.48 1.31 23.70
C LEU C 58 2.41 0.21 24.75
N ILE C 59 1.38 0.25 25.58
CA ILE C 59 1.14 -0.83 26.58
C ILE C 59 1.07 -2.18 25.83
N PHE C 60 0.58 -2.20 24.58
CA PHE C 60 0.40 -3.46 23.81
C PHE C 60 1.49 -3.57 22.75
N GLY C 61 2.50 -2.73 22.84
CA GLY C 61 3.63 -2.70 21.89
C GLY C 61 3.30 -1.97 20.58
N HIS C 62 4.31 -1.85 19.73
CA HIS C 62 4.23 -1.27 18.36
C HIS C 62 3.35 -2.18 17.50
N ASN C 63 2.40 -1.61 16.78
CA ASN C 63 1.71 -2.28 15.66
C ASN C 63 1.21 -3.65 16.10
N HIS C 64 0.42 -3.71 17.16
CA HIS C 64 -0.18 -4.96 17.66
C HIS C 64 -1.10 -5.49 16.57
N PRO C 65 -0.92 -6.77 16.19
CA PRO C 65 -1.65 -7.33 15.04
C PRO C 65 -3.18 -7.19 15.15
N GLU C 66 -3.72 -7.32 16.36
CA GLU C 66 -5.17 -7.19 16.63
C GLU C 66 -5.62 -5.74 16.40
N ILE C 67 -4.78 -4.76 16.75
CA ILE C 67 -5.12 -3.32 16.57
C ILE C 67 -5.00 -2.99 15.08
N ILE C 68 -3.93 -3.43 14.42
CA ILE C 68 -3.73 -3.20 12.97
C ILE C 68 -4.93 -3.80 12.18
N ALA C 69 -5.30 -5.04 12.52
CA ALA C 69 -6.42 -5.74 11.86
C ALA C 69 -7.74 -4.97 12.10
N HIS C 70 -8.01 -4.51 13.31
CA HIS C 70 -9.24 -3.74 13.65
C HIS C 70 -9.22 -2.44 12.85
N ALA C 71 -8.08 -1.75 12.81
CA ALA C 71 -7.94 -0.51 12.03
C ALA C 71 -8.27 -0.80 10.56
N LYS C 72 -7.67 -1.83 9.98
CA LYS C 72 -7.94 -2.17 8.55
C LYS C 72 -9.43 -2.47 8.33
N ALA C 73 -10.07 -3.21 9.24
CA ALA C 73 -11.51 -3.57 9.16
C ALA C 73 -12.36 -2.28 9.19
N ALA C 74 -12.01 -1.33 10.05
CA ALA C 74 -12.77 -0.07 10.20
C ALA C 74 -12.65 0.73 8.90
N LEU C 75 -11.48 0.71 8.28
CA LEU C 75 -11.27 1.46 7.02
C LEU C 75 -12.08 0.82 5.88
N ASP C 76 -12.07 -0.50 5.80
CA ASP C 76 -12.73 -1.30 4.74
C ASP C 76 -14.25 -1.22 4.93
N ALA C 77 -14.77 -1.03 6.14
CA ALA C 77 -16.22 -0.86 6.40
C ALA C 77 -16.70 0.56 5.99
N GLY C 78 -15.80 1.45 5.61
CA GLY C 78 -16.17 2.82 5.22
C GLY C 78 -16.62 3.58 6.44
N THR C 79 -15.97 3.36 7.59
CA THR C 79 -16.26 4.11 8.84
C THR C 79 -16.31 5.62 8.53
N VAL C 80 -17.30 6.31 9.09
CA VAL C 80 -17.44 7.79 8.98
C VAL C 80 -16.48 8.41 10.02
N VAL C 81 -15.38 8.96 9.51
CA VAL C 81 -14.36 9.65 10.33
C VAL C 81 -14.87 11.05 10.67
N HIS C 82 -15.41 11.75 9.67
CA HIS C 82 -15.93 13.14 9.75
C HIS C 82 -17.45 13.16 9.71
N ALA C 83 -18.07 13.18 10.88
CA ALA C 83 -19.54 13.18 11.03
C ALA C 83 -19.93 14.29 12.02
N GLN C 84 -19.29 15.43 11.92
CA GLN C 84 -19.46 16.56 12.87
C GLN C 84 -20.95 16.93 12.90
N LEU C 85 -21.46 17.25 14.09
CA LEU C 85 -22.86 17.68 14.33
C LEU C 85 -23.81 16.65 13.73
N SER C 86 -23.58 15.39 14.09
CA SER C 86 -24.50 14.25 13.84
C SER C 86 -24.40 13.32 15.06
N ARG C 87 -25.25 12.30 15.17
CA ARG C 87 -25.23 11.37 16.34
C ARG C 87 -24.05 10.43 16.21
N GLN C 88 -23.17 10.43 17.22
CA GLN C 88 -21.99 9.53 17.27
C GLN C 88 -22.08 8.72 18.56
N PRO C 89 -22.92 7.67 18.60
CA PRO C 89 -23.11 6.89 19.81
C PRO C 89 -21.82 6.26 20.36
N ARG C 90 -20.76 6.14 19.56
CA ARG C 90 -19.54 5.44 20.06
C ARG C 90 -18.91 6.25 21.20
N ALA C 91 -19.05 7.57 21.20
CA ALA C 91 -18.52 8.46 22.25
C ALA C 91 -19.17 8.07 23.58
N ASN C 92 -20.50 7.94 23.60
CA ASN C 92 -21.32 7.52 24.78
C ASN C 92 -20.91 6.12 25.21
N GLN C 93 -20.64 5.26 24.25
CA GLN C 93 -20.32 3.83 24.48
C GLN C 93 -18.93 3.77 25.15
N ILE C 94 -17.96 4.52 24.65
CA ILE C 94 -16.59 4.62 25.25
C ILE C 94 -16.72 5.18 26.68
N SER C 95 -17.47 6.26 26.88
CA SER C 95 -17.61 6.92 28.20
C SER C 95 -18.24 5.94 29.17
N ARG C 96 -19.25 5.20 28.73
CA ARG C 96 -19.91 4.16 29.55
C ARG C 96 -18.88 3.14 30.03
N ILE C 97 -18.04 2.60 29.16
CA ILE C 97 -17.04 1.58 29.55
C ILE C 97 -16.12 2.22 30.59
N LEU C 98 -15.70 3.45 30.38
CA LEU C 98 -14.72 4.11 31.29
C LEU C 98 -15.35 4.36 32.66
N ASN C 99 -16.62 4.78 32.67
CA ASN C 99 -17.47 4.92 33.89
C ASN C 99 -17.55 3.58 34.65
N ASP C 100 -17.86 2.47 33.97
CA ASP C 100 -17.99 1.11 34.58
C ASP C 100 -16.63 0.73 35.21
N ILE C 101 -15.54 0.93 34.48
CA ILE C 101 -14.19 0.57 34.98
C ILE C 101 -13.89 1.42 36.22
N MET C 102 -14.19 2.72 36.21
CA MET C 102 -13.82 3.56 37.38
C MET C 102 -14.64 3.14 38.62
N ARG C 103 -15.91 2.83 38.46
CA ARG C 103 -16.79 2.31 39.55
C ARG C 103 -16.20 1.03 40.13
N ARG C 104 -15.76 0.10 39.28
CA ARG C 104 -15.19 -1.18 39.73
C ARG C 104 -13.94 -0.93 40.56
N GLU C 105 -13.06 -0.04 40.13
CA GLU C 105 -11.72 0.09 40.74
C GLU C 105 -11.80 1.00 41.96
N THR C 106 -12.79 1.89 42.08
CA THR C 106 -12.84 2.85 43.21
C THR C 106 -13.96 2.45 44.19
N GLY C 107 -14.88 1.59 43.77
CA GLY C 107 -16.12 1.30 44.51
C GLY C 107 -17.06 2.48 44.61
N ARG C 108 -16.73 3.65 44.02
CA ARG C 108 -17.61 4.84 43.99
C ARG C 108 -18.55 4.71 42.80
N ASP C 109 -19.83 5.01 43.02
CA ASP C 109 -20.90 4.96 42.00
C ASP C 109 -21.07 6.37 41.47
N ASP C 110 -19.99 6.92 40.91
CA ASP C 110 -19.90 8.27 40.34
C ASP C 110 -20.09 8.19 38.82
N ARG C 111 -20.73 9.19 38.23
CA ARG C 111 -20.91 9.22 36.77
C ARG C 111 -20.14 10.39 36.18
N TYR C 112 -19.61 10.20 34.98
CA TYR C 112 -18.72 11.15 34.28
C TYR C 112 -19.20 11.36 32.84
N ASN C 113 -19.28 12.62 32.39
CA ASN C 113 -19.42 12.98 30.97
C ASN C 113 -18.06 12.96 30.30
N ALA C 114 -18.02 12.54 29.03
CA ALA C 114 -16.81 12.46 28.20
C ALA C 114 -16.86 13.54 27.10
N ILE C 115 -15.78 14.30 27.04
CA ILE C 115 -15.45 15.20 25.92
C ILE C 115 -14.15 14.66 25.33
N PHE C 116 -14.15 14.41 24.03
CA PHE C 116 -12.96 13.89 23.32
C PHE C 116 -12.11 15.01 22.72
N ALA C 117 -10.83 14.70 22.50
CA ALA C 117 -9.88 15.60 21.84
C ALA C 117 -8.77 14.81 21.14
N ASN C 118 -7.69 15.51 20.76
CA ASN C 118 -6.71 15.01 19.78
C ASN C 118 -5.35 14.77 20.43
N SER C 119 -5.15 15.23 21.67
CA SER C 119 -3.88 15.02 22.40
C SER C 119 -4.08 15.12 23.92
N GLY C 120 -3.06 14.68 24.66
CA GLY C 120 -3.06 14.80 26.13
C GLY C 120 -3.24 16.24 26.56
N ALA C 121 -2.53 17.16 25.91
CA ALA C 121 -2.61 18.58 26.25
C ALA C 121 -4.03 19.09 25.98
N GLU C 122 -4.65 18.74 24.87
CA GLU C 122 -6.02 19.20 24.52
C GLU C 122 -7.00 18.70 25.59
N ALA C 123 -6.81 17.49 26.13
CA ALA C 123 -7.72 16.94 27.15
C ALA C 123 -7.54 17.76 28.44
N ASN C 124 -6.31 18.10 28.81
CA ASN C 124 -6.01 18.92 30.01
C ASN C 124 -6.60 20.31 29.80
N GLU C 125 -6.64 20.83 28.58
CA GLU C 125 -7.17 22.20 28.33
C GLU C 125 -8.71 22.20 28.32
N ILE C 126 -9.35 21.12 27.91
CA ILE C 126 -10.81 20.96 28.11
C ILE C 126 -11.11 21.09 29.63
N CYS C 127 -10.28 20.45 30.46
CA CYS C 127 -10.41 20.50 31.94
C CYS C 127 -10.17 21.93 32.45
N MET C 128 -9.12 22.61 31.99
CA MET C 128 -8.82 24.02 32.37
C MET C 128 -10.04 24.86 31.99
N LYS C 129 -10.60 24.68 30.81
CA LYS C 129 -11.72 25.50 30.29
C LYS C 129 -12.95 25.20 31.16
N HIS C 130 -13.30 23.95 31.37
CA HIS C 130 -14.47 23.58 32.21
C HIS C 130 -14.24 24.10 33.65
N ALA C 131 -13.04 23.98 34.20
CA ALA C 131 -12.74 24.49 35.55
C ALA C 131 -13.06 25.99 35.60
N GLU C 132 -12.70 26.71 34.54
CA GLU C 132 -12.94 28.17 34.47
C GLU C 132 -14.44 28.42 34.35
N LEU C 133 -15.22 27.57 33.68
CA LEU C 133 -16.70 27.73 33.61
C LEU C 133 -17.26 27.67 35.02
N GLU C 134 -16.79 26.70 35.81
CA GLU C 134 -17.23 26.47 37.21
C GLU C 134 -16.91 27.71 38.04
N ARG C 135 -15.70 28.27 37.86
CA ARG C 135 -15.22 29.45 38.59
C ARG C 135 -16.10 30.64 38.19
N GLN C 136 -16.48 30.78 36.92
CA GLN C 136 -17.37 31.89 36.50
C GLN C 136 -18.77 31.73 37.09
N GLU C 137 -19.27 30.51 37.28
CA GLU C 137 -20.55 30.25 38.01
C GLU C 137 -20.39 30.74 39.47
N ARG C 138 -19.30 30.38 40.15
CA ARG C 138 -19.11 30.74 41.58
C ARG C 138 -19.10 32.26 41.70
N ILE C 139 -18.34 32.90 40.81
CA ILE C 139 -18.17 34.37 40.76
C ILE C 139 -19.52 35.07 40.53
N THR C 140 -20.33 34.63 39.55
CA THR C 140 -21.66 35.20 39.26
C THR C 140 -22.51 35.13 40.54
N ALA C 141 -22.52 33.97 41.20
CA ALA C 141 -23.27 33.71 42.46
C ALA C 141 -22.81 34.70 43.55
N LEU C 142 -21.51 34.80 43.80
CA LEU C 142 -20.88 35.70 44.81
C LEU C 142 -21.25 37.16 44.53
N PHE C 143 -21.16 37.61 43.27
CA PHE C 143 -21.42 39.00 42.83
C PHE C 143 -22.91 39.31 42.94
N ALA C 144 -23.79 38.37 42.63
CA ALA C 144 -25.25 38.50 42.85
C ALA C 144 -25.51 38.75 44.35
N GLU C 145 -24.90 37.96 45.23
CA GLU C 145 -25.11 38.08 46.70
C GLU C 145 -24.61 39.44 47.16
N ILE C 146 -23.47 39.91 46.61
CA ILE C 146 -22.81 41.19 47.02
C ILE C 146 -23.73 42.37 46.63
N ASP C 147 -24.31 42.35 45.44
CA ASP C 147 -25.32 43.33 44.96
C ASP C 147 -26.49 43.42 45.97
N ALA C 148 -27.12 42.28 46.31
CA ALA C 148 -28.17 42.17 47.34
C ALA C 148 -27.71 42.71 48.70
N GLU C 149 -26.50 42.38 49.18
CA GLU C 149 -25.93 42.88 50.46
C GLU C 149 -25.75 44.41 50.36
N LEU C 150 -25.41 44.93 49.17
CA LEU C 150 -25.10 46.37 48.97
C LEU C 150 -26.44 47.13 48.97
N ASP C 151 -27.45 46.62 48.27
CA ASP C 151 -28.84 47.16 48.26
C ASP C 151 -29.39 47.22 49.70
N THR C 152 -29.30 46.13 50.48
CA THR C 152 -29.77 46.05 51.88
C THR C 152 -29.05 47.10 52.75
N ALA C 153 -27.73 47.17 52.70
CA ALA C 153 -26.91 48.16 53.45
C ALA C 153 -27.30 49.59 53.04
N ARG C 154 -27.66 49.83 51.77
CA ARG C 154 -28.02 51.18 51.23
C ARG C 154 -29.40 51.59 51.76
N GLU C 155 -30.32 50.63 51.90
CA GLU C 155 -31.63 50.81 52.59
C GLU C 155 -31.36 51.31 54.01
N ALA C 156 -30.58 50.57 54.80
CA ALA C 156 -30.41 50.81 56.25
C ALA C 156 -29.68 52.14 56.48
N LEU C 157 -28.92 52.63 55.51
CA LEU C 157 -28.08 53.85 55.70
C LEU C 157 -28.87 55.10 55.26
N THR C 158 -29.76 54.98 54.27
CA THR C 158 -30.60 56.12 53.77
C THR C 158 -31.87 56.22 54.64
N THR C 159 -32.77 55.22 54.61
CA THR C 159 -33.92 55.04 55.54
C THR C 159 -33.55 55.56 56.94
N GLY C 160 -32.35 55.23 57.42
CA GLY C 160 -31.78 55.79 58.67
C GLY C 160 -31.67 54.77 59.78
N THR C 161 -32.04 53.50 59.55
CA THR C 161 -32.08 52.44 60.60
C THR C 161 -30.66 52.06 61.07
N ALA C 162 -29.60 52.47 60.37
CA ALA C 162 -28.21 52.07 60.70
C ALA C 162 -27.18 53.15 60.35
N THR C 163 -26.01 53.06 60.98
CA THR C 163 -24.84 53.96 60.84
C THR C 163 -23.65 53.18 60.23
N LEU C 164 -22.97 53.76 59.23
CA LEU C 164 -21.68 53.27 58.70
C LEU C 164 -20.61 53.36 59.79
N ASP C 165 -19.89 52.29 60.09
CA ASP C 165 -18.73 52.28 61.03
C ASP C 165 -17.47 52.69 60.25
N THR C 166 -16.89 53.84 60.60
CA THR C 166 -15.77 54.50 59.88
C THR C 166 -14.43 53.79 60.17
N ALA C 167 -14.37 52.81 61.09
CA ALA C 167 -13.15 51.99 61.36
C ALA C 167 -12.86 51.06 60.17
N SER C 168 -13.87 50.75 59.36
CA SER C 168 -13.85 49.79 58.22
C SER C 168 -13.48 50.50 56.91
N LEU C 169 -13.52 51.84 56.87
CA LEU C 169 -13.29 52.67 55.67
C LEU C 169 -11.86 52.55 55.12
N PRO C 170 -10.82 52.19 55.91
CA PRO C 170 -9.49 51.94 55.33
C PRO C 170 -9.48 50.82 54.26
N LEU C 171 -10.61 50.15 54.03
CA LEU C 171 -10.77 49.20 52.89
C LEU C 171 -11.21 49.95 51.60
N VAL C 172 -11.34 51.29 51.60
CA VAL C 172 -11.81 52.05 50.38
C VAL C 172 -11.09 53.39 50.25
N ASP C 178 -19.18 58.37 53.09
CA ASP C 178 -20.22 58.76 52.08
C ASP C 178 -20.73 57.49 51.37
N VAL C 179 -22.03 57.20 51.50
CA VAL C 179 -22.69 55.93 51.04
C VAL C 179 -22.35 55.64 49.57
N ASP C 180 -22.87 56.42 48.62
CA ASP C 180 -22.75 56.18 47.15
C ASP C 180 -21.28 56.04 46.75
N GLY C 181 -20.39 56.88 47.26
CA GLY C 181 -18.94 56.88 46.93
C GLY C 181 -18.26 55.60 47.41
N VAL C 182 -18.61 55.15 48.62
CA VAL C 182 -18.04 53.90 49.21
C VAL C 182 -18.50 52.68 48.37
N ILE C 183 -19.72 52.70 47.87
CA ILE C 183 -20.30 51.59 47.03
C ILE C 183 -19.62 51.58 45.68
N ALA C 184 -19.37 52.73 45.07
CA ALA C 184 -18.69 52.86 43.77
C ALA C 184 -17.23 52.41 43.92
N ASP C 185 -16.55 52.74 45.04
CA ASP C 185 -15.16 52.29 45.34
C ASP C 185 -15.10 50.76 45.51
N ILE C 186 -16.18 50.16 46.04
CA ILE C 186 -16.36 48.69 46.20
C ILE C 186 -16.54 48.05 44.83
N HIS C 187 -17.46 48.55 44.01
CA HIS C 187 -17.73 48.04 42.64
C HIS C 187 -16.44 48.09 41.81
N ARG C 188 -15.63 49.14 41.95
CA ARG C 188 -14.37 49.33 41.18
C ARG C 188 -13.37 48.27 41.63
N HIS C 189 -13.09 48.19 42.93
CA HIS C 189 -12.21 47.17 43.57
C HIS C 189 -12.61 45.77 43.10
N ASN C 190 -13.91 45.46 43.14
CA ASN C 190 -14.45 44.10 42.86
C ASN C 190 -14.28 43.81 41.36
N ASP C 191 -14.51 44.80 40.50
CA ASP C 191 -14.45 44.64 39.01
C ASP C 191 -12.99 44.37 38.61
N GLU C 192 -12.03 45.04 39.26
CA GLU C 192 -10.59 44.79 39.02
C GLU C 192 -10.31 43.32 39.36
N ARG C 193 -10.69 42.89 40.55
CA ARG C 193 -10.47 41.51 41.03
C ARG C 193 -11.09 40.50 40.03
N ARG C 194 -12.30 40.79 39.55
CA ARG C 194 -13.07 39.86 38.72
C ARG C 194 -12.32 39.59 37.41
N ALA C 195 -11.63 40.60 36.86
CA ALA C 195 -10.94 40.52 35.55
C ALA C 195 -9.54 39.90 35.70
N GLU C 196 -8.99 39.77 36.91
CA GLU C 196 -7.66 39.15 37.14
C GLU C 196 -7.67 37.71 36.64
N ARG C 197 -6.55 37.25 36.13
CA ARG C 197 -6.36 35.87 35.66
C ARG C 197 -6.46 34.94 36.87
N PRO C 198 -7.04 33.75 36.76
CA PRO C 198 -7.01 32.77 37.85
C PRO C 198 -5.63 32.13 37.99
N LEU C 199 -5.48 31.29 38.99
CA LEU C 199 -4.28 30.46 39.21
C LEU C 199 -4.66 29.00 38.98
N PHE C 200 -3.72 28.16 38.57
CA PHE C 200 -3.89 26.70 38.66
C PHE C 200 -2.92 26.24 39.73
N LEU C 201 -3.18 25.16 40.44
CA LEU C 201 -2.20 24.54 41.34
C LEU C 201 -1.74 23.22 40.71
N THR C 202 -0.44 23.02 40.66
CA THR C 202 0.23 21.79 40.24
C THR C 202 1.22 21.38 41.31
N LEU C 203 1.82 20.21 41.14
CA LEU C 203 2.96 19.76 41.96
C LEU C 203 4.26 20.20 41.28
N ASP C 204 5.35 20.33 42.03
CA ASP C 204 6.71 20.55 41.48
C ASP C 204 7.04 19.36 40.56
N GLY C 205 7.72 19.64 39.44
CA GLY C 205 8.06 18.60 38.45
C GLY C 205 6.88 18.23 37.57
N SER C 206 5.72 18.91 37.72
CA SER C 206 4.47 18.57 36.98
C SER C 206 4.73 18.61 35.47
N PHE C 207 4.09 17.72 34.72
CA PHE C 207 4.03 17.79 33.24
C PHE C 207 2.59 17.56 32.79
N HIS C 208 1.97 18.56 32.18
CA HIS C 208 0.55 18.55 31.76
C HIS C 208 0.41 18.98 30.29
N GLY C 209 1.52 19.03 29.54
CA GLY C 209 1.50 19.38 28.11
C GLY C 209 2.16 20.72 27.84
N LYS C 210 2.21 21.11 26.56
CA LYS C 210 3.08 22.22 26.11
C LYS C 210 2.36 23.17 25.17
N LEU C 211 1.02 23.25 25.22
CA LEU C 211 0.27 24.28 24.47
C LEU C 211 0.24 25.57 25.28
N VAL C 212 -0.37 26.63 24.74
CA VAL C 212 -0.31 27.98 25.37
C VAL C 212 -0.82 27.89 26.81
N GLY C 213 -1.96 27.23 27.03
CA GLY C 213 -2.54 27.10 28.39
C GLY C 213 -1.75 26.10 29.22
N SER C 214 -1.60 24.87 28.70
CA SER C 214 -1.05 23.73 29.46
C SER C 214 0.41 23.96 29.80
N ILE C 215 1.18 24.73 29.01
CA ILE C 215 2.65 24.90 29.25
C ILE C 215 2.84 25.57 30.60
N GLN C 216 1.93 26.45 30.99
CA GLN C 216 2.05 27.13 32.30
C GLN C 216 1.96 26.08 33.42
N LEU C 217 1.41 24.89 33.14
CA LEU C 217 1.17 23.85 34.18
C LEU C 217 2.36 22.88 34.23
N THR C 218 3.39 23.14 33.41
CA THR C 218 4.57 22.25 33.24
C THR C 218 5.78 22.96 33.88
N GLN C 219 6.37 22.35 34.90
CA GLN C 219 7.48 22.93 35.68
C GLN C 219 8.67 23.29 34.77
N ASN C 220 9.16 22.31 34.01
CA ASN C 220 10.44 22.37 33.24
C ASN C 220 10.67 23.79 32.74
N GLU C 221 11.67 24.49 33.29
CA GLU C 221 11.82 25.98 33.20
C GLU C 221 12.14 26.43 31.78
N PRO C 222 13.05 25.77 31.04
CA PRO C 222 13.33 26.14 29.64
C PRO C 222 12.11 25.97 28.72
N TRP C 223 11.24 24.99 29.02
CA TRP C 223 10.03 24.71 28.21
C TRP C 223 8.96 25.78 28.46
N ARG C 224 8.92 26.37 29.65
CA ARG C 224 7.78 27.17 30.14
C ARG C 224 8.11 28.66 30.18
N THR C 225 9.25 29.05 30.76
CA THR C 225 9.48 30.47 31.17
C THR C 225 9.48 31.42 29.97
N PRO C 226 9.80 31.00 28.73
CA PRO C 226 9.69 31.91 27.60
C PRO C 226 8.25 32.39 27.31
N PHE C 227 7.24 31.68 27.86
CA PHE C 227 5.81 31.78 27.51
C PHE C 227 4.97 32.32 28.66
N THR C 228 5.60 32.69 29.78
CA THR C 228 4.98 33.12 31.06
C THR C 228 3.90 34.18 30.83
N ALA C 229 4.14 35.14 29.94
CA ALA C 229 3.27 36.31 29.80
C ALA C 229 1.96 35.91 29.11
N LEU C 230 1.89 34.76 28.44
CA LEU C 230 0.76 34.45 27.52
C LEU C 230 -0.51 34.06 28.28
N SER C 231 -0.39 33.35 29.39
CA SER C 231 -1.49 32.56 29.99
C SER C 231 -1.37 32.49 31.51
N SER C 232 -2.50 32.18 32.17
CA SER C 232 -2.63 31.98 33.63
C SER C 232 -1.51 31.08 34.13
N PRO C 233 -0.83 31.45 35.23
CA PRO C 233 0.21 30.61 35.77
C PRO C 233 -0.35 29.58 36.73
N ALA C 234 0.53 28.67 37.13
CA ALA C 234 0.34 27.66 38.17
C ALA C 234 1.23 28.04 39.35
N ARG C 235 0.87 27.59 40.54
CA ARG C 235 1.82 27.50 41.65
C ARG C 235 2.14 26.05 41.83
N PHE C 236 3.44 25.76 41.79
CA PHE C 236 4.06 24.44 41.85
C PHE C 236 4.23 24.11 43.34
N LEU C 237 3.33 23.30 43.88
CA LEU C 237 3.36 22.95 45.32
C LEU C 237 4.44 21.93 45.55
N PRO C 238 5.18 22.02 46.67
CA PRO C 238 6.22 21.04 46.98
C PRO C 238 5.64 19.73 47.51
N ALA C 239 5.69 18.67 46.70
CA ALA C 239 5.07 17.35 46.96
C ALA C 239 5.66 16.70 48.21
N ASP C 240 6.97 16.89 48.44
CA ASP C 240 7.76 16.18 49.48
C ASP C 240 7.50 16.82 50.84
N GLU C 241 7.24 18.13 50.87
CA GLU C 241 7.11 18.96 52.11
C GLU C 241 5.70 19.55 52.17
N PRO C 242 4.64 18.71 52.26
CA PRO C 242 3.26 19.20 52.20
C PRO C 242 2.72 19.93 53.44
N GLU C 243 3.59 20.33 54.37
CA GLU C 243 3.22 21.23 55.50
C GLU C 243 3.32 22.68 55.00
N LEU C 244 4.16 22.93 53.99
CA LEU C 244 4.37 24.26 53.37
C LEU C 244 3.31 24.57 52.30
N ILE C 245 2.51 23.58 51.85
CA ILE C 245 1.47 23.77 50.80
C ILE C 245 0.37 24.71 51.32
N GLY C 246 -0.08 24.44 52.55
CA GLY C 246 -1.12 25.21 53.25
C GLY C 246 -0.82 26.69 53.15
N LYS C 247 0.41 27.10 53.47
CA LYS C 247 0.79 28.52 53.61
C LYS C 247 0.95 29.12 52.21
N ILE C 248 1.44 28.35 51.26
CA ILE C 248 1.59 28.84 49.86
C ILE C 248 0.20 29.15 49.28
N VAL C 249 -0.79 28.30 49.54
CA VAL C 249 -2.17 28.50 48.99
C VAL C 249 -2.83 29.64 49.74
N GLU C 250 -2.61 29.69 51.05
CA GLU C 250 -3.06 30.78 51.95
C GLU C 250 -2.56 32.15 51.45
N ASP C 251 -1.29 32.31 51.05
CA ASP C 251 -0.78 33.59 50.46
C ASP C 251 -1.56 33.98 49.20
N GLU C 252 -2.17 33.03 48.47
CA GLU C 252 -2.92 33.32 47.22
C GLU C 252 -4.38 33.68 47.51
N ARG C 253 -4.83 33.68 48.76
CA ARG C 253 -6.16 34.21 49.13
C ARG C 253 -6.32 35.61 48.54
N ARG C 254 -7.46 35.90 47.94
CA ARG C 254 -7.82 37.27 47.50
C ARG C 254 -9.27 37.51 47.90
N SER C 255 -9.60 38.78 48.13
CA SER C 255 -10.85 39.28 48.73
C SER C 255 -11.55 40.15 47.72
N VAL C 256 -12.86 40.07 47.70
CA VAL C 256 -13.75 41.18 47.25
C VAL C 256 -14.34 41.87 48.49
N LEU C 257 -14.90 43.05 48.28
CA LEU C 257 -15.46 43.88 49.36
C LEU C 257 -16.98 43.82 49.24
N THR C 258 -17.66 43.90 50.38
CA THR C 258 -19.13 44.12 50.44
C THR C 258 -19.45 45.00 51.65
N LEU C 259 -20.71 45.39 51.77
CA LEU C 259 -21.27 45.99 53.01
C LEU C 259 -22.05 44.94 53.82
N SER C 260 -21.68 44.74 55.09
CA SER C 260 -22.28 43.79 56.04
C SER C 260 -23.18 44.52 57.05
N LEU C 261 -24.50 44.33 56.99
CA LEU C 261 -25.51 44.88 57.93
C LEU C 261 -25.72 43.93 59.12
N ASP C 262 -25.28 44.32 60.32
CA ASP C 262 -25.48 43.59 61.60
C ASP C 262 -26.23 44.52 62.57
N LYS C 263 -27.55 44.32 62.67
CA LYS C 263 -28.52 45.19 63.40
C LYS C 263 -28.47 46.63 62.84
N ASP C 264 -27.68 47.52 63.47
CA ASP C 264 -27.72 48.99 63.25
C ASP C 264 -26.33 49.55 62.89
N THR C 265 -25.32 48.67 62.75
CA THR C 265 -23.95 48.99 62.29
C THR C 265 -23.74 48.33 60.92
N VAL C 266 -23.32 49.11 59.91
CA VAL C 266 -22.87 48.63 58.58
C VAL C 266 -21.34 48.73 58.55
N ARG C 267 -20.67 47.67 58.10
CA ARG C 267 -19.19 47.62 57.92
C ARG C 267 -18.85 47.23 56.47
N VAL C 268 -17.80 47.85 55.93
CA VAL C 268 -17.04 47.33 54.76
C VAL C 268 -16.29 46.08 55.24
N VAL C 269 -16.48 44.94 54.56
CA VAL C 269 -15.80 43.66 54.91
C VAL C 269 -15.27 42.98 53.66
N GLU C 270 -14.19 42.24 53.87
CA GLU C 270 -13.58 41.30 52.90
C GLU C 270 -14.39 40.00 52.87
N ARG C 271 -14.70 39.49 51.69
CA ARG C 271 -15.15 38.09 51.47
C ARG C 271 -14.19 37.37 50.50
N ASP C 272 -14.12 36.04 50.56
CA ASP C 272 -13.20 35.20 49.76
C ASP C 272 -13.62 35.28 48.29
N PHE C 273 -12.63 35.46 47.41
CA PHE C 273 -12.80 35.43 45.95
C PHE C 273 -12.21 34.12 45.43
N PRO C 274 -12.92 33.39 44.56
CA PRO C 274 -12.39 32.17 43.95
C PRO C 274 -11.28 32.53 42.91
N VAL C 275 -10.01 32.38 43.33
CA VAL C 275 -8.80 32.65 42.51
C VAL C 275 -8.37 31.38 41.78
N VAL C 276 -8.42 30.22 42.44
CA VAL C 276 -7.85 28.95 41.91
C VAL C 276 -8.89 28.28 41.01
N ALA C 277 -8.63 28.16 39.70
CA ALA C 277 -9.52 27.47 38.72
C ALA C 277 -9.53 25.96 38.95
N ALA C 278 -8.38 25.34 39.21
CA ALA C 278 -8.23 23.87 39.32
C ALA C 278 -6.88 23.50 39.92
N ILE C 279 -6.83 22.34 40.53
CA ILE C 279 -5.63 21.61 41.00
C ILE C 279 -5.39 20.49 39.99
N PHE C 280 -4.18 20.39 39.42
CA PHE C 280 -3.78 19.24 38.55
C PHE C 280 -2.83 18.33 39.31
N VAL C 281 -2.94 17.03 39.07
CA VAL C 281 -2.04 16.01 39.68
C VAL C 281 -1.91 14.83 38.70
N GLU C 282 -0.67 14.34 38.55
CA GLU C 282 -0.38 13.04 37.92
C GLU C 282 -0.22 11.99 39.02
N PRO C 283 -0.90 10.84 38.94
CA PRO C 283 -0.73 9.80 39.95
C PRO C 283 0.71 9.32 40.09
N VAL C 284 1.40 9.25 38.98
CA VAL C 284 2.86 8.92 38.88
C VAL C 284 3.46 10.08 38.10
N ARG C 285 4.45 10.71 38.69
CA ARG C 285 4.83 12.09 38.31
C ARG C 285 5.93 11.99 37.25
N GLY C 286 5.53 11.99 35.97
CA GLY C 286 6.40 11.84 34.79
C GLY C 286 7.58 12.79 34.79
N GLY C 287 7.32 14.09 34.94
CA GLY C 287 8.36 15.15 34.92
C GLY C 287 9.23 15.12 36.17
N SER C 288 8.91 14.27 37.14
CA SER C 288 9.59 14.15 38.46
C SER C 288 10.43 12.87 38.53
N GLY C 289 10.49 12.08 37.45
CA GLY C 289 11.22 10.79 37.43
C GLY C 289 10.35 9.65 37.93
N MET C 290 9.03 9.69 37.67
CA MET C 290 8.08 8.58 37.90
C MET C 290 7.83 8.38 39.41
N LYS C 291 7.85 9.45 40.21
CA LYS C 291 7.50 9.33 41.65
C LYS C 291 5.98 9.18 41.80
N THR C 292 5.56 8.16 42.54
CA THR C 292 4.13 7.96 42.91
C THR C 292 3.72 9.01 43.95
N VAL C 293 2.53 9.58 43.78
CA VAL C 293 1.82 10.41 44.81
C VAL C 293 1.67 9.54 46.07
N THR C 294 2.21 10.00 47.19
CA THR C 294 2.15 9.35 48.53
C THR C 294 0.76 9.56 49.12
N PRO C 295 0.29 8.73 50.07
CA PRO C 295 -1.00 8.98 50.73
C PRO C 295 -1.10 10.34 51.42
N GLU C 296 -0.04 10.83 52.05
CA GLU C 296 0.04 12.17 52.70
C GLU C 296 -0.23 13.28 51.67
N LEU C 297 0.38 13.19 50.50
CA LEU C 297 0.17 14.23 49.47
C LEU C 297 -1.27 14.15 48.91
N ALA C 298 -1.78 12.95 48.68
CA ALA C 298 -3.18 12.71 48.24
C ALA C 298 -4.12 13.41 49.21
N GLU C 299 -3.91 13.21 50.50
CA GLU C 299 -4.83 13.76 51.54
C GLU C 299 -4.71 15.28 51.49
N GLU C 300 -3.53 15.83 51.20
CA GLU C 300 -3.37 17.31 51.15
C GLU C 300 -4.10 17.88 49.93
N LEU C 301 -4.09 17.18 48.79
CA LEU C 301 -4.80 17.64 47.54
C LEU C 301 -6.32 17.54 47.77
N HIS C 302 -6.79 16.48 48.42
CA HIS C 302 -8.21 16.34 48.84
C HIS C 302 -8.61 17.53 49.70
N ARG C 303 -7.82 17.88 50.73
CA ARG C 303 -8.09 19.03 51.63
C ARG C 303 -8.23 20.30 50.79
N LEU C 304 -7.29 20.57 49.88
CA LEU C 304 -7.26 21.80 49.05
C LEU C 304 -8.52 21.89 48.18
N ARG C 305 -8.92 20.78 47.56
CA ARG C 305 -10.12 20.69 46.69
C ARG C 305 -11.38 20.97 47.53
N ASP C 306 -11.51 20.32 48.69
CA ASP C 306 -12.65 20.51 49.64
C ASP C 306 -12.63 21.98 50.12
N THR C 307 -11.46 22.54 50.39
CA THR C 307 -11.32 23.91 50.97
C THR C 307 -11.64 24.98 49.93
N LEU C 308 -11.10 24.90 48.70
CA LEU C 308 -11.16 26.01 47.69
C LEU C 308 -12.44 25.85 46.86
N GLY C 309 -12.94 24.63 46.71
CA GLY C 309 -14.19 24.37 45.95
C GLY C 309 -13.97 24.32 44.45
N CYS C 310 -12.71 24.32 44.01
CA CYS C 310 -12.29 24.10 42.60
C CYS C 310 -12.11 22.59 42.38
N PRO C 311 -12.22 22.06 41.15
CA PRO C 311 -12.01 20.64 40.91
C PRO C 311 -10.54 20.22 41.05
N LEU C 312 -10.34 18.99 41.47
CA LEU C 312 -9.05 18.27 41.39
C LEU C 312 -9.01 17.49 40.05
N VAL C 313 -8.13 17.86 39.12
CA VAL C 313 -8.05 17.22 37.78
C VAL C 313 -6.91 16.21 37.83
N VAL C 314 -7.22 14.94 37.61
CA VAL C 314 -6.22 13.83 37.61
C VAL C 314 -5.80 13.51 36.17
N ASP C 315 -4.56 13.86 35.86
CA ASP C 315 -3.94 13.67 34.53
C ASP C 315 -3.44 12.24 34.47
N GLU C 316 -4.19 11.35 33.82
CA GLU C 316 -3.82 9.94 33.57
C GLU C 316 -3.48 9.75 32.08
N VAL C 317 -3.09 10.84 31.42
CA VAL C 317 -2.57 10.77 30.03
C VAL C 317 -1.48 9.68 29.95
N GLN C 318 -0.58 9.59 30.94
CA GLN C 318 0.50 8.57 30.94
C GLN C 318 0.18 7.37 31.83
N THR C 319 -0.46 7.56 32.99
CA THR C 319 -0.68 6.47 33.98
C THR C 319 -1.94 5.63 33.67
N GLY C 320 -2.82 6.08 32.76
CA GLY C 320 -4.07 5.40 32.35
C GLY C 320 -3.88 4.16 31.46
N ILE C 321 -4.98 3.47 31.23
CA ILE C 321 -5.11 2.28 30.34
C ILE C 321 -4.08 1.24 30.79
N GLY C 322 -3.91 1.04 32.10
CA GLY C 322 -3.38 -0.23 32.63
C GLY C 322 -1.90 -0.15 32.99
N ARG C 323 -1.23 0.93 32.63
CA ARG C 323 0.22 1.11 32.82
C ARG C 323 0.61 0.74 34.26
N THR C 324 -0.21 1.10 35.25
CA THR C 324 0.18 1.03 36.68
C THR C 324 -0.22 -0.31 37.28
N GLY C 325 -0.99 -1.14 36.58
CA GLY C 325 -1.48 -2.43 37.08
C GLY C 325 -2.93 -2.36 37.49
N ALA C 326 -3.54 -1.18 37.33
CA ALA C 326 -5.00 -0.95 37.29
C ALA C 326 -5.27 -0.12 36.04
N PHE C 327 -6.53 0.05 35.63
CA PHE C 327 -6.84 0.94 34.51
C PHE C 327 -6.46 2.37 34.88
N PHE C 328 -6.95 2.84 36.02
CA PHE C 328 -6.66 4.17 36.60
C PHE C 328 -5.64 4.04 37.74
N GLY C 329 -4.52 4.74 37.60
CA GLY C 329 -3.51 4.85 38.66
C GLY C 329 -4.03 5.62 39.85
N SER C 330 -4.92 6.60 39.62
CA SER C 330 -5.70 7.31 40.67
C SER C 330 -6.49 6.33 41.57
N ALA C 331 -7.07 5.26 41.00
CA ALA C 331 -7.83 4.24 41.76
C ALA C 331 -6.84 3.45 42.63
N LEU C 332 -5.71 3.08 42.06
CA LEU C 332 -4.65 2.31 42.74
C LEU C 332 -4.08 3.11 43.92
N LEU C 333 -3.83 4.41 43.78
CA LEU C 333 -3.19 5.26 44.83
C LEU C 333 -4.22 6.04 45.67
N GLY C 334 -5.54 5.82 45.51
CA GLY C 334 -6.58 6.52 46.28
C GLY C 334 -6.62 8.02 46.05
N ILE C 335 -6.43 8.49 44.80
CA ILE C 335 -6.64 9.93 44.46
C ILE C 335 -8.08 10.10 43.93
N ARG C 336 -8.87 10.89 44.64
CA ARG C 336 -10.31 11.08 44.39
C ARG C 336 -10.43 12.38 43.61
N GLY C 337 -10.35 12.28 42.28
CA GLY C 337 -10.46 13.44 41.39
C GLY C 337 -11.91 13.78 41.07
N ASP C 338 -12.14 14.99 40.60
CA ASP C 338 -13.41 15.46 40.00
C ASP C 338 -13.39 15.23 38.48
N TYR C 339 -12.26 15.48 37.83
CA TYR C 339 -12.04 15.36 36.36
C TYR C 339 -10.85 14.44 36.17
N TYR C 340 -10.90 13.63 35.12
CA TYR C 340 -9.79 12.74 34.70
C TYR C 340 -9.47 12.93 33.22
N THR C 341 -8.20 12.84 32.85
CA THR C 341 -7.80 12.87 31.42
C THR C 341 -7.06 11.58 31.07
N LEU C 342 -7.33 11.10 29.87
CA LEU C 342 -6.62 9.94 29.27
C LEU C 342 -6.17 10.34 27.85
N ALA C 343 -5.09 9.75 27.37
CA ALA C 343 -4.63 9.90 25.97
C ALA C 343 -3.78 8.70 25.53
N LYS C 344 -2.51 8.64 25.87
CA LYS C 344 -1.45 7.85 25.18
C LYS C 344 -1.96 6.49 24.61
N ALA C 345 -2.20 5.49 25.42
CA ALA C 345 -2.47 4.10 24.93
C ALA C 345 -3.82 3.98 24.21
N ILE C 346 -4.72 4.98 24.32
CA ILE C 346 -6.11 4.84 23.80
C ILE C 346 -6.19 4.88 22.26
N GLY C 347 -5.17 5.38 21.60
CA GLY C 347 -5.04 5.33 20.12
C GLY C 347 -4.40 4.05 19.62
N GLY C 348 -4.13 3.07 20.50
CA GLY C 348 -3.65 1.73 20.11
C GLY C 348 -2.26 1.75 19.51
N GLY C 349 -1.51 2.84 19.74
CA GLY C 349 -0.17 3.06 19.18
C GLY C 349 -0.22 3.41 17.70
N ILE C 350 -1.42 3.66 17.11
CA ILE C 350 -1.51 3.99 15.67
C ILE C 350 -2.25 5.31 15.43
N VAL C 351 -3.24 5.69 16.24
CA VAL C 351 -4.03 6.93 15.96
C VAL C 351 -4.00 7.83 17.20
N LYS C 352 -4.62 8.99 17.09
CA LYS C 352 -4.54 10.07 18.12
C LYS C 352 -5.93 10.33 18.66
N ASN C 353 -6.05 10.27 19.97
CA ASN C 353 -7.35 10.39 20.69
C ASN C 353 -7.05 10.75 22.14
N SER C 354 -7.98 11.46 22.77
CA SER C 354 -7.90 11.81 24.21
C SER C 354 -9.30 12.09 24.72
N VAL C 355 -9.45 12.02 26.03
CA VAL C 355 -10.79 12.18 26.65
C VAL C 355 -10.60 12.87 27.99
N ALA C 356 -11.51 13.79 28.27
CA ALA C 356 -11.72 14.39 29.60
C ALA C 356 -12.99 13.76 30.12
N LEU C 357 -12.92 13.18 31.32
CA LEU C 357 -14.08 12.72 32.11
C LEU C 357 -14.34 13.77 33.19
N ILE C 358 -15.53 14.37 33.20
CA ILE C 358 -15.92 15.43 34.18
C ILE C 358 -17.14 14.93 34.99
N ARG C 359 -17.09 14.99 36.32
CA ARG C 359 -18.16 14.37 37.16
C ARG C 359 -19.48 15.06 36.78
N GLN C 360 -20.51 14.28 36.50
CA GLN C 360 -21.80 14.79 35.97
C GLN C 360 -22.46 15.79 36.91
N ASP C 361 -22.29 15.67 38.23
CA ASP C 361 -22.90 16.66 39.15
C ASP C 361 -22.13 17.99 39.12
N ARG C 362 -20.99 18.08 38.44
CA ARG C 362 -20.27 19.37 38.25
C ARG C 362 -20.37 19.83 36.80
N PHE C 363 -20.76 18.96 35.87
CA PHE C 363 -20.68 19.20 34.42
C PHE C 363 -21.68 20.27 33.97
N LEU C 364 -21.19 21.32 33.31
CA LEU C 364 -22.01 22.46 32.86
C LEU C 364 -22.36 22.22 31.41
N PRO C 365 -23.67 21.98 31.10
CA PRO C 365 -24.08 21.50 29.80
C PRO C 365 -23.71 22.46 28.66
N ALA C 366 -23.50 23.76 28.92
CA ALA C 366 -22.99 24.68 27.89
C ALA C 366 -21.69 24.15 27.27
N MET C 367 -20.85 23.46 28.04
CA MET C 367 -19.56 22.90 27.57
C MET C 367 -19.81 21.98 26.37
N GLU C 368 -20.95 21.30 26.29
CA GLU C 368 -21.23 20.31 25.21
C GLU C 368 -21.44 21.03 23.88
N VAL C 369 -21.82 22.32 23.90
CA VAL C 369 -22.20 23.08 22.67
C VAL C 369 -21.24 24.25 22.44
N ILE C 370 -20.49 24.75 23.44
CA ILE C 370 -19.52 25.86 23.20
C ILE C 370 -18.12 25.29 22.95
N HIS C 371 -17.81 24.06 23.35
CA HIS C 371 -16.51 23.42 23.07
C HIS C 371 -16.67 22.48 21.86
N SER C 372 -15.68 22.46 20.98
CA SER C 372 -15.59 21.56 19.80
C SER C 372 -14.16 21.65 19.22
N SER C 373 -13.90 20.77 18.27
CA SER C 373 -12.61 20.51 17.56
C SER C 373 -13.00 19.75 16.28
N THR C 374 -12.37 20.03 15.15
CA THR C 374 -12.67 19.34 13.87
C THR C 374 -12.54 17.83 14.04
N PHE C 375 -11.39 17.39 14.58
CA PHE C 375 -10.92 15.99 14.48
C PHE C 375 -11.38 15.17 15.69
N ALA C 376 -11.89 15.79 16.75
CA ALA C 376 -12.32 15.12 17.99
C ALA C 376 -13.53 14.24 17.72
N LYS C 377 -13.56 13.08 18.36
CA LYS C 377 -14.70 12.15 18.29
C LYS C 377 -14.78 11.52 16.88
N ASP C 378 -13.67 11.53 16.11
CA ASP C 378 -13.64 10.95 14.75
C ASP C 378 -13.94 9.44 14.84
N GLY C 379 -14.51 8.87 13.77
CA GLY C 379 -14.98 7.48 13.75
C GLY C 379 -13.86 6.49 13.87
N LEU C 380 -12.69 6.78 13.27
CA LEU C 380 -11.58 5.81 13.24
C LEU C 380 -11.01 5.66 14.67
N SER C 381 -10.63 6.74 15.34
CA SER C 381 -10.04 6.64 16.69
C SER C 381 -11.11 6.15 17.69
N ALA C 382 -12.40 6.45 17.45
CA ALA C 382 -13.54 5.94 18.26
C ALA C 382 -13.58 4.38 18.23
N SER C 383 -13.51 3.78 17.03
CA SER C 383 -13.49 2.32 16.82
C SER C 383 -12.28 1.69 17.52
N ILE C 384 -11.11 2.29 17.32
CA ILE C 384 -9.82 1.80 17.88
C ILE C 384 -9.84 1.92 19.40
N ALA C 385 -10.41 2.98 19.95
CA ALA C 385 -10.64 3.14 21.40
C ALA C 385 -11.42 1.93 21.90
N LEU C 386 -12.53 1.58 21.27
CA LEU C 386 -13.41 0.49 21.76
C LEU C 386 -12.62 -0.81 21.69
N LYS C 387 -11.71 -0.95 20.72
CA LYS C 387 -10.88 -2.19 20.58
C LYS C 387 -9.88 -2.22 21.74
N VAL C 388 -9.18 -1.11 21.96
CA VAL C 388 -8.15 -1.02 23.04
C VAL C 388 -8.83 -1.34 24.38
N LEU C 389 -10.04 -0.83 24.64
CA LEU C 389 -10.79 -1.04 25.92
C LEU C 389 -11.20 -2.51 26.02
N GLU C 390 -11.65 -3.13 24.92
CA GLU C 390 -11.94 -4.58 24.90
C GLU C 390 -10.66 -5.34 25.28
N MET C 391 -9.51 -5.02 24.67
CA MET C 391 -8.25 -5.79 24.90
C MET C 391 -7.82 -5.69 26.37
N VAL C 392 -7.86 -4.49 26.96
CA VAL C 392 -7.30 -4.25 28.31
C VAL C 392 -8.25 -4.84 29.36
N GLU C 393 -9.55 -4.96 29.05
CA GLU C 393 -10.61 -5.53 29.93
C GLU C 393 -10.75 -7.06 29.76
N ALA C 394 -10.17 -7.68 28.74
CA ALA C 394 -10.43 -9.08 28.37
C ALA C 394 -10.03 -10.03 29.51
N ASP C 395 -10.78 -11.15 29.60
CA ASP C 395 -10.43 -12.37 30.38
C ASP C 395 -10.40 -11.99 31.86
N GLY C 396 -11.45 -11.32 32.31
CA GLY C 396 -11.69 -10.98 33.72
C GLY C 396 -10.53 -10.22 34.33
N GLY C 397 -9.88 -9.36 33.56
CA GLY C 397 -8.83 -8.45 34.05
C GLY C 397 -7.45 -9.10 34.16
N ARG C 398 -7.14 -10.09 33.35
CA ARG C 398 -5.83 -10.80 33.40
C ARG C 398 -4.75 -9.89 32.81
N VAL C 399 -5.12 -8.92 31.99
CA VAL C 399 -4.14 -8.00 31.38
C VAL C 399 -3.52 -7.14 32.49
N TYR C 400 -4.32 -6.65 33.45
CA TYR C 400 -3.82 -5.85 34.59
C TYR C 400 -2.85 -6.71 35.40
N GLN C 401 -3.21 -7.97 35.62
CA GLN C 401 -2.38 -8.99 36.35
C GLN C 401 -1.06 -9.18 35.61
N ARG C 402 -1.10 -9.18 34.29
CA ARG C 402 0.12 -9.36 33.48
C ARG C 402 1.02 -8.13 33.65
N VAL C 403 0.46 -6.91 33.64
CA VAL C 403 1.22 -5.65 33.88
C VAL C 403 1.89 -5.71 35.27
N ARG C 404 1.10 -6.03 36.30
CA ARG C 404 1.61 -6.12 37.71
C ARG C 404 2.77 -7.11 37.74
N GLU C 405 2.62 -8.28 37.10
CA GLU C 405 3.63 -9.38 37.15
C GLU C 405 4.86 -8.98 36.32
N ARG C 406 4.67 -8.39 35.13
CA ARG C 406 5.78 -7.84 34.30
C ARG C 406 6.46 -6.67 35.03
N GLY C 407 5.69 -5.76 35.64
CA GLY C 407 6.20 -4.62 36.45
C GLY C 407 7.10 -5.08 37.59
N GLN C 408 6.68 -6.10 38.35
CA GLN C 408 7.42 -6.64 39.51
C GLN C 408 8.75 -7.19 39.00
N ARG C 409 8.72 -7.96 37.91
CA ARG C 409 9.95 -8.56 37.33
C ARG C 409 10.92 -7.42 36.96
N LEU C 410 10.44 -6.36 36.31
CA LEU C 410 11.30 -5.26 35.79
C LEU C 410 11.78 -4.41 36.98
N GLU C 411 10.91 -4.07 37.92
CA GLU C 411 11.26 -3.31 39.15
C GLU C 411 12.35 -4.09 39.94
N ALA C 412 12.16 -5.39 40.19
CA ALA C 412 13.14 -6.25 40.91
C ALA C 412 14.50 -6.20 40.22
N MET C 413 14.51 -6.23 38.89
CA MET C 413 15.76 -6.18 38.11
C MET C 413 16.41 -4.82 38.35
N LEU C 414 15.63 -3.74 38.33
CA LEU C 414 16.21 -2.38 38.43
C LEU C 414 16.77 -2.19 39.84
N GLU C 415 16.11 -2.76 40.83
CA GLU C 415 16.49 -2.77 42.27
C GLU C 415 17.79 -3.56 42.43
N SER C 416 17.89 -4.73 41.79
CA SER C 416 19.10 -5.58 41.86
C SER C 416 20.28 -4.79 41.25
N VAL C 417 20.03 -3.98 40.23
CA VAL C 417 21.10 -3.15 39.59
C VAL C 417 21.45 -1.98 40.51
N ARG C 418 20.48 -1.30 41.08
CA ARG C 418 20.72 -0.16 42.00
C ARG C 418 21.59 -0.63 43.16
N ALA C 419 21.24 -1.77 43.78
CA ALA C 419 21.90 -2.33 44.99
C ALA C 419 23.41 -2.50 44.74
N ASP C 420 23.84 -2.87 43.52
CA ASP C 420 25.27 -3.12 43.15
C ASP C 420 25.85 -1.88 42.48
N HIS C 421 25.06 -0.83 42.24
CA HIS C 421 25.51 0.37 41.50
C HIS C 421 24.99 1.66 42.15
N SER C 422 24.83 1.62 43.48
CA SER C 422 24.34 2.72 44.36
C SER C 422 25.30 3.91 44.32
N ASP C 423 26.53 3.73 43.82
CA ASP C 423 27.48 4.87 43.67
C ASP C 423 27.03 5.82 42.54
N VAL C 424 26.26 5.34 41.56
CA VAL C 424 25.81 6.18 40.40
C VAL C 424 24.28 6.15 40.23
N VAL C 425 23.58 5.23 40.89
CA VAL C 425 22.10 5.09 40.90
C VAL C 425 21.59 5.39 42.32
N SER C 426 20.78 6.44 42.49
CA SER C 426 20.26 6.90 43.79
C SER C 426 18.89 6.28 44.13
N ALA C 427 18.09 5.80 43.16
CA ALA C 427 16.75 5.23 43.43
C ALA C 427 16.10 4.59 42.18
N VAL C 428 15.12 3.71 42.46
CA VAL C 428 14.05 3.19 41.56
C VAL C 428 12.74 3.83 42.00
N TRP C 429 12.03 4.45 41.06
CA TRP C 429 10.71 5.10 41.27
C TRP C 429 9.68 4.47 40.34
N GLY C 430 8.41 4.49 40.74
CA GLY C 430 7.27 4.23 39.84
C GLY C 430 6.52 2.99 40.23
N THR C 431 5.59 2.54 39.39
CA THR C 431 4.74 1.38 39.72
C THR C 431 4.26 0.77 38.41
N GLY C 432 3.88 -0.48 38.45
CA GLY C 432 3.48 -1.24 37.27
C GLY C 432 4.60 -1.22 36.25
N LEU C 433 4.27 -0.80 35.02
CA LEU C 433 5.30 -0.75 33.95
C LEU C 433 5.64 0.70 33.64
N MET C 434 5.64 1.53 34.67
CA MET C 434 6.03 2.96 34.57
C MET C 434 7.09 3.20 35.65
N LEU C 435 8.34 2.89 35.32
CA LEU C 435 9.49 2.85 36.24
C LEU C 435 10.60 3.77 35.74
N ALA C 436 11.53 4.14 36.63
CA ALA C 436 12.72 4.94 36.25
C ALA C 436 13.85 4.67 37.26
N LEU C 437 15.09 4.81 36.81
CA LEU C 437 16.29 4.86 37.70
C LEU C 437 16.60 6.33 37.87
N GLU C 438 16.89 6.77 39.09
CA GLU C 438 17.44 8.13 39.34
C GLU C 438 18.97 8.01 39.29
N LEU C 439 19.61 8.83 38.46
CA LEU C 439 21.08 8.99 38.37
C LEU C 439 21.57 9.98 39.43
N ARG C 440 22.62 9.60 40.17
CA ARG C 440 23.40 10.53 41.04
C ARG C 440 23.99 11.63 40.17
N ASP C 441 24.08 12.80 40.73
CA ASP C 441 24.67 14.01 40.09
C ASP C 441 26.09 13.65 39.64
N GLN C 442 26.42 14.02 38.42
CA GLN C 442 27.76 13.78 37.83
C GLN C 442 28.40 15.13 37.50
N SER C 443 27.94 16.21 38.10
CA SER C 443 28.53 17.56 37.85
C SER C 443 29.98 17.66 38.37
N ASN C 444 30.39 16.82 39.34
CA ASN C 444 31.77 16.78 39.89
C ASN C 444 32.55 15.56 39.38
N ALA C 445 32.23 15.11 38.18
CA ALA C 445 32.80 13.89 37.59
C ALA C 445 34.26 14.17 37.24
N THR C 446 35.13 13.19 37.55
CA THR C 446 36.58 13.17 37.21
C THR C 446 36.74 13.52 35.72
N SER C 447 36.10 12.73 34.85
CA SER C 447 36.13 12.87 33.38
C SER C 447 35.53 14.22 32.98
N GLN C 448 36.29 15.00 32.22
CA GLN C 448 35.86 16.32 31.70
C GLN C 448 34.58 16.12 30.88
N ALA C 449 34.57 15.13 29.97
CA ALA C 449 33.51 15.02 28.93
C ALA C 449 32.20 14.65 29.60
N ILE C 450 32.23 13.73 30.56
CA ILE C 450 31.05 13.37 31.38
C ILE C 450 30.56 14.61 32.14
N ARG C 451 31.49 15.33 32.76
CA ARG C 451 31.22 16.49 33.67
C ARG C 451 30.53 17.60 32.85
N GLU C 452 31.06 17.90 31.67
CA GLU C 452 30.53 18.96 30.78
C GLU C 452 29.10 18.55 30.38
N LYS C 453 28.87 17.28 30.03
CA LYS C 453 27.53 16.80 29.65
C LYS C 453 26.59 16.88 30.86
N ALA C 454 27.02 16.49 32.05
CA ALA C 454 26.18 16.63 33.25
C ALA C 454 25.83 18.11 33.46
N ALA C 455 26.76 19.00 33.17
CA ALA C 455 26.61 20.45 33.43
C ALA C 455 25.53 21.03 32.51
N HIS C 456 25.48 20.60 31.25
CA HIS C 456 24.47 21.07 30.25
C HIS C 456 23.11 20.37 30.45
N GLY C 457 23.00 19.43 31.40
CA GLY C 457 21.77 18.66 31.70
C GLY C 457 21.54 17.49 30.73
N PHE C 458 22.59 17.05 30.05
CA PHE C 458 22.55 16.09 28.92
C PHE C 458 23.00 14.68 29.33
N LEU C 459 23.23 14.41 30.60
CA LEU C 459 23.83 13.13 31.06
C LEU C 459 22.98 11.93 30.61
N GLY C 460 21.70 11.90 31.01
CA GLY C 460 20.77 10.80 30.70
C GLY C 460 20.72 10.52 29.20
N TYR C 461 20.76 11.55 28.38
CA TYR C 461 20.76 11.42 26.90
C TYR C 461 22.02 10.66 26.45
N VAL C 462 23.16 11.00 27.02
CA VAL C 462 24.50 10.43 26.65
C VAL C 462 24.50 8.94 27.05
N LEU C 463 24.03 8.64 28.26
CA LEU C 463 23.95 7.26 28.77
C LEU C 463 23.02 6.44 27.86
N ALA C 464 21.98 7.07 27.31
CA ALA C 464 20.99 6.46 26.40
C ALA C 464 21.71 6.11 25.09
N GLY C 465 22.54 7.01 24.57
CA GLY C 465 23.39 6.71 23.40
C GLY C 465 24.25 5.47 23.64
N PHE C 466 24.87 5.37 24.82
CA PHE C 466 25.72 4.20 25.14
C PHE C 466 24.84 2.95 24.99
N LEU C 467 23.68 2.95 25.65
CA LEU C 467 22.74 1.80 25.66
C LEU C 467 22.34 1.46 24.23
N LEU C 468 22.18 2.45 23.35
CA LEU C 468 21.80 2.19 21.93
C LEU C 468 22.96 1.52 21.19
N ARG C 469 24.15 2.14 21.16
CA ARG C 469 25.27 1.71 20.27
C ARG C 469 25.93 0.42 20.79
N GLU C 470 25.87 0.13 22.10
CA GLU C 470 26.63 -0.99 22.72
C GLU C 470 25.71 -2.16 23.10
N HIS C 471 24.42 -1.96 23.34
CA HIS C 471 23.54 -3.05 23.80
C HIS C 471 22.28 -3.13 22.95
N HIS C 472 22.13 -2.25 21.96
CA HIS C 472 20.94 -2.19 21.08
C HIS C 472 19.69 -2.09 21.95
N ILE C 473 19.71 -1.18 22.93
CA ILE C 473 18.52 -0.87 23.78
C ILE C 473 18.20 0.62 23.68
N ARG C 474 16.93 0.92 23.37
CA ARG C 474 16.36 2.28 23.30
C ARG C 474 15.82 2.62 24.68
N VAL C 475 16.51 3.52 25.37
CA VAL C 475 16.03 4.19 26.61
C VAL C 475 16.01 5.71 26.31
N LEU C 476 15.01 6.41 26.84
CA LEU C 476 15.06 7.90 26.84
C LEU C 476 15.05 8.35 28.29
N PRO C 477 15.69 9.49 28.59
CA PRO C 477 15.69 10.02 29.95
C PRO C 477 14.34 10.68 30.28
N ALA C 478 14.08 10.86 31.56
CA ALA C 478 12.98 11.70 32.07
C ALA C 478 13.54 12.78 33.00
N GLY C 479 12.68 13.71 33.41
CA GLY C 479 13.02 14.64 34.49
C GLY C 479 13.84 15.81 33.94
N PRO C 480 14.01 16.87 34.76
CA PRO C 480 14.35 18.20 34.25
C PRO C 480 15.79 18.36 33.71
N ARG C 481 16.74 17.58 34.22
CA ARG C 481 18.16 17.65 33.78
C ARG C 481 18.54 16.26 33.28
N SER C 482 17.60 15.57 32.65
CA SER C 482 17.77 14.20 32.10
C SER C 482 18.46 13.37 33.18
N GLY C 483 18.05 13.54 34.44
CA GLY C 483 18.65 12.88 35.61
C GLY C 483 18.00 11.56 35.93
N PHE C 484 17.08 11.09 35.11
CA PHE C 484 16.39 9.78 35.28
C PHE C 484 16.38 9.04 33.95
N LEU C 485 16.39 7.71 34.02
CA LEU C 485 16.24 6.80 32.86
C LEU C 485 14.86 6.14 32.97
N ARG C 486 14.10 6.16 31.88
CA ARG C 486 12.69 5.71 31.82
C ARG C 486 12.69 4.25 31.38
N PHE C 487 11.85 3.44 32.01
CA PHE C 487 11.58 2.04 31.60
C PHE C 487 10.06 1.91 31.56
N SER C 488 9.46 2.09 30.37
CA SER C 488 7.99 1.94 30.18
C SER C 488 7.73 1.07 28.96
N PRO C 489 8.19 -0.22 28.95
CA PRO C 489 7.93 -1.12 27.83
C PRO C 489 6.49 -1.65 27.81
N SER C 490 6.13 -2.39 26.78
CA SER C 490 4.82 -3.08 26.66
C SER C 490 4.74 -4.24 27.65
N LEU C 491 3.52 -4.72 27.91
CA LEU C 491 3.25 -5.86 28.80
C LEU C 491 3.77 -7.18 28.19
N TYR C 492 4.29 -7.19 26.96
CA TYR C 492 4.86 -8.41 26.31
C TYR C 492 6.37 -8.47 26.52
N ILE C 493 6.96 -7.51 27.23
CA ILE C 493 8.43 -7.59 27.55
C ILE C 493 8.71 -9.01 28.09
N THR C 494 9.65 -9.74 27.50
CA THR C 494 10.02 -11.12 27.87
C THR C 494 11.09 -11.13 28.98
N ASP C 495 11.19 -12.22 29.72
CA ASP C 495 12.26 -12.48 30.72
C ASP C 495 13.64 -12.22 30.07
N GLU C 496 13.83 -12.66 28.83
CA GLU C 496 15.14 -12.56 28.14
C GLU C 496 15.48 -11.08 27.85
N GLU C 497 14.46 -10.28 27.48
CA GLU C 497 14.63 -8.81 27.22
C GLU C 497 14.98 -8.10 28.55
N ILE C 498 14.37 -8.53 29.65
CA ILE C 498 14.67 -7.94 30.99
C ILE C 498 16.11 -8.29 31.37
N ASP C 499 16.56 -9.53 31.14
CA ASP C 499 17.97 -9.96 31.39
C ASP C 499 18.93 -9.15 30.52
N ARG C 500 18.63 -8.96 29.23
CA ARG C 500 19.50 -8.17 28.31
C ARG C 500 19.60 -6.70 28.79
N THR C 501 18.53 -6.13 29.32
CA THR C 501 18.50 -4.76 29.89
C THR C 501 19.42 -4.70 31.13
N GLU C 502 19.31 -5.70 32.01
CA GLU C 502 20.18 -5.84 33.22
C GLU C 502 21.65 -5.77 32.80
N THR C 503 22.06 -6.66 31.88
CA THR C 503 23.45 -6.73 31.36
C THR C 503 23.87 -5.35 30.85
N ALA C 504 23.02 -4.71 30.05
CA ALA C 504 23.31 -3.40 29.43
C ALA C 504 23.54 -2.37 30.53
N LEU C 505 22.74 -2.40 31.61
CA LEU C 505 22.77 -1.39 32.70
C LEU C 505 24.01 -1.62 33.60
N ARG C 506 24.31 -2.86 33.98
CA ARG C 506 25.57 -3.19 34.71
C ARG C 506 26.73 -2.68 33.86
N SER C 507 26.73 -2.94 32.56
CA SER C 507 27.80 -2.45 31.64
C SER C 507 27.88 -0.93 31.74
N LEU C 508 26.75 -0.24 31.51
CA LEU C 508 26.66 1.25 31.54
C LEU C 508 27.17 1.79 32.89
N PHE C 509 26.67 1.26 34.00
CA PHE C 509 26.97 1.81 35.36
C PHE C 509 28.39 1.41 35.81
N THR C 510 28.99 0.36 35.25
CA THR C 510 30.43 0.01 35.48
C THR C 510 31.29 1.01 34.71
N ALA C 511 30.98 1.26 33.43
CA ALA C 511 31.63 2.33 32.64
C ALA C 511 31.52 3.69 33.38
N LEU C 512 30.38 3.97 34.03
CA LEU C 512 30.17 5.28 34.69
C LEU C 512 31.03 5.33 35.96
N ARG C 513 31.00 4.30 36.79
CA ARG C 513 31.88 4.16 37.99
C ARG C 513 33.33 4.41 37.59
N ASP C 514 33.80 3.89 36.45
CA ASP C 514 35.20 3.96 35.94
C ASP C 514 35.51 5.30 35.30
N GLN C 515 34.51 6.17 35.17
CA GLN C 515 34.64 7.51 34.54
C GLN C 515 35.24 7.40 33.13
N ASP C 516 34.75 6.45 32.32
CA ASP C 516 35.26 6.17 30.95
C ASP C 516 34.57 7.11 29.95
N GLY C 517 34.88 8.40 30.03
CA GLY C 517 34.41 9.45 29.11
C GLY C 517 34.63 9.16 27.63
N ASP C 518 35.70 8.48 27.25
CA ASP C 518 35.97 8.25 25.80
C ASP C 518 34.99 7.21 25.25
N ARG C 519 34.49 6.32 26.10
CA ARG C 519 33.54 5.25 25.72
C ARG C 519 32.08 5.74 25.78
N LEU C 520 31.77 6.68 26.69
CA LEU C 520 30.38 7.13 27.01
C LEU C 520 29.99 8.33 26.15
N VAL C 521 30.91 9.27 25.95
CA VAL C 521 30.70 10.53 25.19
C VAL C 521 31.45 10.46 23.87
N LEU C 522 30.75 10.62 22.74
CA LEU C 522 31.31 10.54 21.36
C LEU C 522 32.33 11.67 21.12
N GLY D 6 7.39 2.32 -45.89
CA GLY D 6 8.80 2.13 -46.36
C GLY D 6 9.82 2.11 -45.22
N GLU D 7 9.50 2.68 -44.05
CA GLU D 7 10.50 2.89 -42.96
C GLU D 7 10.68 1.58 -42.19
N PRO D 8 11.88 1.37 -41.61
CA PRO D 8 12.13 0.18 -40.80
C PRO D 8 11.08 0.01 -39.68
N VAL D 9 10.55 -1.19 -39.57
CA VAL D 9 9.61 -1.60 -38.50
C VAL D 9 10.18 -2.86 -37.82
N TYR D 10 9.99 -3.01 -36.51
CA TYR D 10 10.68 -4.06 -35.73
C TYR D 10 9.67 -4.94 -34.97
N ALA D 11 8.39 -4.55 -34.91
CA ALA D 11 7.27 -5.36 -34.37
C ALA D 11 5.95 -4.81 -34.90
N ASP D 12 4.95 -5.68 -35.08
CA ASP D 12 3.52 -5.28 -35.10
C ASP D 12 3.11 -4.58 -36.40
N ALA D 13 3.91 -4.59 -37.46
CA ALA D 13 3.52 -3.93 -38.73
C ALA D 13 2.17 -4.47 -39.21
N VAL D 14 2.06 -5.80 -39.31
CA VAL D 14 0.86 -6.49 -39.87
C VAL D 14 -0.29 -6.34 -38.86
N LEU D 15 -0.01 -6.55 -37.58
CA LEU D 15 -1.03 -6.43 -36.51
C LEU D 15 -1.63 -5.02 -36.57
N ASN D 16 -0.77 -4.01 -36.62
CA ASN D 16 -1.19 -2.58 -36.62
C ASN D 16 -1.94 -2.25 -37.93
N GLY D 17 -1.41 -2.66 -39.09
CA GLY D 17 -2.08 -2.45 -40.38
C GLY D 17 -3.50 -2.97 -40.31
N TRP D 18 -3.64 -4.19 -39.78
CA TRP D 18 -4.96 -4.84 -39.68
C TRP D 18 -5.85 -4.10 -38.65
N LEU D 19 -5.38 -3.79 -37.44
CA LEU D 19 -6.18 -3.01 -36.44
C LEU D 19 -6.66 -1.67 -37.05
N THR D 20 -5.79 -0.94 -37.74
CA THR D 20 -6.14 0.37 -38.37
C THR D 20 -7.34 0.18 -39.31
N SER D 21 -7.30 -0.82 -40.18
CA SER D 21 -8.34 -1.01 -41.24
C SER D 21 -9.69 -1.41 -40.60
N MET D 22 -9.66 -1.98 -39.40
CA MET D 22 -10.88 -2.35 -38.63
C MET D 22 -11.45 -1.15 -37.85
N GLY D 23 -10.77 -0.02 -37.78
CA GLY D 23 -11.13 1.12 -36.91
C GLY D 23 -10.66 0.96 -35.46
N LEU D 24 -9.65 0.13 -35.19
CA LEU D 24 -9.17 -0.17 -33.82
C LEU D 24 -7.73 0.28 -33.62
N GLY D 25 -7.23 1.12 -34.52
CA GLY D 25 -5.87 1.66 -34.51
C GLY D 25 -5.76 2.84 -33.57
N VAL D 26 -5.72 2.59 -32.27
CA VAL D 26 -5.64 3.65 -31.22
C VAL D 26 -4.56 3.22 -30.22
N GLU D 27 -3.87 4.18 -29.60
CA GLU D 27 -2.91 3.93 -28.50
C GLU D 27 -3.55 4.39 -27.18
N TYR D 28 -3.78 3.47 -26.25
CA TYR D 28 -4.24 3.85 -24.89
C TYR D 28 -3.00 4.25 -24.07
N VAL D 29 -3.04 5.45 -23.46
CA VAL D 29 -1.89 6.08 -22.76
C VAL D 29 -2.04 5.90 -21.27
N ARG D 30 -3.25 5.66 -20.76
CA ARG D 30 -3.51 5.59 -19.30
C ARG D 30 -4.80 4.82 -19.10
N ALA D 31 -4.96 4.25 -17.91
CA ALA D 31 -6.11 3.38 -17.59
C ALA D 31 -6.43 3.49 -16.10
N GLU D 32 -7.70 3.57 -15.77
CA GLU D 32 -8.19 3.72 -14.39
C GLU D 32 -9.58 3.12 -14.33
N GLY D 33 -9.81 2.16 -13.43
CA GLY D 33 -11.11 1.48 -13.31
C GLY D 33 -11.57 0.89 -14.65
N ASN D 34 -12.71 1.32 -15.16
CA ASN D 34 -13.30 0.76 -16.41
C ASN D 34 -12.94 1.68 -17.58
N THR D 35 -11.98 2.59 -17.41
CA THR D 35 -11.67 3.60 -18.42
C THR D 35 -10.22 3.44 -18.90
N VAL D 36 -10.05 3.39 -20.22
CA VAL D 36 -8.74 3.61 -20.90
C VAL D 36 -8.81 4.96 -21.64
N TYR D 37 -7.68 5.63 -21.78
CA TYR D 37 -7.60 6.98 -22.39
C TYR D 37 -6.67 6.94 -23.59
N TYR D 38 -7.09 7.52 -24.71
CA TYR D 38 -6.20 7.84 -25.86
C TYR D 38 -6.06 9.37 -25.96
N LEU D 39 -5.07 9.84 -26.71
CA LEU D 39 -4.83 11.29 -26.93
C LEU D 39 -5.46 11.68 -28.28
N ASP D 40 -6.32 12.72 -28.29
CA ASP D 40 -6.85 13.31 -29.54
C ASP D 40 -5.72 14.10 -30.20
N ASP D 41 -5.97 14.67 -31.38
CA ASP D 41 -4.95 15.36 -32.21
C ASP D 41 -4.36 16.56 -31.45
N GLU D 42 -5.10 17.14 -30.51
CA GLU D 42 -4.68 18.32 -29.70
C GLU D 42 -4.05 17.89 -28.36
N GLY D 43 -3.93 16.59 -28.07
CA GLY D 43 -3.16 16.06 -26.91
C GLY D 43 -3.99 15.92 -25.63
N ARG D 44 -5.31 16.11 -25.72
CA ARG D 44 -6.25 15.91 -24.59
C ARG D 44 -6.58 14.40 -24.47
N GLU D 45 -6.69 13.90 -23.23
CA GLU D 45 -7.14 12.52 -22.93
C GLU D 45 -8.63 12.37 -23.23
N VAL D 46 -8.99 11.37 -24.03
CA VAL D 46 -10.39 10.99 -24.36
C VAL D 46 -10.72 9.70 -23.62
N PRO D 47 -11.71 9.70 -22.69
CA PRO D 47 -12.04 8.49 -21.97
C PRO D 47 -12.81 7.50 -22.88
N VAL D 48 -12.42 6.23 -22.82
CA VAL D 48 -13.11 5.09 -23.49
C VAL D 48 -13.49 4.06 -22.42
N LEU D 49 -14.75 3.67 -22.39
CA LEU D 49 -15.27 2.58 -21.54
C LEU D 49 -14.76 1.23 -22.08
N ASP D 50 -14.07 0.46 -21.23
CA ASP D 50 -13.41 -0.82 -21.61
C ASP D 50 -14.32 -2.00 -21.21
N HIS D 51 -14.91 -2.68 -22.18
CA HIS D 51 -15.71 -3.93 -22.01
C HIS D 51 -14.81 -5.17 -22.26
N ALA D 52 -13.59 -4.98 -22.75
CA ALA D 52 -12.64 -6.08 -23.05
C ALA D 52 -11.90 -6.42 -21.77
N CYS D 53 -11.27 -5.43 -21.11
CA CYS D 53 -10.66 -5.57 -19.76
C CYS D 53 -9.72 -6.80 -19.72
N GLY D 54 -8.77 -6.84 -20.63
CA GLY D 54 -7.75 -7.90 -20.69
C GLY D 54 -8.36 -9.26 -20.89
N PHE D 55 -9.42 -9.35 -21.69
CA PHE D 55 -10.16 -10.59 -21.97
C PHE D 55 -10.59 -11.23 -20.64
N GLY D 56 -11.11 -10.40 -19.73
CA GLY D 56 -11.69 -10.89 -18.44
C GLY D 56 -10.64 -10.99 -17.34
N SER D 57 -9.51 -10.29 -17.49
CA SER D 57 -8.43 -10.18 -16.47
C SER D 57 -8.80 -9.17 -15.37
N LEU D 58 -9.71 -8.23 -15.60
CA LEU D 58 -9.80 -6.99 -14.75
C LEU D 58 -11.12 -6.95 -14.02
N ILE D 59 -11.40 -8.00 -13.23
CA ILE D 59 -12.64 -8.02 -12.41
C ILE D 59 -12.67 -6.75 -11.54
N PHE D 60 -11.52 -6.21 -11.12
CA PHE D 60 -11.42 -5.05 -10.20
C PHE D 60 -11.03 -3.79 -10.99
N GLY D 61 -11.07 -3.88 -12.32
CA GLY D 61 -10.71 -2.78 -13.23
C GLY D 61 -9.21 -2.63 -13.42
N HIS D 62 -8.83 -1.66 -14.23
CA HIS D 62 -7.43 -1.25 -14.47
C HIS D 62 -6.87 -0.58 -13.21
N ASN D 63 -5.67 -0.97 -12.80
CA ASN D 63 -4.87 -0.20 -11.81
C ASN D 63 -5.71 0.12 -10.58
N HIS D 64 -6.33 -0.88 -9.96
CA HIS D 64 -7.11 -0.73 -8.73
C HIS D 64 -6.20 -0.19 -7.64
N PRO D 65 -6.62 0.90 -6.96
CA PRO D 65 -5.80 1.56 -5.94
C PRO D 65 -5.24 0.62 -4.85
N GLU D 66 -6.06 -0.34 -4.42
CA GLU D 66 -5.71 -1.36 -3.40
C GLU D 66 -4.60 -2.26 -3.94
N ILE D 67 -4.68 -2.65 -5.21
CA ILE D 67 -3.66 -3.53 -5.83
C ILE D 67 -2.38 -2.74 -6.09
N ILE D 68 -2.48 -1.54 -6.60
CA ILE D 68 -1.29 -0.66 -6.86
C ILE D 68 -0.56 -0.42 -5.53
N ALA D 69 -1.30 -0.10 -4.48
CA ALA D 69 -0.71 0.19 -3.14
C ALA D 69 -0.01 -1.09 -2.62
N HIS D 70 -0.64 -2.25 -2.74
CA HIS D 70 -0.06 -3.53 -2.26
C HIS D 70 1.22 -3.82 -3.04
N ALA D 71 1.17 -3.64 -4.36
CA ALA D 71 2.34 -3.86 -5.22
C ALA D 71 3.47 -2.91 -4.80
N LYS D 72 3.19 -1.62 -4.64
CA LYS D 72 4.25 -0.65 -4.22
C LYS D 72 4.82 -1.05 -2.85
N ALA D 73 3.99 -1.46 -1.89
CA ALA D 73 4.44 -1.88 -0.53
C ALA D 73 5.36 -3.11 -0.63
N ALA D 74 5.02 -4.06 -1.49
CA ALA D 74 5.83 -5.29 -1.66
C ALA D 74 7.20 -4.92 -2.24
N LEU D 75 7.25 -3.95 -3.15
CA LEU D 75 8.52 -3.52 -3.77
C LEU D 75 9.37 -2.79 -2.73
N ASP D 76 8.76 -1.91 -1.94
CA ASP D 76 9.43 -1.08 -0.89
C ASP D 76 9.93 -1.98 0.24
N ALA D 77 9.26 -3.10 0.53
CA ALA D 77 9.67 -4.06 1.59
C ALA D 77 10.87 -4.89 1.10
N GLY D 78 11.23 -4.85 -0.19
CA GLY D 78 12.28 -5.72 -0.74
C GLY D 78 11.86 -7.17 -0.69
N THR D 79 10.60 -7.45 -1.02
CA THR D 79 10.08 -8.81 -1.31
C THR D 79 11.11 -9.59 -2.15
N VAL D 80 11.34 -10.85 -1.80
CA VAL D 80 12.20 -11.78 -2.61
C VAL D 80 11.35 -12.29 -3.78
N VAL D 81 11.60 -11.77 -4.97
CA VAL D 81 10.97 -12.24 -6.24
C VAL D 81 11.60 -13.59 -6.66
N HIS D 82 12.93 -13.70 -6.62
CA HIS D 82 13.71 -14.89 -7.05
C HIS D 82 14.34 -15.62 -5.85
N ALA D 83 13.64 -16.62 -5.37
CA ALA D 83 14.06 -17.44 -4.20
C ALA D 83 13.91 -18.93 -4.59
N GLN D 84 14.35 -19.27 -5.79
CA GLN D 84 14.16 -20.64 -6.34
C GLN D 84 14.83 -21.63 -5.38
N LEU D 85 14.22 -22.79 -5.19
CA LEU D 85 14.76 -23.90 -4.33
C LEU D 85 15.07 -23.34 -2.94
N SER D 86 14.08 -22.65 -2.37
CA SER D 86 14.08 -22.20 -0.96
C SER D 86 12.64 -22.28 -0.47
N ARG D 87 12.38 -22.08 0.82
CA ARG D 87 11.03 -22.20 1.42
C ARG D 87 10.20 -21.00 1.01
N GLN D 88 9.07 -21.23 0.34
CA GLN D 88 8.15 -20.16 -0.10
C GLN D 88 6.76 -20.45 0.46
N PRO D 89 6.52 -20.18 1.75
CA PRO D 89 5.24 -20.51 2.37
C PRO D 89 4.02 -19.88 1.66
N ARG D 90 4.20 -18.81 0.90
CA ARG D 90 3.03 -18.10 0.30
C ARG D 90 2.33 -19.01 -0.70
N ALA D 91 3.04 -19.91 -1.38
CA ALA D 91 2.45 -20.89 -2.32
C ALA D 91 1.42 -21.76 -1.59
N ASN D 92 1.84 -22.32 -0.43
CA ASN D 92 0.99 -23.15 0.45
C ASN D 92 -0.21 -22.34 0.94
N GLN D 93 0.04 -21.07 1.25
CA GLN D 93 -0.96 -20.15 1.85
C GLN D 93 -2.04 -19.88 0.79
N ILE D 94 -1.62 -19.61 -0.46
CA ILE D 94 -2.55 -19.36 -1.59
C ILE D 94 -3.39 -20.62 -1.81
N SER D 95 -2.74 -21.80 -1.87
CA SER D 95 -3.42 -23.08 -2.18
C SER D 95 -4.45 -23.35 -1.10
N ARG D 96 -4.08 -23.10 0.16
CA ARG D 96 -5.01 -23.26 1.32
C ARG D 96 -6.29 -22.44 1.09
N ILE D 97 -6.16 -21.15 0.76
CA ILE D 97 -7.36 -20.27 0.58
C ILE D 97 -8.21 -20.87 -0.55
N LEU D 98 -7.59 -21.30 -1.63
CA LEU D 98 -8.32 -21.78 -2.82
C LEU D 98 -9.04 -23.09 -2.49
N ASN D 99 -8.38 -23.98 -1.74
CA ASN D 99 -8.96 -25.23 -1.18
C ASN D 99 -10.19 -24.92 -0.33
N ASP D 100 -10.12 -23.96 0.61
CA ASP D 100 -11.25 -23.58 1.51
C ASP D 100 -12.39 -23.08 0.65
N ILE D 101 -12.11 -22.22 -0.32
CA ILE D 101 -13.17 -21.64 -1.19
C ILE D 101 -13.84 -22.77 -1.97
N MET D 102 -13.09 -23.70 -2.52
CA MET D 102 -13.69 -24.76 -3.37
C MET D 102 -14.59 -25.67 -2.49
N ARG D 103 -14.16 -26.01 -1.28
CA ARG D 103 -14.97 -26.80 -0.33
C ARG D 103 -16.28 -26.05 -0.03
N ARG D 104 -16.21 -24.76 0.25
CA ARG D 104 -17.40 -23.92 0.57
C ARG D 104 -18.39 -23.95 -0.61
N GLU D 105 -17.91 -23.80 -1.84
CA GLU D 105 -18.80 -23.58 -3.00
C GLU D 105 -19.31 -24.92 -3.52
N THR D 106 -18.60 -26.04 -3.29
CA THR D 106 -19.01 -27.36 -3.87
C THR D 106 -19.59 -28.27 -2.79
N GLY D 107 -19.35 -27.96 -1.51
CA GLY D 107 -19.66 -28.83 -0.38
C GLY D 107 -18.83 -30.10 -0.37
N ARG D 108 -17.86 -30.25 -1.28
CA ARG D 108 -16.94 -31.42 -1.28
C ARG D 108 -15.77 -31.09 -0.36
N ASP D 109 -15.36 -32.02 0.49
CA ASP D 109 -14.23 -31.87 1.45
C ASP D 109 -13.04 -32.57 0.80
N ASP D 110 -12.65 -32.05 -0.36
CA ASP D 110 -11.54 -32.55 -1.21
C ASP D 110 -10.33 -31.66 -0.94
N ARG D 111 -9.11 -32.19 -1.06
CA ARG D 111 -7.91 -31.34 -0.98
C ARG D 111 -7.17 -31.33 -2.32
N TYR D 112 -6.48 -30.23 -2.62
CA TYR D 112 -5.78 -29.97 -3.91
C TYR D 112 -4.36 -29.49 -3.63
N ASN D 113 -3.38 -30.03 -4.36
CA ASN D 113 -2.01 -29.44 -4.47
C ASN D 113 -2.02 -28.34 -5.53
N ALA D 114 -1.21 -27.31 -5.29
CA ALA D 114 -1.03 -26.15 -6.21
C ALA D 114 0.39 -26.19 -6.80
N ILE D 115 0.44 -26.05 -8.12
CA ILE D 115 1.66 -25.82 -8.91
C ILE D 115 1.42 -24.50 -9.64
N PHE D 116 2.31 -23.53 -9.49
CA PHE D 116 2.18 -22.19 -10.09
C PHE D 116 2.88 -22.13 -11.44
N ALA D 117 2.43 -21.19 -12.29
CA ALA D 117 3.11 -20.88 -13.56
C ALA D 117 2.88 -19.42 -13.95
N ASN D 118 3.10 -19.09 -15.23
CA ASN D 118 3.27 -17.68 -15.67
C ASN D 118 2.11 -17.27 -16.59
N SER D 119 1.29 -18.20 -17.02
CA SER D 119 0.17 -17.92 -17.94
C SER D 119 -0.88 -19.03 -17.87
N GLY D 120 -2.05 -18.75 -18.45
CA GLY D 120 -3.15 -19.71 -18.53
C GLY D 120 -2.70 -20.95 -19.27
N ALA D 121 -2.00 -20.77 -20.37
CA ALA D 121 -1.52 -21.91 -21.19
C ALA D 121 -0.57 -22.76 -20.35
N GLU D 122 0.37 -22.14 -19.63
CA GLU D 122 1.36 -22.89 -18.82
C GLU D 122 0.63 -23.72 -17.75
N ALA D 123 -0.46 -23.21 -17.18
CA ALA D 123 -1.21 -23.93 -16.14
C ALA D 123 -1.90 -25.15 -16.78
N ASN D 124 -2.49 -24.97 -17.96
CA ASN D 124 -3.16 -26.07 -18.70
C ASN D 124 -2.11 -27.11 -19.06
N GLU D 125 -0.86 -26.71 -19.35
CA GLU D 125 0.19 -27.68 -19.76
C GLU D 125 0.76 -28.43 -18.55
N ILE D 126 0.81 -27.79 -17.38
CA ILE D 126 1.10 -28.54 -16.13
C ILE D 126 0.06 -29.69 -15.98
N CYS D 127 -1.21 -29.42 -16.27
CA CYS D 127 -2.31 -30.39 -16.19
C CYS D 127 -2.13 -31.48 -17.27
N MET D 128 -1.83 -31.09 -18.52
CA MET D 128 -1.52 -32.07 -19.60
C MET D 128 -0.39 -32.98 -19.14
N LYS D 129 0.68 -32.41 -18.58
CA LYS D 129 1.90 -33.15 -18.15
C LYS D 129 1.51 -34.09 -17.00
N HIS D 130 0.83 -33.60 -15.98
CA HIS D 130 0.42 -34.45 -14.83
C HIS D 130 -0.52 -35.55 -15.33
N ALA D 131 -1.45 -35.24 -16.21
CA ALA D 131 -2.41 -36.24 -16.75
C ALA D 131 -1.61 -37.34 -17.43
N GLU D 132 -0.54 -36.99 -18.15
CA GLU D 132 0.32 -37.98 -18.83
C GLU D 132 1.07 -38.79 -17.76
N LEU D 133 1.48 -38.22 -16.62
CA LEU D 133 2.16 -39.01 -15.54
C LEU D 133 1.20 -40.09 -15.05
N GLU D 134 -0.08 -39.72 -14.85
CA GLU D 134 -1.16 -40.63 -14.37
C GLU D 134 -1.31 -41.76 -15.40
N ARG D 135 -1.33 -41.41 -16.69
CA ARG D 135 -1.51 -42.36 -17.82
C ARG D 135 -0.32 -43.33 -17.83
N GLN D 136 0.91 -42.85 -17.59
CA GLN D 136 2.09 -43.74 -17.58
C GLN D 136 2.04 -44.68 -16.37
N GLU D 137 1.49 -44.26 -15.23
CA GLU D 137 1.26 -45.16 -14.08
C GLU D 137 0.25 -46.26 -14.48
N ARG D 138 -0.85 -45.91 -15.14
CA ARG D 138 -1.92 -46.89 -15.49
C ARG D 138 -1.32 -47.91 -16.45
N ILE D 139 -0.57 -47.44 -17.43
CA ILE D 139 0.12 -48.28 -18.45
C ILE D 139 1.09 -49.28 -17.77
N THR D 140 1.95 -48.81 -16.86
CA THR D 140 2.89 -49.67 -16.10
C THR D 140 2.10 -50.79 -15.40
N ALA D 141 1.02 -50.43 -14.70
CA ALA D 141 0.12 -51.34 -13.95
C ALA D 141 -0.48 -52.37 -14.92
N LEU D 142 -1.04 -51.94 -16.06
CA LEU D 142 -1.65 -52.80 -17.11
C LEU D 142 -0.62 -53.83 -17.62
N PHE D 143 0.59 -53.36 -17.93
CA PHE D 143 1.69 -54.16 -18.53
C PHE D 143 2.25 -55.14 -17.48
N ALA D 144 2.32 -54.75 -16.21
CA ALA D 144 2.69 -55.68 -15.12
C ALA D 144 1.69 -56.84 -15.07
N GLU D 145 0.39 -56.55 -15.10
CA GLU D 145 -0.68 -57.58 -15.06
C GLU D 145 -0.56 -58.50 -16.29
N ILE D 146 -0.26 -57.92 -17.46
CA ILE D 146 -0.22 -58.65 -18.75
C ILE D 146 0.97 -59.63 -18.72
N ASP D 147 2.13 -59.22 -18.22
CA ASP D 147 3.33 -60.08 -17.99
C ASP D 147 2.92 -61.29 -17.12
N ALA D 148 2.30 -61.06 -15.95
CA ALA D 148 1.76 -62.11 -15.05
C ALA D 148 0.76 -63.03 -15.76
N GLU D 149 -0.20 -62.49 -16.53
CA GLU D 149 -1.19 -63.28 -17.31
C GLU D 149 -0.44 -64.13 -18.38
N LEU D 150 0.65 -63.60 -18.94
CA LEU D 150 1.39 -64.26 -20.04
C LEU D 150 2.21 -65.41 -19.44
N ASP D 151 2.89 -65.18 -18.32
CA ASP D 151 3.66 -66.19 -17.54
C ASP D 151 2.71 -67.34 -17.14
N THR D 152 1.52 -67.04 -16.58
CA THR D 152 0.52 -68.06 -16.15
C THR D 152 0.08 -68.91 -17.35
N ALA D 153 -0.32 -68.28 -18.45
CA ALA D 153 -0.74 -68.98 -19.67
C ALA D 153 0.42 -69.85 -20.23
N ARG D 154 1.68 -69.42 -20.09
CA ARG D 154 2.89 -70.14 -20.62
C ARG D 154 3.15 -71.38 -19.76
N GLU D 155 2.90 -71.29 -18.45
CA GLU D 155 2.95 -72.44 -17.50
C GLU D 155 1.94 -73.50 -17.98
N ALA D 156 0.68 -73.12 -18.15
CA ALA D 156 -0.43 -74.05 -18.44
C ALA D 156 -0.25 -74.70 -19.82
N LEU D 157 0.49 -74.06 -20.74
CA LEU D 157 0.63 -74.57 -22.13
C LEU D 157 1.85 -75.49 -22.25
N THR D 158 2.91 -75.25 -21.47
CA THR D 158 4.16 -76.10 -21.46
C THR D 158 3.96 -77.29 -20.51
N THR D 159 3.82 -77.06 -19.20
CA THR D 159 3.36 -78.06 -18.18
C THR D 159 2.37 -79.04 -18.82
N GLY D 160 1.40 -78.56 -19.60
CA GLY D 160 0.46 -79.37 -20.39
C GLY D 160 -0.96 -79.33 -19.86
N THR D 161 -1.24 -78.56 -18.79
CA THR D 161 -2.59 -78.52 -18.15
C THR D 161 -3.64 -77.85 -19.06
N ALA D 162 -3.24 -77.18 -20.15
CA ALA D 162 -4.18 -76.42 -21.03
C ALA D 162 -3.73 -76.40 -22.48
N THR D 163 -4.69 -76.14 -23.38
CA THR D 163 -4.54 -76.10 -24.86
C THR D 163 -4.84 -74.67 -25.37
N LEU D 164 -3.99 -74.15 -26.26
CA LEU D 164 -4.22 -72.89 -27.01
C LEU D 164 -5.43 -73.09 -27.94
N ASP D 165 -6.43 -72.21 -27.88
CA ASP D 165 -7.59 -72.21 -28.84
C ASP D 165 -7.20 -71.40 -30.08
N THR D 166 -7.11 -72.05 -31.26
CA THR D 166 -6.56 -71.43 -32.52
C THR D 166 -7.61 -70.49 -33.16
N ALA D 167 -8.86 -70.43 -32.66
CA ALA D 167 -9.90 -69.46 -33.12
C ALA D 167 -9.49 -68.02 -32.77
N SER D 168 -8.62 -67.84 -31.75
CA SER D 168 -8.19 -66.55 -31.18
C SER D 168 -6.95 -65.99 -31.89
N LEU D 169 -6.25 -66.83 -32.68
CA LEU D 169 -4.96 -66.50 -33.35
C LEU D 169 -5.11 -65.42 -34.42
N PRO D 170 -6.29 -65.20 -35.06
CA PRO D 170 -6.44 -64.06 -35.97
C PRO D 170 -6.19 -62.69 -35.32
N LEU D 171 -5.94 -62.63 -34.00
CA LEU D 171 -5.45 -61.41 -33.31
C LEU D 171 -3.91 -61.29 -33.41
N VAL D 172 -3.21 -62.19 -34.12
CA VAL D 172 -1.73 -62.13 -34.32
C VAL D 172 -1.40 -62.58 -35.75
N ASP D 178 1.85 -71.63 -31.99
CA ASP D 178 3.19 -71.80 -31.37
C ASP D 178 3.34 -70.80 -30.20
N VAL D 179 3.52 -71.33 -28.98
CA VAL D 179 3.56 -70.58 -27.68
C VAL D 179 4.46 -69.35 -27.80
N ASP D 180 5.79 -69.53 -27.85
CA ASP D 180 6.79 -68.44 -27.76
C ASP D 180 6.56 -67.40 -28.86
N GLY D 181 6.22 -67.82 -30.07
CA GLY D 181 5.99 -66.93 -31.23
C GLY D 181 4.76 -66.06 -31.01
N VAL D 182 3.69 -66.63 -30.47
CA VAL D 182 2.41 -65.89 -30.18
C VAL D 182 2.71 -64.81 -29.13
N ILE D 183 3.55 -65.11 -28.14
CA ILE D 183 3.87 -64.17 -27.02
C ILE D 183 4.74 -63.03 -27.55
N ALA D 184 5.70 -63.32 -28.43
CA ALA D 184 6.57 -62.30 -29.03
C ALA D 184 5.74 -61.39 -29.94
N ASP D 185 4.76 -61.93 -30.68
CA ASP D 185 3.82 -61.16 -31.54
C ASP D 185 2.94 -60.24 -30.68
N ILE D 186 2.59 -60.68 -29.47
CA ILE D 186 1.83 -59.92 -28.44
C ILE D 186 2.69 -58.76 -27.91
N HIS D 187 3.91 -59.04 -27.47
CA HIS D 187 4.87 -58.03 -26.94
C HIS D 187 5.13 -56.96 -28.00
N ARG D 188 5.24 -57.33 -29.28
CA ARG D 188 5.51 -56.39 -30.40
C ARG D 188 4.28 -55.49 -30.57
N HIS D 189 3.10 -56.08 -30.75
CA HIS D 189 1.79 -55.36 -30.85
C HIS D 189 1.63 -54.38 -29.69
N ASN D 190 1.90 -54.84 -28.46
CA ASN D 190 1.70 -54.06 -27.21
C ASN D 190 2.69 -52.89 -27.17
N ASP D 191 3.94 -53.11 -27.57
CA ASP D 191 5.02 -52.08 -27.56
C ASP D 191 4.69 -50.99 -28.58
N GLU D 192 4.16 -51.34 -29.75
CA GLU D 192 3.70 -50.37 -30.77
C GLU D 192 2.64 -49.48 -30.12
N ARG D 193 1.61 -50.10 -29.54
CA ARG D 193 0.49 -49.39 -28.87
C ARG D 193 1.05 -48.42 -27.79
N ARG D 194 2.01 -48.90 -26.99
CA ARG D 194 2.50 -48.18 -25.79
C ARG D 194 3.14 -46.86 -26.21
N ALA D 195 3.81 -46.82 -27.38
CA ALA D 195 4.57 -45.65 -27.86
C ALA D 195 3.65 -44.67 -28.61
N GLU D 196 2.42 -45.05 -28.94
CA GLU D 196 1.44 -44.15 -29.62
C GLU D 196 1.17 -42.92 -28.77
N ARG D 197 0.96 -41.80 -29.43
CA ARG D 197 0.69 -40.50 -28.77
C ARG D 197 -0.68 -40.62 -28.12
N PRO D 198 -0.91 -40.03 -26.93
CA PRO D 198 -2.25 -40.02 -26.36
C PRO D 198 -3.15 -39.02 -27.08
N LEU D 199 -4.42 -39.03 -26.72
CA LEU D 199 -5.42 -38.07 -27.20
C LEU D 199 -5.84 -37.17 -26.03
N PHE D 200 -6.25 -35.95 -26.30
CA PHE D 200 -6.96 -35.15 -25.27
C PHE D 200 -8.39 -34.98 -25.78
N LEU D 201 -9.38 -34.87 -24.92
CA LEU D 201 -10.77 -34.57 -25.35
C LEU D 201 -11.09 -33.14 -24.88
N THR D 202 -11.61 -32.34 -25.80
CA THR D 202 -12.08 -30.97 -25.54
C THR D 202 -13.51 -30.89 -26.08
N LEU D 203 -14.16 -29.75 -25.84
CA LEU D 203 -15.43 -29.37 -26.49
C LEU D 203 -15.12 -28.62 -27.79
N ASP D 204 -16.05 -28.62 -28.74
CA ASP D 204 -15.95 -27.78 -29.97
C ASP D 204 -15.90 -26.30 -29.51
N GLY D 205 -15.11 -25.48 -30.19
CA GLY D 205 -14.96 -24.05 -29.85
C GLY D 205 -14.03 -23.86 -28.66
N SER D 206 -13.41 -24.93 -28.16
CA SER D 206 -12.55 -24.90 -26.94
C SER D 206 -11.42 -23.89 -27.15
N PHE D 207 -11.07 -23.15 -26.09
CA PHE D 207 -9.83 -22.33 -26.06
C PHE D 207 -9.08 -22.62 -24.76
N HIS D 208 -7.88 -23.18 -24.87
CA HIS D 208 -7.05 -23.62 -23.73
C HIS D 208 -5.61 -23.09 -23.85
N GLY D 209 -5.36 -22.11 -24.74
CA GLY D 209 -4.05 -21.48 -24.95
C GLY D 209 -3.43 -21.84 -26.29
N LYS D 210 -2.23 -21.29 -26.54
CA LYS D 210 -1.64 -21.30 -27.90
C LYS D 210 -0.16 -21.67 -27.87
N LEU D 211 0.30 -22.41 -26.86
CA LEU D 211 1.69 -22.97 -26.85
C LEU D 211 1.69 -24.30 -27.62
N VAL D 212 2.85 -24.95 -27.74
CA VAL D 212 3.00 -26.12 -28.63
C VAL D 212 1.98 -27.20 -28.26
N GLY D 213 1.86 -27.50 -26.96
CA GLY D 213 0.91 -28.51 -26.46
C GLY D 213 -0.50 -27.97 -26.49
N SER D 214 -0.73 -26.82 -25.85
CA SER D 214 -2.09 -26.29 -25.59
C SER D 214 -2.78 -25.91 -26.91
N ILE D 215 -2.03 -25.55 -27.96
CA ILE D 215 -2.67 -25.08 -29.24
C ILE D 215 -3.51 -26.25 -29.81
N GLN D 216 -3.06 -27.47 -29.63
CA GLN D 216 -3.80 -28.65 -30.15
C GLN D 216 -5.16 -28.71 -29.45
N LEU D 217 -5.33 -28.06 -28.28
CA LEU D 217 -6.58 -28.14 -27.47
C LEU D 217 -7.52 -26.99 -27.84
N THR D 218 -7.12 -26.15 -28.78
CA THR D 218 -7.84 -24.91 -29.19
C THR D 218 -8.41 -25.15 -30.59
N GLN D 219 -9.74 -25.11 -30.72
CA GLN D 219 -10.46 -25.39 -31.97
C GLN D 219 -10.01 -24.46 -33.11
N ASN D 220 -10.07 -23.15 -32.89
CA ASN D 220 -9.93 -22.09 -33.93
C ASN D 220 -8.90 -22.55 -34.98
N GLU D 221 -9.36 -22.84 -36.20
CA GLU D 221 -8.63 -23.64 -37.23
C GLU D 221 -7.38 -22.91 -37.73
N PRO D 222 -7.44 -21.60 -38.05
CA PRO D 222 -6.24 -20.87 -38.48
C PRO D 222 -5.15 -20.77 -37.39
N TRP D 223 -5.55 -20.77 -36.11
CA TRP D 223 -4.60 -20.69 -34.97
C TRP D 223 -3.89 -22.05 -34.78
N ARG D 224 -4.56 -23.15 -35.13
CA ARG D 224 -4.13 -24.51 -34.71
C ARG D 224 -3.57 -25.30 -35.89
N THR D 225 -4.27 -25.35 -37.03
CA THR D 225 -4.03 -26.41 -38.07
C THR D 225 -2.63 -26.28 -38.66
N PRO D 226 -1.96 -25.10 -38.69
CA PRO D 226 -0.57 -25.04 -39.13
C PRO D 226 0.42 -25.89 -38.30
N PHE D 227 0.03 -26.25 -37.06
CA PHE D 227 0.90 -26.80 -35.99
C PHE D 227 0.52 -28.25 -35.63
N THR D 228 -0.44 -28.84 -36.35
CA THR D 228 -1.02 -30.19 -36.12
C THR D 228 0.07 -31.23 -35.91
N ALA D 229 1.16 -31.16 -36.67
CA ALA D 229 2.20 -32.23 -36.68
C ALA D 229 2.98 -32.24 -35.35
N LEU D 230 2.97 -31.13 -34.58
CA LEU D 230 3.98 -30.94 -33.50
C LEU D 230 3.70 -31.84 -32.30
N SER D 231 2.43 -32.03 -31.95
CA SER D 231 2.00 -32.39 -30.58
C SER D 231 0.70 -33.22 -30.64
N SER D 232 0.42 -33.96 -29.55
CA SER D 232 -0.77 -34.81 -29.37
C SER D 232 -2.02 -34.00 -29.71
N PRO D 233 -2.95 -34.58 -30.50
CA PRO D 233 -4.17 -33.88 -30.85
C PRO D 233 -5.25 -34.06 -29.80
N ALA D 234 -6.31 -33.29 -29.98
CA ALA D 234 -7.57 -33.35 -29.22
C ALA D 234 -8.66 -33.85 -30.17
N ARG D 235 -9.69 -34.46 -29.61
CA ARG D 235 -10.96 -34.64 -30.34
C ARG D 235 -11.94 -33.66 -29.74
N PHE D 236 -12.51 -32.84 -30.62
CA PHE D 236 -13.42 -31.74 -30.28
C PHE D 236 -14.82 -32.32 -30.26
N LEU D 237 -15.34 -32.57 -29.06
CA LEU D 237 -16.65 -33.23 -28.87
C LEU D 237 -17.72 -32.19 -29.12
N PRO D 238 -18.83 -32.55 -29.77
CA PRO D 238 -19.91 -31.61 -30.01
C PRO D 238 -20.76 -31.37 -28.75
N ALA D 239 -20.62 -30.20 -28.12
CA ALA D 239 -21.26 -29.82 -26.83
C ALA D 239 -22.78 -29.82 -26.96
N ASP D 240 -23.28 -29.39 -28.13
CA ASP D 240 -24.71 -29.10 -28.41
C ASP D 240 -25.45 -30.42 -28.68
N GLU D 241 -24.75 -31.42 -29.22
CA GLU D 241 -25.29 -32.74 -29.68
C GLU D 241 -24.67 -33.87 -28.85
N PRO D 242 -24.79 -33.88 -27.50
CA PRO D 242 -24.02 -34.81 -26.67
C PRO D 242 -24.44 -36.29 -26.67
N GLU D 243 -25.28 -36.70 -27.61
CA GLU D 243 -25.61 -38.12 -27.85
C GLU D 243 -24.53 -38.72 -28.75
N LEU D 244 -23.88 -37.87 -29.57
CA LEU D 244 -22.77 -38.23 -30.50
C LEU D 244 -21.44 -38.40 -29.75
N ILE D 245 -21.27 -37.85 -28.55
CA ILE D 245 -19.97 -37.87 -27.79
C ILE D 245 -19.59 -39.31 -27.46
N GLY D 246 -20.54 -40.08 -26.93
CA GLY D 246 -20.38 -41.49 -26.57
C GLY D 246 -19.67 -42.27 -27.65
N LYS D 247 -20.18 -42.15 -28.87
CA LYS D 247 -19.75 -43.00 -30.01
C LYS D 247 -18.41 -42.45 -30.53
N ILE D 248 -18.21 -41.14 -30.49
CA ILE D 248 -16.90 -40.54 -30.91
C ILE D 248 -15.78 -41.03 -29.97
N VAL D 249 -16.03 -41.11 -28.67
CA VAL D 249 -14.98 -41.55 -27.70
C VAL D 249 -14.78 -43.05 -27.86
N GLU D 250 -15.89 -43.77 -28.04
CA GLU D 250 -15.90 -45.23 -28.33
C GLU D 250 -15.05 -45.57 -29.57
N ASP D 251 -15.11 -44.80 -30.67
CA ASP D 251 -14.22 -45.01 -31.87
C ASP D 251 -12.74 -44.88 -31.49
N GLU D 252 -12.40 -44.15 -30.43
CA GLU D 252 -10.97 -43.97 -30.01
C GLU D 252 -10.51 -45.09 -29.07
N ARG D 253 -11.37 -46.05 -28.73
CA ARG D 253 -10.96 -47.23 -27.92
C ARG D 253 -9.81 -47.91 -28.67
N ARG D 254 -8.78 -48.33 -27.94
CA ARG D 254 -7.67 -49.14 -28.50
C ARG D 254 -7.37 -50.26 -27.50
N SER D 255 -6.84 -51.35 -28.03
CA SER D 255 -6.63 -52.65 -27.35
C SER D 255 -5.14 -52.95 -27.28
N VAL D 256 -4.72 -53.54 -26.18
CA VAL D 256 -3.52 -54.41 -26.11
C VAL D 256 -4.00 -55.87 -26.08
N LEU D 257 -3.06 -56.79 -26.33
CA LEU D 257 -3.35 -58.24 -26.37
C LEU D 257 -2.78 -58.85 -25.09
N THR D 258 -3.45 -59.87 -24.58
CA THR D 258 -2.90 -60.77 -23.53
C THR D 258 -3.37 -62.22 -23.78
N LEU D 259 -2.84 -63.14 -22.99
CA LEU D 259 -3.36 -64.54 -22.89
C LEU D 259 -4.26 -64.69 -21.66
N SER D 260 -5.49 -65.17 -21.88
CA SER D 260 -6.53 -65.44 -20.85
C SER D 260 -6.64 -66.95 -20.57
N LEU D 261 -6.26 -67.39 -19.36
CA LEU D 261 -6.36 -68.81 -18.89
C LEU D 261 -7.70 -69.01 -18.19
N ASP D 262 -8.64 -69.78 -18.78
CA ASP D 262 -9.88 -70.25 -18.12
C ASP D 262 -9.90 -71.79 -18.06
N LYS D 263 -9.51 -72.36 -16.90
CA LYS D 263 -9.37 -73.81 -16.64
C LYS D 263 -8.33 -74.41 -17.59
N ASP D 264 -8.74 -74.94 -18.75
CA ASP D 264 -7.88 -75.76 -19.65
C ASP D 264 -7.80 -75.18 -21.07
N THR D 265 -8.45 -74.04 -21.33
CA THR D 265 -8.40 -73.32 -22.63
C THR D 265 -7.67 -71.99 -22.42
N VAL D 266 -6.64 -71.72 -23.22
CA VAL D 266 -5.97 -70.38 -23.29
C VAL D 266 -6.42 -69.70 -24.58
N ARG D 267 -6.81 -68.42 -24.47
CA ARG D 267 -7.19 -67.55 -25.62
C ARG D 267 -6.31 -66.28 -25.64
N VAL D 268 -5.94 -65.85 -26.84
CA VAL D 268 -5.52 -64.45 -27.14
C VAL D 268 -6.77 -63.58 -27.00
N VAL D 269 -6.72 -62.53 -26.19
CA VAL D 269 -7.85 -61.56 -26.01
C VAL D 269 -7.33 -60.11 -26.07
N GLU D 270 -8.20 -59.22 -26.49
CA GLU D 270 -8.07 -57.76 -26.41
C GLU D 270 -8.38 -57.28 -24.98
N ARG D 271 -7.55 -56.42 -24.37
CA ARG D 271 -8.00 -55.60 -23.22
C ARG D 271 -7.76 -54.09 -23.46
N ASP D 272 -8.44 -53.25 -22.68
CA ASP D 272 -8.55 -51.80 -22.95
C ASP D 272 -7.18 -51.14 -22.65
N PHE D 273 -6.74 -50.26 -23.55
CA PHE D 273 -5.50 -49.46 -23.40
C PHE D 273 -5.90 -48.01 -23.12
N PRO D 274 -5.26 -47.35 -22.12
CA PRO D 274 -5.54 -45.95 -21.81
C PRO D 274 -4.95 -45.01 -22.89
N VAL D 275 -5.80 -44.53 -23.82
CA VAL D 275 -5.39 -43.63 -24.94
C VAL D 275 -5.57 -42.17 -24.51
N VAL D 276 -6.65 -41.86 -23.79
CA VAL D 276 -7.04 -40.45 -23.45
C VAL D 276 -6.26 -40.00 -22.21
N ALA D 277 -5.36 -39.01 -22.34
CA ALA D 277 -4.60 -38.40 -21.21
C ALA D 277 -5.53 -37.59 -20.30
N ALA D 278 -6.44 -36.79 -20.86
CA ALA D 278 -7.30 -35.87 -20.08
C ALA D 278 -8.47 -35.36 -20.91
N ILE D 279 -9.55 -35.01 -20.23
CA ILE D 279 -10.69 -34.23 -20.79
C ILE D 279 -10.55 -32.80 -20.29
N PHE D 280 -10.57 -31.79 -21.17
CA PHE D 280 -10.61 -30.36 -20.77
C PHE D 280 -12.00 -29.77 -21.00
N VAL D 281 -12.41 -28.84 -20.13
CA VAL D 281 -13.70 -28.11 -20.23
C VAL D 281 -13.54 -26.71 -19.61
N GLU D 282 -14.08 -25.71 -20.32
CA GLU D 282 -14.34 -24.35 -19.79
C GLU D 282 -15.77 -24.29 -19.30
N PRO D 283 -16.03 -23.87 -18.05
CA PRO D 283 -17.41 -23.73 -17.57
C PRO D 283 -18.26 -22.80 -18.43
N VAL D 284 -17.64 -21.73 -18.92
CA VAL D 284 -18.25 -20.76 -19.86
C VAL D 284 -17.28 -20.70 -21.02
N ARG D 285 -17.79 -20.96 -22.22
CA ARG D 285 -16.94 -21.40 -23.36
C ARG D 285 -16.53 -20.16 -24.16
N GLY D 286 -15.38 -19.59 -23.80
CA GLY D 286 -14.82 -18.35 -24.40
C GLY D 286 -14.78 -18.37 -25.91
N GLY D 287 -14.15 -19.40 -26.49
CA GLY D 287 -14.00 -19.55 -27.96
C GLY D 287 -15.31 -19.89 -28.65
N SER D 288 -16.39 -20.10 -27.89
CA SER D 288 -17.75 -20.47 -28.39
C SER D 288 -18.73 -19.30 -28.26
N GLY D 289 -18.28 -18.12 -27.83
CA GLY D 289 -19.16 -16.95 -27.61
C GLY D 289 -19.80 -16.96 -26.24
N MET D 290 -19.09 -17.46 -25.22
CA MET D 290 -19.49 -17.39 -23.78
C MET D 290 -20.69 -18.30 -23.47
N LYS D 291 -20.82 -19.43 -24.15
CA LYS D 291 -21.91 -20.40 -23.85
C LYS D 291 -21.57 -21.15 -22.56
N THR D 292 -22.52 -21.18 -21.62
CA THR D 292 -22.35 -21.96 -20.36
C THR D 292 -22.55 -23.44 -20.67
N VAL D 293 -21.70 -24.31 -20.11
CA VAL D 293 -21.88 -25.78 -20.04
C VAL D 293 -23.24 -26.07 -19.37
N THR D 294 -24.14 -26.76 -20.07
CA THR D 294 -25.49 -27.20 -19.62
C THR D 294 -25.32 -28.35 -18.61
N PRO D 295 -26.30 -28.64 -17.72
CA PRO D 295 -26.18 -29.81 -16.84
C PRO D 295 -26.00 -31.17 -17.59
N GLU D 296 -26.67 -31.36 -18.71
CA GLU D 296 -26.60 -32.53 -19.62
C GLU D 296 -25.16 -32.73 -20.11
N LEU D 297 -24.48 -31.66 -20.52
CA LEU D 297 -23.09 -31.78 -20.99
C LEU D 297 -22.15 -32.13 -19.82
N ALA D 298 -22.35 -31.49 -18.67
CA ALA D 298 -21.59 -31.78 -17.43
C ALA D 298 -21.71 -33.27 -17.14
N GLU D 299 -22.93 -33.81 -17.16
CA GLU D 299 -23.17 -35.23 -16.79
C GLU D 299 -22.45 -36.11 -17.82
N GLU D 300 -22.40 -35.70 -19.09
CA GLU D 300 -21.68 -36.51 -20.11
C GLU D 300 -20.16 -36.51 -19.85
N LEU D 301 -19.58 -35.38 -19.44
CA LEU D 301 -18.12 -35.28 -19.15
C LEU D 301 -17.79 -36.07 -17.87
N HIS D 302 -18.65 -36.03 -16.87
CA HIS D 302 -18.56 -36.89 -15.65
C HIS D 302 -18.53 -38.36 -16.06
N ARG D 303 -19.46 -38.80 -16.90
CA ARG D 303 -19.54 -40.22 -17.37
C ARG D 303 -18.20 -40.59 -18.02
N LEU D 304 -17.70 -39.77 -18.94
CA LEU D 304 -16.45 -40.04 -19.68
C LEU D 304 -15.25 -40.17 -18.72
N ARG D 305 -15.16 -39.27 -17.73
CA ARG D 305 -14.07 -39.27 -16.71
C ARG D 305 -14.17 -40.56 -15.88
N ASP D 306 -15.36 -40.91 -15.39
CA ASP D 306 -15.60 -42.18 -14.63
C ASP D 306 -15.28 -43.39 -15.52
N THR D 307 -15.63 -43.34 -16.81
CA THR D 307 -15.43 -44.48 -17.74
C THR D 307 -13.94 -44.67 -18.10
N LEU D 308 -13.20 -43.61 -18.47
CA LEU D 308 -11.83 -43.70 -19.06
C LEU D 308 -10.78 -43.71 -17.95
N GLY D 309 -11.11 -43.09 -16.80
CA GLY D 309 -10.20 -43.05 -15.65
C GLY D 309 -9.09 -42.02 -15.79
N CYS D 310 -9.19 -41.17 -16.82
CA CYS D 310 -8.32 -39.96 -17.01
C CYS D 310 -8.96 -38.80 -16.25
N PRO D 311 -8.20 -37.79 -15.80
CA PRO D 311 -8.80 -36.65 -15.09
C PRO D 311 -9.59 -35.74 -16.02
N LEU D 312 -10.64 -35.13 -15.45
CA LEU D 312 -11.39 -34.01 -16.06
C LEU D 312 -10.75 -32.70 -15.58
N VAL D 313 -10.16 -31.93 -16.49
CA VAL D 313 -9.46 -30.68 -16.16
C VAL D 313 -10.42 -29.53 -16.45
N VAL D 314 -10.74 -28.74 -15.42
CA VAL D 314 -11.61 -27.53 -15.55
C VAL D 314 -10.73 -26.28 -15.69
N ASP D 315 -10.73 -25.71 -16.89
CA ASP D 315 -10.00 -24.48 -17.25
C ASP D 315 -10.87 -23.30 -16.79
N GLU D 316 -10.51 -22.70 -15.65
CA GLU D 316 -11.16 -21.48 -15.10
C GLU D 316 -10.19 -20.30 -15.23
N VAL D 317 -9.28 -20.38 -16.20
CA VAL D 317 -8.39 -19.25 -16.57
C VAL D 317 -9.24 -17.98 -16.74
N GLN D 318 -10.39 -18.05 -17.41
CA GLN D 318 -11.26 -16.86 -17.64
C GLN D 318 -12.45 -16.80 -16.68
N THR D 319 -13.06 -17.93 -16.33
CA THR D 319 -14.29 -17.98 -15.51
C THR D 319 -14.02 -17.90 -14.00
N GLY D 320 -12.76 -18.08 -13.55
CA GLY D 320 -12.35 -18.02 -12.14
C GLY D 320 -12.24 -16.62 -11.53
N ILE D 321 -11.99 -16.60 -10.22
CA ILE D 321 -11.84 -15.37 -9.39
C ILE D 321 -13.07 -14.47 -9.61
N GLY D 322 -14.28 -15.06 -9.67
CA GLY D 322 -15.53 -14.35 -9.35
C GLY D 322 -16.29 -13.85 -10.56
N ARG D 323 -15.69 -13.95 -11.74
CA ARG D 323 -16.30 -13.49 -13.00
C ARG D 323 -17.77 -13.93 -13.12
N THR D 324 -18.10 -15.17 -12.71
CA THR D 324 -19.42 -15.78 -13.02
C THR D 324 -20.42 -15.49 -11.90
N GLY D 325 -19.99 -14.93 -10.76
CA GLY D 325 -20.86 -14.68 -9.62
C GLY D 325 -20.60 -15.67 -8.50
N ALA D 326 -19.68 -16.60 -8.72
CA ALA D 326 -19.04 -17.45 -7.67
C ALA D 326 -17.53 -17.39 -7.93
N PHE D 327 -16.70 -17.85 -7.02
CA PHE D 327 -15.24 -17.89 -7.26
C PHE D 327 -14.97 -18.79 -8.44
N PHE D 328 -15.47 -20.03 -8.35
CA PHE D 328 -15.38 -21.07 -9.41
C PHE D 328 -16.73 -21.16 -10.16
N GLY D 329 -16.67 -20.96 -11.46
CA GLY D 329 -17.82 -21.20 -12.36
C GLY D 329 -18.20 -22.67 -12.43
N SER D 330 -17.23 -23.56 -12.30
CA SER D 330 -17.42 -25.04 -12.14
C SER D 330 -18.34 -25.34 -10.93
N ALA D 331 -18.21 -24.61 -9.81
CA ALA D 331 -19.03 -24.81 -8.61
C ALA D 331 -20.47 -24.37 -8.91
N LEU D 332 -20.60 -23.22 -9.57
CA LEU D 332 -21.91 -22.62 -9.95
C LEU D 332 -22.65 -23.59 -10.89
N LEU D 333 -21.99 -24.18 -11.89
CA LEU D 333 -22.65 -25.02 -12.93
C LEU D 333 -22.56 -26.53 -12.61
N GLY D 334 -22.07 -26.95 -11.43
CA GLY D 334 -21.95 -28.37 -11.04
C GLY D 334 -21.01 -29.18 -11.94
N ILE D 335 -19.86 -28.64 -12.35
CA ILE D 335 -18.79 -29.43 -13.04
C ILE D 335 -17.77 -29.90 -11.99
N ARG D 336 -17.65 -31.21 -11.83
CA ARG D 336 -16.91 -31.88 -10.73
C ARG D 336 -15.58 -32.33 -11.33
N GLY D 337 -14.59 -31.42 -11.33
CA GLY D 337 -13.28 -31.65 -11.94
C GLY D 337 -12.33 -32.36 -10.99
N ASP D 338 -11.27 -32.91 -11.54
CA ASP D 338 -10.11 -33.51 -10.84
C ASP D 338 -9.00 -32.47 -10.68
N TYR D 339 -8.76 -31.68 -11.74
CA TYR D 339 -7.75 -30.60 -11.82
C TYR D 339 -8.48 -29.33 -12.20
N TYR D 340 -8.00 -28.20 -11.72
CA TYR D 340 -8.52 -26.86 -12.05
C TYR D 340 -7.36 -25.93 -12.43
N THR D 341 -7.56 -24.98 -13.34
CA THR D 341 -6.56 -23.95 -13.66
C THR D 341 -7.16 -22.56 -13.50
N LEU D 342 -6.35 -21.64 -12.98
CA LEU D 342 -6.71 -20.21 -12.80
C LEU D 342 -5.56 -19.35 -13.35
N ALA D 343 -5.87 -18.16 -13.85
CA ALA D 343 -4.84 -17.21 -14.34
C ALA D 343 -5.36 -15.76 -14.34
N LYS D 344 -6.13 -15.33 -15.31
CA LYS D 344 -6.36 -13.90 -15.65
C LYS D 344 -6.41 -12.96 -14.42
N ALA D 345 -7.48 -12.97 -13.61
CA ALA D 345 -7.68 -11.93 -12.55
C ALA D 345 -6.66 -12.04 -11.40
N ILE D 346 -5.94 -13.15 -11.28
CA ILE D 346 -5.08 -13.44 -10.08
C ILE D 346 -3.83 -12.57 -10.06
N GLY D 347 -3.43 -11.99 -11.20
CA GLY D 347 -2.32 -11.03 -11.27
C GLY D 347 -2.74 -9.61 -10.92
N GLY D 348 -3.99 -9.38 -10.51
CA GLY D 348 -4.50 -8.08 -10.06
C GLY D 348 -4.55 -7.05 -11.19
N GLY D 349 -4.47 -7.50 -12.43
CA GLY D 349 -4.39 -6.61 -13.61
C GLY D 349 -3.00 -6.01 -13.78
N ILE D 350 -2.00 -6.42 -12.97
CA ILE D 350 -0.65 -5.79 -13.08
C ILE D 350 0.45 -6.83 -13.30
N VAL D 351 0.37 -8.04 -12.75
CA VAL D 351 1.47 -9.03 -12.91
C VAL D 351 0.91 -10.33 -13.52
N LYS D 352 1.80 -11.29 -13.74
CA LYS D 352 1.49 -12.56 -14.46
C LYS D 352 1.67 -13.73 -13.50
N ASN D 353 0.66 -14.55 -13.39
CA ASN D 353 0.60 -15.68 -12.43
C ASN D 353 -0.50 -16.64 -12.85
N SER D 354 -0.33 -17.92 -12.56
CA SER D 354 -1.33 -18.97 -12.85
C SER D 354 -1.10 -20.16 -11.92
N VAL D 355 -2.10 -21.03 -11.81
CA VAL D 355 -2.03 -22.13 -10.83
C VAL D 355 -2.85 -23.27 -11.41
N ALA D 356 -2.30 -24.47 -11.22
CA ALA D 356 -2.96 -25.75 -11.46
C ALA D 356 -3.26 -26.30 -10.07
N LEU D 357 -4.52 -26.62 -9.81
CA LEU D 357 -4.96 -27.37 -8.62
C LEU D 357 -5.22 -28.82 -9.03
N ILE D 358 -4.50 -29.77 -8.44
CA ILE D 358 -4.61 -31.23 -8.75
C ILE D 358 -5.05 -31.98 -7.50
N ARG D 359 -6.10 -32.79 -7.58
CA ARG D 359 -6.68 -33.41 -6.35
C ARG D 359 -5.56 -34.25 -5.73
N GLN D 360 -5.35 -34.09 -4.42
CA GLN D 360 -4.22 -34.70 -3.70
C GLN D 360 -4.27 -36.23 -3.79
N ASP D 361 -5.44 -36.86 -3.84
CA ASP D 361 -5.50 -38.34 -3.92
C ASP D 361 -5.12 -38.80 -5.34
N ARG D 362 -4.93 -37.92 -6.32
CA ARG D 362 -4.40 -38.30 -7.66
C ARG D 362 -2.94 -37.80 -7.84
N PHE D 363 -2.48 -36.88 -7.00
CA PHE D 363 -1.26 -36.09 -7.24
C PHE D 363 -0.01 -36.95 -7.07
N LEU D 364 0.85 -36.98 -8.10
CA LEU D 364 2.09 -37.79 -8.14
C LEU D 364 3.24 -36.91 -7.69
N PRO D 365 3.84 -37.21 -6.51
CA PRO D 365 4.78 -36.30 -5.88
C PRO D 365 6.01 -36.00 -6.74
N ALA D 366 6.36 -36.85 -7.70
CA ALA D 366 7.46 -36.60 -8.65
C ALA D 366 7.23 -35.24 -9.36
N MET D 367 5.96 -34.90 -9.63
CA MET D 367 5.61 -33.62 -10.30
C MET D 367 6.21 -32.43 -9.55
N GLU D 368 6.34 -32.49 -8.22
CA GLU D 368 6.80 -31.34 -7.39
C GLU D 368 8.29 -31.08 -7.63
N VAL D 369 9.04 -32.10 -8.07
CA VAL D 369 10.52 -32.00 -8.23
C VAL D 369 10.94 -32.09 -9.70
N ILE D 370 10.15 -32.69 -10.61
CA ILE D 370 10.56 -32.80 -12.04
C ILE D 370 9.95 -31.65 -12.86
N HIS D 371 8.90 -30.98 -12.38
CA HIS D 371 8.37 -29.76 -13.01
C HIS D 371 8.95 -28.51 -12.30
N SER D 372 9.29 -27.48 -13.06
CA SER D 372 9.74 -26.16 -12.55
C SER D 372 9.72 -25.13 -13.70
N SER D 373 9.99 -23.88 -13.37
CA SER D 373 9.93 -22.66 -14.21
C SER D 373 10.71 -21.60 -13.43
N THR D 374 11.53 -20.77 -14.07
CA THR D 374 12.31 -19.71 -13.42
C THR D 374 11.39 -18.79 -12.63
N PHE D 375 10.33 -18.30 -13.28
CA PHE D 375 9.52 -17.16 -12.82
C PHE D 375 8.33 -17.61 -11.97
N ALA D 376 7.98 -18.88 -11.98
CA ALA D 376 6.78 -19.38 -11.24
C ALA D 376 7.01 -19.28 -9.73
N LYS D 377 5.95 -18.93 -9.00
CA LYS D 377 5.99 -18.89 -7.52
C LYS D 377 6.87 -17.72 -7.07
N ASP D 378 7.14 -16.73 -7.93
CA ASP D 378 7.91 -15.52 -7.60
C ASP D 378 7.19 -14.78 -6.46
N GLY D 379 7.95 -14.07 -5.63
CA GLY D 379 7.43 -13.40 -4.43
C GLY D 379 6.43 -12.31 -4.75
N LEU D 380 6.62 -11.56 -5.83
CA LEU D 380 5.77 -10.38 -6.14
C LEU D 380 4.38 -10.87 -6.57
N SER D 381 4.27 -11.78 -7.55
CA SER D 381 2.93 -12.25 -7.98
C SER D 381 2.28 -13.08 -6.85
N ALA D 382 3.05 -13.74 -6.00
CA ALA D 382 2.55 -14.48 -4.80
C ALA D 382 1.84 -13.51 -3.83
N SER D 383 2.47 -12.37 -3.49
CA SER D 383 1.92 -11.31 -2.62
C SER D 383 0.62 -10.77 -3.21
N ILE D 384 0.65 -10.44 -4.51
CA ILE D 384 -0.50 -9.84 -5.23
C ILE D 384 -1.64 -10.87 -5.31
N ALA D 385 -1.33 -12.13 -5.54
CA ALA D 385 -2.33 -13.23 -5.47
C ALA D 385 -3.07 -13.18 -4.13
N LEU D 386 -2.32 -13.12 -3.02
CA LEU D 386 -2.95 -13.16 -1.66
C LEU D 386 -3.83 -11.94 -1.50
N LYS D 387 -3.44 -10.81 -2.10
CA LYS D 387 -4.23 -9.55 -2.01
C LYS D 387 -5.53 -9.74 -2.81
N VAL D 388 -5.42 -10.22 -4.04
CA VAL D 388 -6.59 -10.41 -4.94
C VAL D 388 -7.60 -11.35 -4.23
N LEU D 389 -7.12 -12.42 -3.58
CA LEU D 389 -7.98 -13.42 -2.89
C LEU D 389 -8.63 -12.77 -1.66
N GLU D 390 -7.90 -11.95 -0.93
CA GLU D 390 -8.50 -11.17 0.18
C GLU D 390 -9.64 -10.31 -0.37
N MET D 391 -9.42 -9.58 -1.46
CA MET D 391 -10.41 -8.61 -2.01
C MET D 391 -11.68 -9.34 -2.43
N VAL D 392 -11.55 -10.46 -3.12
CA VAL D 392 -12.71 -11.15 -3.73
C VAL D 392 -13.51 -11.87 -2.64
N GLU D 393 -12.87 -12.27 -1.54
CA GLU D 393 -13.49 -12.95 -0.37
C GLU D 393 -14.02 -11.97 0.69
N ALA D 394 -13.73 -10.67 0.60
CA ALA D 394 -14.05 -9.68 1.66
C ALA D 394 -15.54 -9.62 1.93
N ASP D 395 -15.90 -9.29 3.18
CA ASP D 395 -17.27 -8.87 3.63
C ASP D 395 -18.22 -10.04 3.39
N GLY D 396 -17.84 -11.26 3.82
CA GLY D 396 -18.67 -12.47 3.76
C GLY D 396 -19.26 -12.73 2.38
N GLY D 397 -18.46 -12.47 1.33
CA GLY D 397 -18.80 -12.81 -0.06
C GLY D 397 -19.69 -11.77 -0.75
N ARG D 398 -19.63 -10.51 -0.37
CA ARG D 398 -20.49 -9.45 -0.96
C ARG D 398 -19.96 -9.12 -2.36
N VAL D 399 -18.70 -9.40 -2.64
CA VAL D 399 -18.11 -9.06 -3.96
C VAL D 399 -18.77 -9.96 -5.00
N TYR D 400 -19.02 -11.24 -4.70
CA TYR D 400 -19.71 -12.17 -5.63
C TYR D 400 -21.11 -11.66 -5.88
N GLN D 401 -21.79 -11.19 -4.83
CA GLN D 401 -23.16 -10.60 -4.90
C GLN D 401 -23.11 -9.37 -5.81
N ARG D 402 -22.06 -8.57 -5.74
CA ARG D 402 -21.94 -7.37 -6.58
C ARG D 402 -21.77 -7.79 -8.04
N VAL D 403 -20.95 -8.80 -8.33
CA VAL D 403 -20.80 -9.36 -9.71
C VAL D 403 -22.18 -9.84 -10.24
N ARG D 404 -22.88 -10.66 -9.46
CA ARG D 404 -24.21 -11.21 -9.84
C ARG D 404 -25.16 -10.05 -10.13
N GLU D 405 -25.19 -9.00 -9.27
CA GLU D 405 -26.13 -7.86 -9.39
C GLU D 405 -25.72 -7.02 -10.61
N ARG D 406 -24.42 -6.73 -10.79
CA ARG D 406 -23.90 -6.03 -11.99
C ARG D 406 -24.16 -6.88 -13.26
N GLY D 407 -23.92 -8.19 -13.21
CA GLY D 407 -24.18 -9.13 -14.33
C GLY D 407 -25.64 -9.12 -14.79
N GLN D 408 -26.58 -9.18 -13.85
CA GLN D 408 -28.05 -9.13 -14.09
C GLN D 408 -28.36 -7.84 -14.84
N ARG D 409 -27.87 -6.72 -14.34
CA ARG D 409 -28.14 -5.38 -14.92
C ARG D 409 -27.63 -5.37 -16.36
N LEU D 410 -26.42 -5.88 -16.61
CA LEU D 410 -25.75 -5.83 -17.95
C LEU D 410 -26.46 -6.83 -18.88
N GLU D 411 -26.72 -8.05 -18.42
CA GLU D 411 -27.46 -9.08 -19.20
C GLU D 411 -28.85 -8.53 -19.60
N ALA D 412 -29.62 -7.97 -18.67
CA ALA D 412 -30.97 -7.39 -18.93
C ALA D 412 -30.87 -6.32 -20.02
N MET D 413 -29.84 -5.48 -19.98
CA MET D 413 -29.64 -4.43 -20.98
C MET D 413 -29.39 -5.11 -22.33
N LEU D 414 -28.56 -6.16 -22.36
CA LEU D 414 -28.18 -6.78 -23.66
C LEU D 414 -29.42 -7.49 -24.25
N GLU D 415 -30.24 -8.06 -23.39
CA GLU D 415 -31.53 -8.74 -23.72
C GLU D 415 -32.52 -7.70 -24.25
N SER D 416 -32.61 -6.54 -23.61
CA SER D 416 -33.50 -5.43 -24.05
C SER D 416 -33.06 -4.96 -25.44
N VAL D 417 -31.76 -5.01 -25.74
CA VAL D 417 -31.24 -4.61 -27.08
C VAL D 417 -31.54 -5.71 -28.08
N ARG D 418 -31.33 -6.98 -27.73
CA ARG D 418 -31.62 -8.12 -28.62
C ARG D 418 -33.08 -8.06 -29.08
N ALA D 419 -34.00 -7.88 -28.12
CA ALA D 419 -35.47 -7.88 -28.32
C ALA D 419 -35.87 -6.88 -29.41
N ASP D 420 -35.20 -5.72 -29.50
CA ASP D 420 -35.50 -4.62 -30.47
C ASP D 420 -34.57 -4.73 -31.69
N HIS D 421 -33.61 -5.66 -31.71
CA HIS D 421 -32.59 -5.77 -32.78
C HIS D 421 -32.32 -7.23 -33.16
N SER D 422 -33.36 -8.08 -33.04
CA SER D 422 -33.33 -9.53 -33.32
C SER D 422 -33.04 -9.82 -34.79
N ASP D 423 -33.13 -8.82 -35.67
CA ASP D 423 -32.79 -8.98 -37.11
C ASP D 423 -31.28 -9.12 -37.30
N VAL D 424 -30.46 -8.61 -36.38
CA VAL D 424 -28.97 -8.70 -36.50
C VAL D 424 -28.33 -9.33 -35.26
N VAL D 425 -29.07 -9.46 -34.15
CA VAL D 425 -28.62 -10.12 -32.88
C VAL D 425 -29.45 -11.41 -32.68
N SER D 426 -28.78 -12.57 -32.66
CA SER D 426 -29.42 -13.90 -32.57
C SER D 426 -29.51 -14.39 -31.11
N ALA D 427 -28.69 -13.92 -30.17
CA ALA D 427 -28.71 -14.40 -28.76
C ALA D 427 -27.78 -13.58 -27.82
N VAL D 428 -28.07 -13.67 -26.51
CA VAL D 428 -27.19 -13.31 -25.37
C VAL D 428 -26.76 -14.60 -24.67
N TRP D 429 -25.46 -14.77 -24.46
CA TRP D 429 -24.83 -15.95 -23.83
C TRP D 429 -24.01 -15.48 -22.61
N GLY D 430 -23.83 -16.38 -21.64
CA GLY D 430 -22.86 -16.21 -20.55
C GLY D 430 -23.56 -16.05 -19.21
N THR D 431 -22.81 -15.68 -18.18
CA THR D 431 -23.35 -15.58 -16.83
C THR D 431 -22.45 -14.62 -16.06
N GLY D 432 -22.95 -14.06 -14.96
CA GLY D 432 -22.22 -13.05 -14.18
C GLY D 432 -21.78 -11.90 -15.06
N LEU D 433 -20.49 -11.59 -15.07
CA LEU D 433 -19.98 -10.48 -15.91
C LEU D 433 -19.16 -11.04 -17.06
N MET D 434 -19.55 -12.20 -17.56
CA MET D 434 -18.90 -12.86 -18.72
C MET D 434 -19.99 -13.13 -19.75
N LEU D 435 -20.33 -12.13 -20.54
CA LEU D 435 -21.50 -12.09 -21.43
C LEU D 435 -21.05 -11.81 -22.87
N ALA D 436 -21.91 -12.12 -23.84
CA ALA D 436 -21.65 -11.84 -25.28
C ALA D 436 -22.97 -11.73 -26.03
N LEU D 437 -23.01 -10.89 -27.07
CA LEU D 437 -24.11 -10.87 -28.08
C LEU D 437 -23.66 -11.75 -29.23
N GLU D 438 -24.53 -12.63 -29.72
CA GLU D 438 -24.27 -13.39 -30.97
C GLU D 438 -24.80 -12.56 -32.14
N LEU D 439 -23.96 -12.27 -33.13
CA LEU D 439 -24.35 -11.58 -34.38
C LEU D 439 -24.87 -12.60 -35.40
N ARG D 440 -26.02 -12.29 -36.01
CA ARG D 440 -26.53 -13.02 -37.21
C ARG D 440 -25.49 -12.88 -38.32
N ASP D 441 -25.37 -13.93 -39.11
CA ASP D 441 -24.51 -14.00 -40.31
C ASP D 441 -24.85 -12.81 -41.20
N GLN D 442 -23.83 -12.14 -41.71
CA GLN D 442 -23.98 -10.99 -42.63
C GLN D 442 -23.31 -11.35 -43.97
N SER D 443 -23.13 -12.62 -44.27
CA SER D 443 -22.50 -13.04 -45.54
C SER D 443 -23.41 -12.73 -46.75
N ASN D 444 -24.71 -12.53 -46.54
CA ASN D 444 -25.70 -12.18 -47.59
C ASN D 444 -26.09 -10.70 -47.54
N ALA D 445 -25.23 -9.85 -46.99
CA ALA D 445 -25.53 -8.44 -46.69
C ALA D 445 -25.63 -7.69 -48.02
N THR D 446 -26.64 -6.82 -48.12
CA THR D 446 -26.90 -5.91 -49.26
C THR D 446 -25.59 -5.17 -49.58
N SER D 447 -25.04 -4.46 -48.59
CA SER D 447 -23.80 -3.65 -48.68
C SER D 447 -22.63 -4.56 -49.00
N GLN D 448 -21.92 -4.24 -50.07
CA GLN D 448 -20.68 -4.93 -50.52
C GLN D 448 -19.69 -4.95 -49.35
N ALA D 449 -19.44 -3.78 -48.75
CA ALA D 449 -18.32 -3.57 -47.80
C ALA D 449 -18.55 -4.41 -46.55
N ILE D 450 -19.78 -4.39 -46.03
CA ILE D 450 -20.19 -5.24 -44.89
C ILE D 450 -20.02 -6.71 -45.27
N ARG D 451 -20.49 -7.09 -46.46
CA ARG D 451 -20.54 -8.50 -46.94
C ARG D 451 -19.11 -9.04 -47.06
N GLU D 452 -18.21 -8.26 -47.65
CA GLU D 452 -16.79 -8.64 -47.85
C GLU D 452 -16.17 -8.86 -46.47
N LYS D 453 -16.42 -7.96 -45.51
CA LYS D 453 -15.86 -8.08 -44.14
C LYS D 453 -16.45 -9.31 -43.44
N ALA D 454 -17.76 -9.57 -43.58
CA ALA D 454 -18.36 -10.80 -43.00
C ALA D 454 -17.67 -12.02 -43.60
N ALA D 455 -17.32 -11.97 -44.88
CA ALA D 455 -16.78 -13.12 -45.63
C ALA D 455 -15.38 -13.45 -45.11
N HIS D 456 -14.56 -12.44 -44.80
CA HIS D 456 -13.17 -12.62 -44.30
C HIS D 456 -13.16 -12.95 -42.80
N GLY D 457 -14.33 -12.99 -42.14
CA GLY D 457 -14.48 -13.29 -40.69
C GLY D 457 -14.21 -12.07 -39.79
N PHE D 458 -14.29 -10.87 -40.36
CA PHE D 458 -13.85 -9.59 -39.74
C PHE D 458 -15.03 -8.74 -39.24
N LEU D 459 -16.27 -9.24 -39.29
CA LEU D 459 -17.46 -8.39 -39.02
C LEU D 459 -17.40 -7.76 -37.61
N GLY D 460 -17.30 -8.61 -36.58
CA GLY D 460 -17.26 -8.18 -35.17
C GLY D 460 -16.19 -7.12 -34.94
N TYR D 461 -15.03 -7.25 -35.59
CA TYR D 461 -13.92 -6.29 -35.46
C TYR D 461 -14.37 -4.92 -36.00
N VAL D 462 -15.04 -4.91 -37.15
CA VAL D 462 -15.51 -3.68 -37.85
C VAL D 462 -16.54 -2.97 -36.97
N LEU D 463 -17.49 -3.73 -36.44
CA LEU D 463 -18.56 -3.21 -35.56
C LEU D 463 -17.92 -2.61 -34.31
N ALA D 464 -16.81 -3.19 -33.84
CA ALA D 464 -16.05 -2.73 -32.64
C ALA D 464 -15.42 -1.38 -32.96
N GLY D 465 -14.85 -1.22 -34.16
CA GLY D 465 -14.37 0.09 -34.65
C GLY D 465 -15.47 1.14 -34.58
N PHE D 466 -16.68 0.81 -35.05
CA PHE D 466 -17.82 1.76 -35.01
C PHE D 466 -18.01 2.20 -33.55
N LEU D 467 -18.12 1.25 -32.64
CA LEU D 467 -18.34 1.48 -31.21
C LEU D 467 -17.22 2.38 -30.64
N LEU D 468 -15.97 2.21 -31.09
CA LEU D 468 -14.83 3.03 -30.62
C LEU D 468 -14.97 4.48 -31.15
N ARG D 469 -15.08 4.67 -32.46
CA ARG D 469 -14.95 6.02 -33.08
C ARG D 469 -16.21 6.85 -32.84
N GLU D 470 -17.38 6.25 -32.62
CA GLU D 470 -18.68 6.97 -32.55
C GLU D 470 -19.22 7.04 -31.12
N HIS D 471 -18.86 6.12 -30.22
CA HIS D 471 -19.45 6.12 -28.87
C HIS D 471 -18.36 6.03 -27.81
N HIS D 472 -17.08 6.00 -28.22
CA HIS D 472 -15.94 5.91 -27.28
C HIS D 472 -16.14 4.70 -26.36
N ILE D 473 -16.48 3.54 -26.93
CA ILE D 473 -16.59 2.27 -26.16
C ILE D 473 -15.71 1.20 -26.82
N ARG D 474 -14.85 0.58 -26.00
CA ARG D 474 -13.94 -0.54 -26.37
C ARG D 474 -14.70 -1.85 -26.13
N VAL D 475 -15.08 -2.49 -27.23
CA VAL D 475 -15.55 -3.90 -27.29
C VAL D 475 -14.58 -4.66 -28.21
N LEU D 476 -14.28 -5.90 -27.88
CA LEU D 476 -13.55 -6.81 -28.79
C LEU D 476 -14.48 -7.99 -29.08
N PRO D 477 -14.38 -8.57 -30.29
CA PRO D 477 -15.20 -9.72 -30.64
C PRO D 477 -14.66 -10.98 -29.97
N ALA D 478 -15.50 -12.01 -29.90
CA ALA D 478 -15.09 -13.38 -29.53
C ALA D 478 -15.53 -14.34 -30.63
N GLY D 479 -15.06 -15.57 -30.49
CA GLY D 479 -15.56 -16.69 -31.31
C GLY D 479 -14.87 -16.68 -32.67
N PRO D 480 -15.05 -17.76 -33.45
CA PRO D 480 -14.11 -18.13 -34.51
C PRO D 480 -14.11 -17.22 -35.75
N ARG D 481 -15.24 -16.56 -36.06
CA ARG D 481 -15.35 -15.66 -37.23
C ARG D 481 -15.81 -14.29 -36.72
N SER D 482 -15.32 -13.92 -35.52
CA SER D 482 -15.64 -12.65 -34.85
C SER D 482 -17.15 -12.45 -34.92
N GLY D 483 -17.92 -13.53 -34.73
CA GLY D 483 -19.38 -13.53 -34.81
C GLY D 483 -20.06 -13.22 -33.48
N PHE D 484 -19.30 -12.82 -32.47
CA PHE D 484 -19.84 -12.46 -31.12
C PHE D 484 -19.14 -11.19 -30.64
N LEU D 485 -19.85 -10.38 -29.86
CA LEU D 485 -19.32 -9.18 -29.16
C LEU D 485 -19.23 -9.50 -27.67
N ARG D 486 -18.05 -9.29 -27.08
CA ARG D 486 -17.74 -9.65 -25.67
C ARG D 486 -18.10 -8.45 -24.77
N PHE D 487 -18.68 -8.73 -23.61
CA PHE D 487 -18.92 -7.74 -22.54
C PHE D 487 -18.43 -8.38 -21.26
N SER D 488 -17.17 -8.09 -20.88
CA SER D 488 -16.58 -8.58 -19.61
C SER D 488 -15.94 -7.41 -18.84
N PRO D 489 -16.72 -6.38 -18.44
CA PRO D 489 -16.20 -5.27 -17.67
C PRO D 489 -15.91 -5.63 -16.19
N SER D 490 -15.32 -4.72 -15.44
CA SER D 490 -15.12 -4.84 -13.97
C SER D 490 -16.44 -4.74 -13.22
N LEU D 491 -16.47 -5.21 -11.98
CA LEU D 491 -17.65 -5.16 -11.09
C LEU D 491 -17.98 -3.71 -10.68
N TYR D 492 -17.18 -2.69 -11.06
CA TYR D 492 -17.47 -1.27 -10.79
C TYR D 492 -18.22 -0.62 -11.97
N ILE D 493 -18.52 -1.37 -13.03
CA ILE D 493 -19.33 -0.81 -14.16
C ILE D 493 -20.57 -0.11 -13.54
N THR D 494 -20.78 1.17 -13.85
CA THR D 494 -21.91 1.97 -13.31
C THR D 494 -23.15 1.83 -14.19
N ASP D 495 -24.33 2.09 -13.62
CA ASP D 495 -25.61 2.22 -14.36
C ASP D 495 -25.44 3.17 -15.55
N GLU D 496 -24.73 4.28 -15.40
CA GLU D 496 -24.58 5.30 -16.49
C GLU D 496 -23.74 4.71 -17.64
N GLU D 497 -22.70 3.93 -17.32
CA GLU D 497 -21.84 3.26 -18.34
C GLU D 497 -22.67 2.19 -19.08
N ILE D 498 -23.55 1.49 -18.38
CA ILE D 498 -24.44 0.47 -19.01
C ILE D 498 -25.41 1.19 -19.95
N ASP D 499 -25.99 2.32 -19.54
CA ASP D 499 -26.88 3.15 -20.40
C ASP D 499 -26.12 3.65 -21.63
N ARG D 500 -24.89 4.14 -21.47
CA ARG D 500 -24.08 4.62 -22.63
C ARG D 500 -23.80 3.46 -23.61
N THR D 501 -23.58 2.24 -23.10
CA THR D 501 -23.34 1.02 -23.93
C THR D 501 -24.62 0.68 -24.70
N GLU D 502 -25.77 0.75 -24.03
CA GLU D 502 -27.10 0.52 -24.65
C GLU D 502 -27.25 1.46 -25.86
N THR D 503 -27.10 2.77 -25.64
CA THR D 503 -27.23 3.80 -26.70
C THR D 503 -26.28 3.47 -27.87
N ALA D 504 -25.04 3.12 -27.54
CA ALA D 504 -23.99 2.79 -28.55
C ALA D 504 -24.46 1.59 -29.38
N LEU D 505 -25.08 0.59 -28.73
CA LEU D 505 -25.45 -0.69 -29.38
C LEU D 505 -26.71 -0.48 -30.25
N ARG D 506 -27.73 0.23 -29.74
CA ARG D 506 -28.92 0.62 -30.56
C ARG D 506 -28.40 1.35 -31.80
N SER D 507 -27.48 2.30 -31.62
CA SER D 507 -26.89 3.07 -32.75
C SER D 507 -26.26 2.07 -33.74
N LEU D 508 -25.34 1.23 -33.26
CA LEU D 508 -24.61 0.22 -34.07
C LEU D 508 -25.60 -0.69 -34.81
N PHE D 509 -26.59 -1.26 -34.11
CA PHE D 509 -27.49 -2.28 -34.70
C PHE D 509 -28.54 -1.59 -35.60
N THR D 510 -28.81 -0.30 -35.44
CA THR D 510 -29.68 0.49 -36.37
C THR D 510 -28.90 0.73 -37.66
N ALA D 511 -27.65 1.16 -37.55
CA ALA D 511 -26.72 1.25 -38.71
C ALA D 511 -26.65 -0.10 -39.43
N LEU D 512 -26.63 -1.22 -38.72
CA LEU D 512 -26.46 -2.55 -39.36
C LEU D 512 -27.76 -2.92 -40.09
N ARG D 513 -28.91 -2.76 -39.45
CA ARG D 513 -30.25 -2.92 -40.08
C ARG D 513 -30.32 -2.13 -41.38
N ASP D 514 -29.81 -0.89 -41.41
CA ASP D 514 -29.87 0.06 -42.58
C ASP D 514 -28.80 -0.29 -43.63
N GLN D 515 -27.94 -1.27 -43.36
CA GLN D 515 -26.80 -1.68 -44.24
C GLN D 515 -25.93 -0.47 -44.62
N ASP D 516 -25.55 0.34 -43.64
CA ASP D 516 -24.82 1.62 -43.84
C ASP D 516 -23.31 1.34 -43.91
N GLY D 517 -22.87 0.69 -44.98
CA GLY D 517 -21.45 0.35 -45.26
C GLY D 517 -20.50 1.55 -45.18
N ASP D 518 -20.92 2.75 -45.56
CA ASP D 518 -20.03 3.94 -45.57
C ASP D 518 -19.69 4.33 -44.13
N ARG D 519 -20.63 4.12 -43.21
CA ARG D 519 -20.54 4.54 -41.80
C ARG D 519 -19.83 3.47 -40.95
N LEU D 520 -19.97 2.18 -41.32
CA LEU D 520 -19.49 1.01 -40.52
C LEU D 520 -18.08 0.62 -40.94
N VAL D 521 -17.80 0.62 -42.24
CA VAL D 521 -16.51 0.16 -42.83
C VAL D 521 -15.74 1.36 -43.38
N LEU D 522 -14.50 1.56 -42.91
CA LEU D 522 -13.62 2.72 -43.27
C LEU D 522 -13.26 2.69 -44.75
C01 EQJ E . -9.42 28.57 9.92
C02 EQJ E . -9.35 27.59 11.05
C04 EQJ E . -8.40 26.71 12.98
C05 EQJ E . -9.34 25.69 13.10
C06 EQJ E . -9.13 24.84 14.29
C12 EQJ E . -10.36 25.52 12.04
C13 EQJ E . -11.58 24.77 11.93
C15 EQJ E . -14.02 24.73 11.16
C16 EQJ E . -13.94 23.97 12.53
C17 EQJ E . -15.03 23.17 13.28
C18 EQJ E . -15.11 23.37 14.82
C20 EQJ E . -17.51 24.12 14.78
C23 EQJ E . -15.16 25.85 11.19
C26 EQJ E . -10.37 26.58 11.05
N03 EQJ E . -8.38 27.59 11.99
N14 EQJ E . -12.62 25.23 11.14
N19 EQJ E . -16.51 23.28 15.23
N21 EQJ E . -18.76 23.89 15.05
N22 EQJ E . -17.20 25.21 14.02
O07 EQJ E . -8.55 23.64 13.95
O09 EQJ E . -8.34 22.41 16.21
O10 EQJ E . -10.53 22.29 14.83
O11 EQJ E . -8.47 21.11 14.13
O24 EQJ E . -14.91 27.11 11.01
O25 EQJ E . -16.40 25.56 11.39
O27 EQJ E . -11.37 26.48 10.14
P08 EQJ E . -8.99 22.33 14.82
C1 GOL F . -19.05 4.41 12.22
O1 GOL F . -19.30 4.80 10.87
C2 GOL F . -20.30 3.90 12.92
O2 GOL F . -20.81 2.76 12.20
C3 GOL F . -21.37 4.98 13.10
O3 GOL F . -21.39 5.64 14.37
C1 GOL G . 6.98 18.84 16.99
O1 GOL G . 6.49 17.99 18.02
C2 GOL G . 7.91 18.16 16.00
O2 GOL G . 7.68 18.63 14.66
C3 GOL G . 9.38 18.37 16.35
O3 GOL G . 10.16 17.20 16.11
C1 GOL H . 11.47 6.38 8.36
O1 GOL H . 11.20 7.42 9.31
C2 GOL H . 10.32 5.43 8.13
O2 GOL H . 10.69 4.49 7.11
C3 GOL H . 9.89 4.66 9.38
O3 GOL H . 8.52 4.25 9.34
C1 GOL I . 0.49 -6.27 11.30
O1 GOL I . -0.18 -7.49 11.63
C2 GOL I . 1.87 -6.12 11.97
O2 GOL I . 1.76 -6.32 13.38
C3 GOL I . 2.54 -4.77 11.78
O3 GOL I . 2.20 -4.14 10.55
C01 EQJ J . 18.70 -21.47 -21.54
C02 EQJ J . 17.30 -21.49 -20.99
C04 EQJ J . 14.97 -21.69 -21.52
C05 EQJ J . 14.62 -21.60 -20.17
C06 EQJ J . 13.19 -21.64 -19.76
C12 EQJ J . 15.65 -21.37 -19.16
C13 EQJ J . 15.40 -21.38 -17.81
C15 EQJ J . 16.54 -22.01 -15.68
C16 EQJ J . 15.23 -22.68 -15.27
C17 EQJ J . 14.86 -22.65 -13.78
C18 EQJ J . 13.51 -23.35 -13.53
C20 EQJ J . 14.39 -25.55 -13.87
C23 EQJ J . 17.71 -22.91 -15.38
C26 EQJ J . 17.03 -21.38 -19.54
N03 EQJ J . 16.25 -21.66 -21.87
N14 EQJ J . 16.44 -21.76 -17.15
N19 EQJ J . 13.48 -24.63 -14.18
N21 EQJ J . 14.60 -26.47 -14.70
N22 EQJ J . 15.13 -25.52 -12.75
O07 EQJ J . 12.91 -20.37 -19.18
O09 EQJ J . 10.50 -21.09 -18.92
O10 EQJ J . 12.03 -21.03 -16.99
O11 EQJ J . 11.33 -18.75 -17.99
O24 EQJ J . 18.81 -22.57 -15.84
O25 EQJ J . 17.57 -23.98 -14.74
O27 EQJ J . 17.97 -21.24 -18.57
P08 EQJ J . 11.64 -20.27 -18.24
C1 GOL K . 2.36 -36.46 -31.13
O1 GOL K . 1.45 -36.42 -32.25
C2 GOL K . 3.72 -37.01 -31.50
O2 GOL K . 4.50 -36.02 -32.16
C3 GOL K . 4.50 -37.55 -30.31
O3 GOL K . 5.88 -37.71 -30.62
C01 EQJ L . 0.88 13.33 32.17
C02 EQJ L . 0.89 13.99 30.84
C04 EQJ L . 0.08 15.55 29.30
C05 EQJ L . 0.99 15.09 28.30
C06 EQJ L . 0.93 15.83 27.00
C12 EQJ L . 1.90 13.98 28.60
C13 EQJ L . 3.01 13.44 27.97
C15 EQJ L . 5.34 12.40 28.54
C16 EQJ L . 5.58 12.71 27.06
C17 EQJ L . 5.36 14.10 26.52
C18 EQJ L . 5.44 14.07 24.99
C20 EQJ L . 6.95 15.66 25.18
C23 EQJ L . 6.66 12.75 29.36
C26 EQJ L . 1.87 13.45 29.94
N03 EQJ L . 0.03 15.01 30.51
N14 EQJ L . 3.94 12.97 28.82
N19 EQJ L . 6.74 14.54 24.56
N21 EQJ L . 7.69 15.60 26.24
N22 EQJ L . 6.05 16.62 24.88
O07 EQJ L . 0.08 15.14 26.16
O09 EQJ L . 0.11 16.74 24.20
O10 EQJ L . 1.98 15.15 24.45
O11 EQJ L . -0.38 14.26 23.88
O24 EQJ L . 6.69 12.79 30.66
O25 EQJ L . 7.80 12.86 28.75
O27 EQJ L . 2.69 12.44 30.35
P08 EQJ L . 0.44 15.32 24.62
C1 GOL M . -3.92 37.45 30.68
O1 GOL M . -5.32 37.17 30.79
C2 GOL M . -3.08 36.28 31.14
O2 GOL M . -3.64 35.75 32.34
C3 GOL M . -1.61 36.61 31.33
O3 GOL M . -1.04 36.02 32.50
C01 EQJ N . -10.18 -20.34 -21.09
C02 EQJ N . -8.73 -20.00 -21.39
C04 EQJ N . -6.47 -20.41 -21.54
C05 EQJ N . -6.10 -19.11 -21.97
C06 EQJ N . -4.66 -18.91 -22.25
C12 EQJ N . -7.13 -18.07 -22.08
C13 EQJ N . -7.22 -16.75 -22.67
C15 EQJ N . -9.47 -15.68 -23.73
C16 EQJ N . -8.73 -14.48 -24.27
C17 EQJ N . -7.82 -14.83 -25.40
C18 EQJ N . -6.50 -14.24 -24.98
C20 EQJ N . -4.87 -14.26 -26.73
C23 EQJ N . -10.47 -16.18 -24.88
C26 EQJ N . -8.48 -18.63 -21.83
N03 EQJ N . -7.70 -20.83 -21.23
N14 EQJ N . -8.47 -16.57 -23.07
N19 EQJ N . -5.52 -14.90 -25.80
N21 EQJ N . -4.94 -13.01 -26.91
N22 EQJ N . -4.17 -15.06 -27.48
O07 EQJ N . -4.06 -18.23 -21.17
O09 EQJ N . -1.64 -18.18 -21.91
O10 EQJ N . -3.20 -16.36 -22.74
O11 EQJ N . -2.60 -16.47 -20.30
O24 EQJ N . -11.50 -16.92 -24.70
O25 EQJ N . -10.32 -15.76 -26.07
O27 EQJ N . -9.59 -17.83 -21.93
P08 EQJ N . -2.85 -17.28 -21.58
C ACT O . -2.80 -3.69 1.41
O ACT O . -3.09 -4.71 0.72
OXT ACT O . -2.14 -3.74 2.54
CH3 ACT O . -3.35 -2.35 0.85
#